data_6WR5
# 
_entry.id   6WR5 
# 
_audit_conform.dict_name       mmcif_pdbx.dic 
_audit_conform.dict_version    5.380 
_audit_conform.dict_location   http://mmcif.pdb.org/dictionaries/ascii/mmcif_pdbx.dic 
# 
loop_
_database_2.database_id 
_database_2.database_code 
_database_2.pdbx_database_accession 
_database_2.pdbx_DOI 
PDB   6WR5         pdb_00006wr5 10.2210/pdb6wr5/pdb 
WWPDB D_1000248854 ?            ?                   
# 
_pdbx_database_status.status_code                     REL 
_pdbx_database_status.status_code_sf                  REL 
_pdbx_database_status.status_code_mr                  ? 
_pdbx_database_status.entry_id                        6WR5 
_pdbx_database_status.recvd_initial_deposition_date   2020-04-29 
_pdbx_database_status.SG_entry                        N 
_pdbx_database_status.deposit_site                    RCSB 
_pdbx_database_status.process_site                    RCSB 
_pdbx_database_status.status_code_cs                  ? 
_pdbx_database_status.status_code_nmr_data            ? 
_pdbx_database_status.methods_development_category    ? 
_pdbx_database_status.pdb_format_compatible           Y 
# 
loop_
_audit_author.name 
_audit_author.pdbx_ordinal 
_audit_author.identifier_ORCID 
'Simmons, C.R.'      1 0000-0002-2290-6132 
'MacCulloch, T.'     2 0000-0001-5875-3361 
'Stephanopoulos, N.' 3 0000-0001-7859-410X 
'Yan, H.'            4 0000-0001-7397-9852 
# 
_citation.abstract                  ? 
_citation.abstract_id_CAS           ? 
_citation.book_id_ISBN              ? 
_citation.book_publisher            ? 
_citation.book_publisher_city       ? 
_citation.book_title                ? 
_citation.coordinate_linkage        ? 
_citation.country                   UK 
_citation.database_id_Medline       ? 
_citation.details                   ? 
_citation.id                        primary 
_citation.journal_abbrev            'Nat Commun' 
_citation.journal_id_ASTM           ? 
_citation.journal_id_CSD            ? 
_citation.journal_id_ISSN           2041-1723 
_citation.journal_full              ? 
_citation.journal_issue             ? 
_citation.journal_volume            13 
_citation.language                  ? 
_citation.page_first                3112 
_citation.page_last                 3112 
_citation.title                     'The influence of Holliday junction sequence and dynamics on DNA crystal self-assembly.' 
_citation.year                      2022 
_citation.database_id_CSD           ? 
_citation.pdbx_database_id_DOI      10.1038/s41467-022-30779-6 
_citation.pdbx_database_id_PubMed   35662248 
_citation.unpublished_flag          ? 
# 
loop_
_citation_author.citation_id 
_citation_author.name 
_citation_author.ordinal 
_citation_author.identifier_ORCID 
primary 'Simmons, C.R.'      1  ?                   
primary 'MacCulloch, T.'     2  ?                   
primary 'Krepl, M.'          3  0000-0002-9833-4281 
primary 'Matthies, M.'       4  ?                   
primary 'Buchberger, A.'     5  ?                   
primary 'Crawford, I.'       6  ?                   
primary 'Sponer, J.'         7  0000-0001-6558-6186 
primary 'Sulc, P.'           8  0000-0003-1565-6769 
primary 'Stephanopoulos, N.' 9  0000-0001-7859-410X 
primary 'Yan, H.'            10 0000-0001-7397-9852 
# 
_cell.angle_alpha                  90.000 
_cell.angle_alpha_esd              ? 
_cell.angle_beta                   90.000 
_cell.angle_beta_esd               ? 
_cell.angle_gamma                  120.000 
_cell.angle_gamma_esd              ? 
_cell.entry_id                     6WR5 
_cell.details                      ? 
_cell.formula_units_Z              ? 
_cell.length_a                     68.673 
_cell.length_a_esd                 ? 
_cell.length_b                     68.673 
_cell.length_b_esd                 ? 
_cell.length_c                     60.122 
_cell.length_c_esd                 ? 
_cell.volume                       ? 
_cell.volume_esd                   ? 
_cell.Z_PDB                        3 
_cell.reciprocal_angle_alpha       ? 
_cell.reciprocal_angle_beta        ? 
_cell.reciprocal_angle_gamma       ? 
_cell.reciprocal_angle_alpha_esd   ? 
_cell.reciprocal_angle_beta_esd    ? 
_cell.reciprocal_angle_gamma_esd   ? 
_cell.reciprocal_length_a          ? 
_cell.reciprocal_length_b          ? 
_cell.reciprocal_length_c          ? 
_cell.reciprocal_length_a_esd      ? 
_cell.reciprocal_length_b_esd      ? 
_cell.reciprocal_length_c_esd      ? 
_cell.pdbx_unique_axis             ? 
# 
_symmetry.entry_id                         6WR5 
_symmetry.cell_setting                     ? 
_symmetry.Int_Tables_number                145 
_symmetry.space_group_name_Hall            ? 
_symmetry.space_group_name_H-M             'P 32' 
_symmetry.pdbx_full_space_group_name_H-M   ? 
# 
loop_
_entity.id 
_entity.type 
_entity.src_method 
_entity.pdbx_description 
_entity.formula_weight 
_entity.pdbx_number_of_molecules 
_entity.pdbx_ec 
_entity.pdbx_mutation 
_entity.pdbx_fragment 
_entity.details 
1 polymer     syn 
;DNA (5'-D(*GP*AP*GP*CP*AP*GP*AP*CP*AP*TP*GP*AP*CP*GP*AP*CP*AP*CP*TP*CP*A)-3')
;
6450.202 1 ? ? ? ? 
2 polymer     syn 
;DNA (5'-D(P*AP*GP*TP*CP*A)-3')
;
1504.037 1 ? ? ? ? 
3 polymer     syn 
;DNA (5'-D(*TP*CP*TP*GP*AP*GP*TP*GP*C)-3')
;
2746.809 1 ? ? ? ? 
4 polymer     syn 
;DNA (5'-D(P*TP*GP*TP*CP*TP*GP*C)-3')
;
2104.396 1 ? ? ? ? 
5 non-polymer syn 'CACODYLATE ION'                                                                136.989  2 ? ? ? ? 
# 
loop_
_entity_poly.entity_id 
_entity_poly.type 
_entity_poly.nstd_linkage 
_entity_poly.nstd_monomer 
_entity_poly.pdbx_seq_one_letter_code 
_entity_poly.pdbx_seq_one_letter_code_can 
_entity_poly.pdbx_strand_id 
_entity_poly.pdbx_target_identifier 
1 polydeoxyribonucleotide no no 
;(DG)(DA)(DG)(DC)(DA)(DG)(DA)(DC)(DA)(DT)(DG)(DA)(DC)(DG)(DA)(DC)(DA)(DC)(DT)(DC)
(DA)
;
GAGCAGACATGACGACACTCA A ? 
2 polydeoxyribonucleotide no no '(DA)(DG)(DT)(DC)(DA)'                                                                  AGTCA B ? 
3 polydeoxyribonucleotide no no '(DT)(DC)(DT)(DG)(DA)(DG)(DT)(DG)(DC)'                                                  TCTGAGTGC 
C ? 
4 polydeoxyribonucleotide no no '(DT)(DG)(DT)(DC)(DT)(DG)(DC)'                                                          TGTCTGC D 
? 
# 
loop_
_entity_poly_seq.entity_id 
_entity_poly_seq.num 
_entity_poly_seq.mon_id 
_entity_poly_seq.hetero 
1 1  DG n 
1 2  DA n 
1 3  DG n 
1 4  DC n 
1 5  DA n 
1 6  DG n 
1 7  DA n 
1 8  DC n 
1 9  DA n 
1 10 DT n 
1 11 DG n 
1 12 DA n 
1 13 DC n 
1 14 DG n 
1 15 DA n 
1 16 DC n 
1 17 DA n 
1 18 DC n 
1 19 DT n 
1 20 DC n 
1 21 DA n 
2 1  DA n 
2 2  DG n 
2 3  DT n 
2 4  DC n 
2 5  DA n 
3 1  DT n 
3 2  DC n 
3 3  DT n 
3 4  DG n 
3 5  DA n 
3 6  DG n 
3 7  DT n 
3 8  DG n 
3 9  DC n 
4 1  DT n 
4 2  DG n 
4 3  DT n 
4 4  DC n 
4 5  DT n 
4 6  DG n 
4 7  DC n 
# 
loop_
_pdbx_entity_src_syn.entity_id 
_pdbx_entity_src_syn.pdbx_src_id 
_pdbx_entity_src_syn.pdbx_alt_source_flag 
_pdbx_entity_src_syn.pdbx_beg_seq_num 
_pdbx_entity_src_syn.pdbx_end_seq_num 
_pdbx_entity_src_syn.organism_scientific 
_pdbx_entity_src_syn.organism_common_name 
_pdbx_entity_src_syn.ncbi_taxonomy_id 
_pdbx_entity_src_syn.details 
1 1 sample 1 21 'synthetic construct' ? 32630 ? 
2 1 sample 1 5  'synthetic construct' ? 32630 ? 
3 1 sample 1 9  'synthetic construct' ? 32630 ? 
4 1 sample 1 7  'synthetic construct' ? 32630 ? 
# 
loop_
_struct_ref.id 
_struct_ref.db_name 
_struct_ref.db_code 
_struct_ref.pdbx_db_accession 
_struct_ref.pdbx_db_isoform 
_struct_ref.entity_id 
_struct_ref.pdbx_seq_one_letter_code 
_struct_ref.pdbx_align_begin 
1 PDB 6WR5 6WR5 ? 1 ? 1 
2 PDB 6WR5 6WR5 ? 2 ? 1 
3 PDB 6WR5 6WR5 ? 3 ? 1 
4 PDB 6WR5 6WR5 ? 4 ? 1 
# 
loop_
_struct_ref_seq.align_id 
_struct_ref_seq.ref_id 
_struct_ref_seq.pdbx_PDB_id_code 
_struct_ref_seq.pdbx_strand_id 
_struct_ref_seq.seq_align_beg 
_struct_ref_seq.pdbx_seq_align_beg_ins_code 
_struct_ref_seq.seq_align_end 
_struct_ref_seq.pdbx_seq_align_end_ins_code 
_struct_ref_seq.pdbx_db_accession 
_struct_ref_seq.db_align_beg 
_struct_ref_seq.pdbx_db_align_beg_ins_code 
_struct_ref_seq.db_align_end 
_struct_ref_seq.pdbx_db_align_end_ins_code 
_struct_ref_seq.pdbx_auth_seq_align_beg 
_struct_ref_seq.pdbx_auth_seq_align_end 
1 1 6WR5 A 1 ? 21 ? 6WR5 1  ? 21 ? 1  21 
2 2 6WR5 B 1 ? 5  ? 6WR5 1  ? 5  ? 1  5  
3 3 6WR5 C 1 ? 9  ? 6WR5 1  ? 9  ? 1  9  
4 4 6WR5 D 1 ? 7  ? 6WR5 10 ? 16 ? 10 16 
# 
loop_
_chem_comp.id 
_chem_comp.type 
_chem_comp.mon_nstd_flag 
_chem_comp.name 
_chem_comp.pdbx_synonyms 
_chem_comp.formula 
_chem_comp.formula_weight 
CAC non-polymer   . 'CACODYLATE ION'                     dimethylarsinate 'C2 H6 As O2 -1'  136.989 
DA  'DNA linking' y "2'-DEOXYADENOSINE-5'-MONOPHOSPHATE" ?                'C10 H14 N5 O6 P' 331.222 
DC  'DNA linking' y "2'-DEOXYCYTIDINE-5'-MONOPHOSPHATE"  ?                'C9 H14 N3 O7 P'  307.197 
DG  'DNA linking' y "2'-DEOXYGUANOSINE-5'-MONOPHOSPHATE" ?                'C10 H14 N5 O7 P' 347.221 
DT  'DNA linking' y "THYMIDINE-5'-MONOPHOSPHATE"         ?                'C10 H15 N2 O8 P' 322.208 
# 
_exptl.absorpt_coefficient_mu     ? 
_exptl.absorpt_correction_T_max   ? 
_exptl.absorpt_correction_T_min   ? 
_exptl.absorpt_correction_type    ? 
_exptl.absorpt_process_details    ? 
_exptl.entry_id                   6WR5 
_exptl.crystals_number            1 
_exptl.details                    ? 
_exptl.method                     'X-RAY DIFFRACTION' 
_exptl.method_details             ? 
# 
_exptl_crystal.colour                      ? 
_exptl_crystal.density_diffrn              ? 
_exptl_crystal.density_Matthews            6.39 
_exptl_crystal.density_method              ? 
_exptl_crystal.density_percent_sol         80.76 
_exptl_crystal.description                 ? 
_exptl_crystal.F_000                       ? 
_exptl_crystal.id                          1 
_exptl_crystal.preparation                 ? 
_exptl_crystal.size_max                    ? 
_exptl_crystal.size_mid                    ? 
_exptl_crystal.size_min                    ? 
_exptl_crystal.size_rad                    ? 
_exptl_crystal.colour_lustre               ? 
_exptl_crystal.colour_modifier             ? 
_exptl_crystal.colour_primary              ? 
_exptl_crystal.density_meas                ? 
_exptl_crystal.density_meas_esd            ? 
_exptl_crystal.density_meas_gt             ? 
_exptl_crystal.density_meas_lt             ? 
_exptl_crystal.density_meas_temp           ? 
_exptl_crystal.density_meas_temp_esd       ? 
_exptl_crystal.density_meas_temp_gt        ? 
_exptl_crystal.density_meas_temp_lt        ? 
_exptl_crystal.pdbx_crystal_image_url      ? 
_exptl_crystal.pdbx_crystal_image_format   ? 
_exptl_crystal.pdbx_mosaicity              ? 
_exptl_crystal.pdbx_mosaicity_esd          ? 
# 
_exptl_crystal_grow.apparatus       ? 
_exptl_crystal_grow.atmosphere      ? 
_exptl_crystal_grow.crystal_id      1 
_exptl_crystal_grow.details         ? 
_exptl_crystal_grow.method          'VAPOR DIFFUSION, SITTING DROP' 
_exptl_crystal_grow.method_ref      ? 
_exptl_crystal_grow.pH              ? 
_exptl_crystal_grow.pressure        ? 
_exptl_crystal_grow.pressure_esd    ? 
_exptl_crystal_grow.seeding         ? 
_exptl_crystal_grow.seeding_ref     ? 
_exptl_crystal_grow.temp            298 
_exptl_crystal_grow.temp_details    'temperature gradient generated from 60 to 25 C at 0.3 degrees per hour' 
_exptl_crystal_grow.temp_esd        ? 
_exptl_crystal_grow.time            ? 
_exptl_crystal_grow.pdbx_details    
;Crystallization conditions: 0.5 mL of 0.05 M Cacodylate pH 6.5 with36 mM MgCl2, 2.25 mM spermine, and 5% PEG 400 was added to the reservoir with 2 uL added to the drop containing 4 uL of DNA stock
;
_exptl_crystal_grow.pdbx_pH_range   ? 
# 
_diffrn.ambient_environment              ? 
_diffrn.ambient_temp                     100 
_diffrn.ambient_temp_details             ? 
_diffrn.ambient_temp_esd                 ? 
_diffrn.crystal_id                       1 
_diffrn.crystal_support                  ? 
_diffrn.crystal_treatment                ? 
_diffrn.details                          ? 
_diffrn.id                               1 
_diffrn.ambient_pressure                 ? 
_diffrn.ambient_pressure_esd             ? 
_diffrn.ambient_pressure_gt              ? 
_diffrn.ambient_pressure_lt              ? 
_diffrn.ambient_temp_gt                  ? 
_diffrn.ambient_temp_lt                  ? 
_diffrn.pdbx_serial_crystal_experiment   N 
# 
_diffrn_detector.details                      ? 
_diffrn_detector.detector                     PIXEL 
_diffrn_detector.diffrn_id                    1 
_diffrn_detector.type                         'DECTRIS PILATUS3 6M' 
_diffrn_detector.area_resol_mean              ? 
_diffrn_detector.dtime                        ? 
_diffrn_detector.pdbx_frames_total            ? 
_diffrn_detector.pdbx_collection_time_total   ? 
_diffrn_detector.pdbx_collection_date         2018-05-15 
_diffrn_detector.pdbx_frequency               ? 
# 
_diffrn_radiation.collimation                      ? 
_diffrn_radiation.diffrn_id                        1 
_diffrn_radiation.filter_edge                      ? 
_diffrn_radiation.inhomogeneity                    ? 
_diffrn_radiation.monochromator                    ? 
_diffrn_radiation.polarisn_norm                    ? 
_diffrn_radiation.polarisn_ratio                   ? 
_diffrn_radiation.probe                            ? 
_diffrn_radiation.type                             ? 
_diffrn_radiation.xray_symbol                      ? 
_diffrn_radiation.wavelength_id                    1 
_diffrn_radiation.pdbx_monochromatic_or_laue_m_l   M 
_diffrn_radiation.pdbx_wavelength_list             ? 
_diffrn_radiation.pdbx_wavelength                  ? 
_diffrn_radiation.pdbx_diffrn_protocol             'SINGLE WAVELENGTH' 
_diffrn_radiation.pdbx_analyzer                    ? 
_diffrn_radiation.pdbx_scattering_type             x-ray 
# 
_diffrn_radiation_wavelength.id           1 
_diffrn_radiation_wavelength.wavelength   1 
_diffrn_radiation_wavelength.wt           1.0 
# 
_diffrn_source.current                     ? 
_diffrn_source.details                     ? 
_diffrn_source.diffrn_id                   1 
_diffrn_source.power                       ? 
_diffrn_source.size                        ? 
_diffrn_source.source                      SYNCHROTRON 
_diffrn_source.target                      ? 
_diffrn_source.type                        'ALS BEAMLINE 5.0.2' 
_diffrn_source.voltage                     ? 
_diffrn_source.take-off_angle              ? 
_diffrn_source.pdbx_wavelength_list        1 
_diffrn_source.pdbx_wavelength             ? 
_diffrn_source.pdbx_synchrotron_beamline   5.0.2 
_diffrn_source.pdbx_synchrotron_site       ALS 
# 
_reflns.B_iso_Wilson_estimate            92.950 
_reflns.entry_id                         6WR5 
_reflns.data_reduction_details           ? 
_reflns.data_reduction_method            ? 
_reflns.d_resolution_high                3.050 
_reflns.d_resolution_low                 50.000 
_reflns.details                          ? 
_reflns.limit_h_max                      ? 
_reflns.limit_h_min                      ? 
_reflns.limit_k_max                      ? 
_reflns.limit_k_min                      ? 
_reflns.limit_l_max                      ? 
_reflns.limit_l_min                      ? 
_reflns.number_all                       ? 
_reflns.number_obs                       5471 
_reflns.observed_criterion               ? 
_reflns.observed_criterion_F_max         ? 
_reflns.observed_criterion_F_min         ? 
_reflns.observed_criterion_I_max         ? 
_reflns.observed_criterion_I_min         ? 
_reflns.observed_criterion_sigma_F       ? 
_reflns.observed_criterion_sigma_I       ? 
_reflns.percent_possible_obs             91.900 
_reflns.R_free_details                   ? 
_reflns.Rmerge_F_all                     ? 
_reflns.Rmerge_F_obs                     ? 
_reflns.Friedel_coverage                 ? 
_reflns.number_gt                        ? 
_reflns.threshold_expression             ? 
_reflns.pdbx_redundancy                  9.600 
_reflns.pdbx_Rmerge_I_obs                0.068 
_reflns.pdbx_Rmerge_I_all                ? 
_reflns.pdbx_Rsym_value                  ? 
_reflns.pdbx_netI_over_av_sigmaI         ? 
_reflns.pdbx_netI_over_sigmaI            7.400 
_reflns.pdbx_res_netI_over_av_sigmaI_2   ? 
_reflns.pdbx_res_netI_over_sigmaI_2      ? 
_reflns.pdbx_chi_squared                 0.818 
_reflns.pdbx_scaling_rejects             ? 
_reflns.pdbx_d_res_high_opt              ? 
_reflns.pdbx_d_res_low_opt               ? 
_reflns.pdbx_d_res_opt_method            ? 
_reflns.phase_calculation_details        ? 
_reflns.pdbx_Rrim_I_all                  0.072 
_reflns.pdbx_Rpim_I_all                  0.023 
_reflns.pdbx_d_opt                       ? 
_reflns.pdbx_number_measured_all         ? 
_reflns.pdbx_diffrn_id                   1 
_reflns.pdbx_ordinal                     1 
_reflns.pdbx_CC_half                     0.985 
_reflns.pdbx_CC_star                     ? 
_reflns.pdbx_R_split                     ? 
# 
loop_
_reflns_shell.d_res_high 
_reflns_shell.d_res_low 
_reflns_shell.meanI_over_sigI_all 
_reflns_shell.meanI_over_sigI_obs 
_reflns_shell.number_measured_all 
_reflns_shell.number_measured_obs 
_reflns_shell.number_possible 
_reflns_shell.number_unique_all 
_reflns_shell.number_unique_obs 
_reflns_shell.percent_possible_all 
_reflns_shell.percent_possible_obs 
_reflns_shell.Rmerge_F_all 
_reflns_shell.Rmerge_F_obs 
_reflns_shell.Rmerge_I_all 
_reflns_shell.Rmerge_I_obs 
_reflns_shell.meanI_over_sigI_gt 
_reflns_shell.meanI_over_uI_all 
_reflns_shell.meanI_over_uI_gt 
_reflns_shell.number_measured_gt 
_reflns_shell.number_unique_gt 
_reflns_shell.percent_possible_gt 
_reflns_shell.Rmerge_F_gt 
_reflns_shell.Rmerge_I_gt 
_reflns_shell.pdbx_redundancy 
_reflns_shell.pdbx_Rsym_value 
_reflns_shell.pdbx_chi_squared 
_reflns_shell.pdbx_netI_over_sigmaI_all 
_reflns_shell.pdbx_netI_over_sigmaI_obs 
_reflns_shell.pdbx_Rrim_I_all 
_reflns_shell.pdbx_Rpim_I_all 
_reflns_shell.pdbx_rejects 
_reflns_shell.pdbx_ordinal 
_reflns_shell.pdbx_diffrn_id 
_reflns_shell.pdbx_CC_half 
_reflns_shell.pdbx_CC_star 
_reflns_shell.pdbx_R_split 
3.050 3.100  ? ? ? ? ? ? 190 62.100  ? ? ? ? 0.357 ? ? ? ? ? ? ? ? 8.000  ? 0.505 ? ? 0.381 0.129 ? 1  1 0.970 ? ? 
3.100 3.160  ? ? ? ? ? ? 191 66.600  ? ? ? ? 0.279 ? ? ? ? ? ? ? ? 8.300  ? 0.537 ? ? 0.296 0.098 ? 2  1 0.987 ? ? 
3.160 3.220  ? ? ? ? ? ? 211 70.300  ? ? ? ? 0.139 ? ? ? ? ? ? ? ? 8.100  ? 0.617 ? ? 0.147 0.048 ? 3  1 0.998 ? ? 
3.220 3.290  ? ? ? ? ? ? 233 77.700  ? ? ? ? 0.118 ? ? ? ? ? ? ? ? 8.600  ? 0.804 ? ? 0.125 0.039 ? 4  1 0.999 ? ? 
3.290 3.360  ? ? ? ? ? ? 249 84.100  ? ? ? ? 0.154 ? ? ? ? ? ? ? ? 8.700  ? 0.620 ? ? 0.163 0.052 ? 5  1 0.996 ? ? 
3.360 3.430  ? ? ? ? ? ? 266 89.600  ? ? ? ? 0.121 ? ? ? ? ? ? ? ? 9.100  ? 0.814 ? ? 0.128 0.040 ? 6  1 0.998 ? ? 
3.430 3.520  ? ? ? ? ? ? 275 94.800  ? ? ? ? 0.212 ? ? ? ? ? ? ? ? 8.700  ? 0.528 ? ? 0.225 0.073 ? 7  1 0.994 ? ? 
3.520 3.620  ? ? ? ? ? ? 300 97.400  ? ? ? ? 0.209 ? ? ? ? ? ? ? ? 9.400  ? 0.559 ? ? 0.220 0.070 ? 8  1 0.994 ? ? 
3.620 3.720  ? ? ? ? ? ? 280 98.900  ? ? ? ? 0.292 ? ? ? ? ? ? ? ? 8.900  ? 0.494 ? ? 0.310 0.101 ? 9  1 0.982 ? ? 
3.720 3.840  ? ? ? ? ? ? 300 100.000 ? ? ? ? 0.206 ? ? ? ? ? ? ? ? 9.300  ? 0.533 ? ? 0.218 0.071 ? 10 1 0.991 ? ? 
3.840 3.980  ? ? ? ? ? ? 300 100.000 ? ? ? ? 0.170 ? ? ? ? ? ? ? ? 9.800  ? 0.631 ? ? 0.180 0.057 ? 11 1 0.995 ? ? 
3.980 4.140  ? ? ? ? ? ? 308 100.000 ? ? ? ? 0.127 ? ? ? ? ? ? ? ? 10.600 ? 0.662 ? ? 0.133 0.041 ? 12 1 0.997 ? ? 
4.140 4.330  ? ? ? ? ? ? 295 100.000 ? ? ? ? 0.121 ? ? ? ? ? ? ? ? 10.800 ? 0.646 ? ? 0.127 0.039 ? 13 1 0.996 ? ? 
4.330 4.560  ? ? ? ? ? ? 304 100.000 ? ? ? ? 0.107 ? ? ? ? ? ? ? ? 10.700 ? 0.669 ? ? 0.113 0.034 ? 14 1 0.997 ? ? 
4.560 4.840  ? ? ? ? ? ? 280 100.000 ? ? ? ? 0.095 ? ? ? ? ? ? ? ? 10.400 ? 0.795 ? ? 0.100 0.031 ? 15 1 0.998 ? ? 
4.840 5.210  ? ? ? ? ? ? 299 100.000 ? ? ? ? 0.071 ? ? ? ? ? ? ? ? 10.000 ? 0.924 ? ? 0.075 0.024 ? 16 1 0.997 ? ? 
5.210 5.740  ? ? ? ? ? ? 309 100.000 ? ? ? ? 0.060 ? ? ? ? ? ? ? ? 10.700 ? 1.117 ? ? 0.063 0.019 ? 17 1 0.998 ? ? 
5.740 6.570  ? ? ? ? ? ? 296 100.000 ? ? ? ? 0.058 ? ? ? ? ? ? ? ? 10.900 ? 1.068 ? ? 0.061 0.019 ? 18 1 0.998 ? ? 
6.570 8.270  ? ? ? ? ? ? 302 99.700  ? ? ? ? 0.049 ? ? ? ? ? ? ? ? 10.000 ? 1.357 ? ? 0.052 0.016 ? 19 1 0.999 ? ? 
8.270 50.000 ? ? ? ? ? ? 283 96.900  ? ? ? ? 0.048 ? ? ? ? ? ? ? ? 10.000 ? 1.929 ? ? 0.052 0.017 ? 20 1 0.997 ? ? 
# 
_refine.aniso_B[1][1]                            ? 
_refine.aniso_B[1][2]                            ? 
_refine.aniso_B[1][3]                            ? 
_refine.aniso_B[2][2]                            ? 
_refine.aniso_B[2][3]                            ? 
_refine.aniso_B[3][3]                            ? 
_refine.B_iso_max                                193.000 
_refine.B_iso_mean                               111.4210 
_refine.B_iso_min                                61.590 
_refine.correlation_coeff_Fo_to_Fc               ? 
_refine.correlation_coeff_Fo_to_Fc_free          ? 
_refine.details                                  ? 
_refine.diff_density_max                         ? 
_refine.diff_density_max_esd                     ? 
_refine.diff_density_min                         ? 
_refine.diff_density_min_esd                     ? 
_refine.diff_density_rms                         ? 
_refine.diff_density_rms_esd                     ? 
_refine.entry_id                                 6WR5 
_refine.pdbx_refine_id                           'X-RAY DIFFRACTION' 
_refine.ls_abs_structure_details                 ? 
_refine.ls_abs_structure_Flack                   ? 
_refine.ls_abs_structure_Flack_esd               ? 
_refine.ls_abs_structure_Rogers                  ? 
_refine.ls_abs_structure_Rogers_esd              ? 
_refine.ls_d_res_high                            3.0630 
_refine.ls_d_res_low                             34.3370 
_refine.ls_extinction_coef                       ? 
_refine.ls_extinction_coef_esd                   ? 
_refine.ls_extinction_expression                 ? 
_refine.ls_extinction_method                     ? 
_refine.ls_goodness_of_fit_all                   ? 
_refine.ls_goodness_of_fit_all_esd               ? 
_refine.ls_goodness_of_fit_obs                   ? 
_refine.ls_goodness_of_fit_obs_esd               ? 
_refine.ls_hydrogen_treatment                    ? 
_refine.ls_matrix_type                           ? 
_refine.ls_number_constraints                    ? 
_refine.ls_number_parameters                     ? 
_refine.ls_number_reflns_all                     ? 
_refine.ls_number_reflns_obs                     5435 
_refine.ls_number_reflns_R_free                  593 
_refine.ls_number_reflns_R_work                  ? 
_refine.ls_number_restraints                     ? 
_refine.ls_percent_reflns_obs                    91.0800 
_refine.ls_percent_reflns_R_free                 10.9100 
_refine.ls_R_factor_all                          ? 
_refine.ls_R_factor_obs                          0.2518 
_refine.ls_R_factor_R_free                       0.2636 
_refine.ls_R_factor_R_free_error                 ? 
_refine.ls_R_factor_R_free_error_details         ? 
_refine.ls_R_factor_R_work                       0.2504 
_refine.ls_R_Fsqd_factor_obs                     ? 
_refine.ls_R_I_factor_obs                        ? 
_refine.ls_redundancy_reflns_all                 ? 
_refine.ls_redundancy_reflns_obs                 ? 
_refine.ls_restrained_S_all                      ? 
_refine.ls_restrained_S_obs                      ? 
_refine.ls_shift_over_esd_max                    ? 
_refine.ls_shift_over_esd_mean                   ? 
_refine.ls_structure_factor_coef                 ? 
_refine.ls_weighting_details                     ? 
_refine.ls_weighting_scheme                      ? 
_refine.ls_wR_factor_all                         ? 
_refine.ls_wR_factor_obs                         ? 
_refine.ls_wR_factor_R_free                      ? 
_refine.ls_wR_factor_R_work                      ? 
_refine.occupancy_max                            ? 
_refine.occupancy_min                            ? 
_refine.solvent_model_details                    ? 
_refine.solvent_model_param_bsol                 ? 
_refine.solvent_model_param_ksol                 ? 
_refine.pdbx_R_complete                          ? 
_refine.ls_R_factor_gt                           ? 
_refine.ls_goodness_of_fit_gt                    ? 
_refine.ls_goodness_of_fit_ref                   ? 
_refine.ls_shift_over_su_max                     ? 
_refine.ls_shift_over_su_max_lt                  ? 
_refine.ls_shift_over_su_mean                    ? 
_refine.ls_shift_over_su_mean_lt                 ? 
_refine.pdbx_ls_sigma_I                          ? 
_refine.pdbx_ls_sigma_F                          2.020 
_refine.pdbx_ls_sigma_Fsqd                       ? 
_refine.pdbx_data_cutoff_high_absF               ? 
_refine.pdbx_data_cutoff_high_rms_absF           ? 
_refine.pdbx_data_cutoff_low_absF                ? 
_refine.pdbx_isotropic_thermal_model             ? 
_refine.pdbx_ls_cross_valid_method               THROUGHOUT 
_refine.pdbx_method_to_determine_struct          'MOLECULAR REPLACEMENT' 
_refine.pdbx_starting_model                      5KEK 
_refine.pdbx_stereochemistry_target_values       ? 
_refine.pdbx_R_Free_selection_details            ? 
_refine.pdbx_stereochem_target_val_spec_case     ? 
_refine.pdbx_overall_ESU_R                       ? 
_refine.pdbx_overall_ESU_R_Free                  ? 
_refine.pdbx_solvent_vdw_probe_radii             1.1100 
_refine.pdbx_solvent_ion_probe_radii             ? 
_refine.pdbx_solvent_shrinkage_radii             0.9000 
_refine.pdbx_real_space_R                        ? 
_refine.pdbx_density_correlation                 ? 
_refine.pdbx_pd_number_of_powder_patterns        ? 
_refine.pdbx_pd_number_of_points                 ? 
_refine.pdbx_pd_meas_number_of_points            ? 
_refine.pdbx_pd_proc_ls_prof_R_factor            ? 
_refine.pdbx_pd_proc_ls_prof_wR_factor           ? 
_refine.pdbx_pd_Marquardt_correlation_coeff      ? 
_refine.pdbx_pd_Fsqrd_R_factor                   ? 
_refine.pdbx_pd_ls_matrix_band_width             ? 
_refine.pdbx_overall_phase_error                 39.2700 
_refine.pdbx_overall_SU_R_free_Cruickshank_DPI   ? 
_refine.pdbx_overall_SU_R_free_Blow_DPI          ? 
_refine.pdbx_overall_SU_R_Blow_DPI               ? 
_refine.pdbx_TLS_residual_ADP_flag               ? 
_refine.pdbx_diffrn_id                           1 
_refine.overall_SU_B                             ? 
_refine.overall_SU_ML                            0.4500 
_refine.overall_SU_R_Cruickshank_DPI             ? 
_refine.overall_SU_R_free                        ? 
_refine.overall_FOM_free_R_set                   ? 
_refine.overall_FOM_work_R_set                   ? 
_refine.pdbx_average_fsc_overall                 ? 
_refine.pdbx_average_fsc_work                    ? 
_refine.pdbx_average_fsc_free                    ? 
# 
_refine_hist.pdbx_refine_id                   'X-RAY DIFFRACTION' 
_refine_hist.cycle_id                         final 
_refine_hist.details                          ? 
_refine_hist.d_res_high                       3.0630 
_refine_hist.d_res_low                        34.3370 
_refine_hist.number_atoms_solvent             0 
_refine_hist.number_atoms_total               858 
_refine_hist.number_reflns_all                ? 
_refine_hist.number_reflns_obs                ? 
_refine_hist.number_reflns_R_free             ? 
_refine_hist.number_reflns_R_work             ? 
_refine_hist.R_factor_all                     ? 
_refine_hist.R_factor_obs                     ? 
_refine_hist.R_factor_R_free                  ? 
_refine_hist.R_factor_R_work                  ? 
_refine_hist.pdbx_number_residues_total       42 
_refine_hist.pdbx_B_iso_mean_ligand           148.89 
_refine_hist.pdbx_B_iso_mean_solvent          ? 
_refine_hist.pdbx_number_atoms_protein        0 
_refine_hist.pdbx_number_atoms_nucleic_acid   856 
_refine_hist.pdbx_number_atoms_ligand         2 
_refine_hist.pdbx_number_atoms_lipid          ? 
_refine_hist.pdbx_number_atoms_carb           ? 
_refine_hist.pdbx_pseudo_atom_details         ? 
# 
loop_
_refine_ls_restr.pdbx_refine_id 
_refine_ls_restr.criterion 
_refine_ls_restr.dev_ideal 
_refine_ls_restr.dev_ideal_target 
_refine_ls_restr.number 
_refine_ls_restr.rejects 
_refine_ls_restr.type 
_refine_ls_restr.weight 
_refine_ls_restr.pdbx_restraint_function 
'X-RAY DIFFRACTION' ? 0.005  ? 958  ? f_bond_d           ? ? 
'X-RAY DIFFRACTION' ? 0.638  ? 1470 ? f_angle_d          ? ? 
'X-RAY DIFFRACTION' ? 0.031  ? 166  ? f_chiral_restr     ? ? 
'X-RAY DIFFRACTION' ? 0.004  ? 42   ? f_plane_restr      ? ? 
'X-RAY DIFFRACTION' ? 35.416 ? 406  ? f_dihedral_angle_d ? ? 
# 
loop_
_refine_ls_shell.pdbx_refine_id 
_refine_ls_shell.d_res_high 
_refine_ls_shell.d_res_low 
_refine_ls_shell.number_reflns_all 
_refine_ls_shell.number_reflns_obs 
_refine_ls_shell.number_reflns_R_free 
_refine_ls_shell.number_reflns_R_work 
_refine_ls_shell.percent_reflns_obs 
_refine_ls_shell.percent_reflns_R_free 
_refine_ls_shell.R_factor_all 
_refine_ls_shell.R_factor_obs 
_refine_ls_shell.R_factor_R_free 
_refine_ls_shell.R_factor_R_free_error 
_refine_ls_shell.R_factor_R_work 
_refine_ls_shell.redundancy_reflns_all 
_refine_ls_shell.redundancy_reflns_obs 
_refine_ls_shell.wR_factor_all 
_refine_ls_shell.wR_factor_obs 
_refine_ls_shell.wR_factor_R_free 
_refine_ls_shell.wR_factor_R_work 
_refine_ls_shell.pdbx_R_complete 
_refine_ls_shell.pdbx_total_number_of_bins_used 
_refine_ls_shell.pdbx_phase_error 
_refine_ls_shell.pdbx_fsc_work 
_refine_ls_shell.pdbx_fsc_free 
'X-RAY DIFFRACTION' 3.0633 3.3714  . . 112 931  70.0000  . . . 0.3946 0.0000 0.3463 . . . . . . . . . . . 
'X-RAY DIFFRACTION' 3.3714 3.8587  . . 152 1268 95.0000  . . . 0.3591 0.0000 0.3641 . . . . . . . . . . . 
'X-RAY DIFFRACTION' 3.8587 4.8593  . . 156 1331 100.0000 . . . 0.3677 0.0000 0.3232 . . . . . . . . . . . 
'X-RAY DIFFRACTION' 4.8593 34.3370 . . 173 1312 99.0000  . . . 0.1965 0.0000 0.1898 . . . . . . . . . . . 
# 
_struct.entry_id                     6WR5 
_struct.title                        
'Self-assembly of a 3D DNA crystal lattice (4x5 duplex version) containing the J35 immobile Holliday junction' 
_struct.pdbx_model_details           ? 
_struct.pdbx_formula_weight          ? 
_struct.pdbx_formula_weight_method   ? 
_struct.pdbx_model_type_details      ? 
_struct.pdbx_CASP_flag               N 
# 
_struct_keywords.entry_id        6WR5 
_struct_keywords.text            
'Structural DNA nanotechnology, immobile Holliday junctions, 3D DNA self-assembly, designer DNA crystals, DNA' 
_struct_keywords.pdbx_keywords   DNA 
# 
loop_
_struct_asym.id 
_struct_asym.pdbx_blank_PDB_chainid_flag 
_struct_asym.pdbx_modified 
_struct_asym.entity_id 
_struct_asym.details 
A N N 1 ? 
B N N 2 ? 
C N N 3 ? 
D N N 4 ? 
E N N 5 ? 
F N N 5 ? 
# 
loop_
_struct_conn.id 
_struct_conn.conn_type_id 
_struct_conn.pdbx_leaving_atom_flag 
_struct_conn.pdbx_PDB_id 
_struct_conn.ptnr1_label_asym_id 
_struct_conn.ptnr1_label_comp_id 
_struct_conn.ptnr1_label_seq_id 
_struct_conn.ptnr1_label_atom_id 
_struct_conn.pdbx_ptnr1_label_alt_id 
_struct_conn.pdbx_ptnr1_PDB_ins_code 
_struct_conn.pdbx_ptnr1_standard_comp_id 
_struct_conn.ptnr1_symmetry 
_struct_conn.ptnr2_label_asym_id 
_struct_conn.ptnr2_label_comp_id 
_struct_conn.ptnr2_label_seq_id 
_struct_conn.ptnr2_label_atom_id 
_struct_conn.pdbx_ptnr2_label_alt_id 
_struct_conn.pdbx_ptnr2_PDB_ins_code 
_struct_conn.ptnr1_auth_asym_id 
_struct_conn.ptnr1_auth_comp_id 
_struct_conn.ptnr1_auth_seq_id 
_struct_conn.ptnr2_auth_asym_id 
_struct_conn.ptnr2_auth_comp_id 
_struct_conn.ptnr2_auth_seq_id 
_struct_conn.ptnr2_symmetry 
_struct_conn.pdbx_ptnr3_label_atom_id 
_struct_conn.pdbx_ptnr3_label_seq_id 
_struct_conn.pdbx_ptnr3_label_comp_id 
_struct_conn.pdbx_ptnr3_label_asym_id 
_struct_conn.pdbx_ptnr3_label_alt_id 
_struct_conn.pdbx_ptnr3_PDB_ins_code 
_struct_conn.details 
_struct_conn.pdbx_dist_value 
_struct_conn.pdbx_value_order 
_struct_conn.pdbx_role 
hydrog1  hydrog ? ? A DG 3  N1 ? ? ? 1_555 D DC 7 N3 ? ? A DG 3  D DC 16 1_555 ? ? ? ? ? ? WATSON-CRICK    ? ? ? 
hydrog2  hydrog ? ? A DG 3  N2 ? ? ? 1_555 D DC 7 O2 ? ? A DG 3  D DC 16 1_555 ? ? ? ? ? ? WATSON-CRICK    ? ? ? 
hydrog3  hydrog ? ? A DG 3  O6 ? ? ? 1_555 D DC 7 N4 ? ? A DG 3  D DC 16 1_555 ? ? ? ? ? ? WATSON-CRICK    ? ? ? 
hydrog4  hydrog ? ? A DC 4  N3 ? ? ? 1_555 D DG 6 N1 ? ? A DC 4  D DG 15 1_555 ? ? ? ? ? ? WATSON-CRICK    ? ? ? 
hydrog5  hydrog ? ? A DC 4  N4 ? ? ? 1_555 D DG 6 O6 ? ? A DC 4  D DG 15 1_555 ? ? ? ? ? ? WATSON-CRICK    ? ? ? 
hydrog6  hydrog ? ? A DC 4  O2 ? ? ? 1_555 D DG 6 N2 ? ? A DC 4  D DG 15 1_555 ? ? ? ? ? ? WATSON-CRICK    ? ? ? 
hydrog7  hydrog ? ? A DA 5  N1 ? ? ? 1_555 D DT 5 N3 ? ? A DA 5  D DT 14 1_555 ? ? ? ? ? ? WATSON-CRICK    ? ? ? 
hydrog8  hydrog ? ? A DA 5  N6 ? ? ? 1_555 D DT 5 O4 ? ? A DA 5  D DT 14 1_555 ? ? ? ? ? ? WATSON-CRICK    ? ? ? 
hydrog9  hydrog ? ? A DG 6  N1 ? ? ? 1_555 D DC 4 N3 ? ? A DG 6  D DC 13 1_555 ? ? ? ? ? ? WATSON-CRICK    ? ? ? 
hydrog10 hydrog ? ? A DG 6  N2 ? ? ? 1_555 D DC 4 O2 ? ? A DG 6  D DC 13 1_555 ? ? ? ? ? ? WATSON-CRICK    ? ? ? 
hydrog11 hydrog ? ? A DG 6  O6 ? ? ? 1_555 D DC 4 N4 ? ? A DG 6  D DC 13 1_555 ? ? ? ? ? ? WATSON-CRICK    ? ? ? 
hydrog12 hydrog ? ? A DA 7  N1 ? ? ? 1_555 D DT 3 N3 ? ? A DA 7  D DT 12 1_555 ? ? ? ? ? ? WATSON-CRICK    ? ? ? 
hydrog13 hydrog ? ? A DA 7  N6 ? ? ? 1_555 D DT 3 O4 ? ? A DA 7  D DT 12 1_555 ? ? ? ? ? ? WATSON-CRICK    ? ? ? 
hydrog14 hydrog ? ? A DC 8  N3 ? ? ? 1_555 D DG 2 N1 ? ? A DC 8  D DG 11 1_555 ? ? ? ? ? ? WATSON-CRICK    ? ? ? 
hydrog15 hydrog ? ? A DC 8  N4 ? ? ? 1_555 D DG 2 O6 ? ? A DC 8  D DG 11 1_555 ? ? ? ? ? ? WATSON-CRICK    ? ? ? 
hydrog16 hydrog ? ? A DC 8  O2 ? ? ? 1_555 D DG 2 N2 ? ? A DC 8  D DG 11 1_555 ? ? ? ? ? ? WATSON-CRICK    ? ? ? 
hydrog17 hydrog ? ? A DA 9  N1 ? ? ? 1_555 D DT 1 N3 ? ? A DA 9  D DT 10 1_555 ? ? ? ? ? ? WATSON-CRICK    ? ? ? 
hydrog18 hydrog ? ? A DA 9  N6 ? ? ? 1_555 D DT 1 O4 ? ? A DA 9  D DT 10 1_555 ? ? ? ? ? ? WATSON-CRICK    ? ? ? 
hydrog19 hydrog ? ? A DT 10 N3 ? ? ? 1_555 B DA 5 N1 ? ? A DT 10 B DA 5  1_555 ? ? ? ? ? ? WATSON-CRICK    ? ? ? 
hydrog20 hydrog ? ? A DT 10 O4 ? ? ? 1_555 B DA 5 N6 ? ? A DT 10 B DA 5  1_555 ? ? ? ? ? ? WATSON-CRICK    ? ? ? 
hydrog21 hydrog ? ? A DG 11 N1 ? ? ? 1_555 B DC 4 N3 ? ? A DG 11 B DC 4  1_555 ? ? ? ? ? ? WATSON-CRICK    ? ? ? 
hydrog22 hydrog ? ? A DG 11 N2 ? ? ? 1_555 B DC 4 O2 ? ? A DG 11 B DC 4  1_555 ? ? ? ? ? ? WATSON-CRICK    ? ? ? 
hydrog23 hydrog ? ? A DG 11 O6 ? ? ? 1_555 B DC 4 N4 ? ? A DG 11 B DC 4  1_555 ? ? ? ? ? ? WATSON-CRICK    ? ? ? 
hydrog24 hydrog ? ? A DA 12 N1 ? ? ? 1_555 B DT 3 N3 ? ? A DA 12 B DT 3  1_555 ? ? ? ? ? ? WATSON-CRICK    ? ? ? 
hydrog25 hydrog ? ? A DA 12 N6 ? ? ? 1_555 B DT 3 O4 ? ? A DA 12 B DT 3  1_555 ? ? ? ? ? ? WATSON-CRICK    ? ? ? 
hydrog26 hydrog ? ? A DC 13 N3 ? ? ? 1_555 B DG 2 N1 ? ? A DC 13 B DG 2  1_555 ? ? ? ? ? ? WATSON-CRICK    ? ? ? 
hydrog27 hydrog ? ? A DC 13 N4 ? ? ? 1_555 B DG 2 O6 ? ? A DC 13 B DG 2  1_555 ? ? ? ? ? ? WATSON-CRICK    ? ? ? 
hydrog28 hydrog ? ? A DC 13 O2 ? ? ? 1_555 B DG 2 N2 ? ? A DC 13 B DG 2  1_555 ? ? ? ? ? ? WATSON-CRICK    ? ? ? 
hydrog29 hydrog ? ? A DG 14 N1 ? ? ? 1_555 B DA 1 N1 ? ? A DG 14 B DA 1  1_555 ? ? ? ? ? ? TYPE_8_PAIR     ? ? ? 
hydrog30 hydrog ? ? A DG 14 O6 ? ? ? 1_555 B DA 1 N6 ? ? A DG 14 B DA 1  1_555 ? ? ? ? ? ? TYPE_8_PAIR     ? ? ? 
hydrog31 hydrog ? ? A DA 15 N6 ? ? ? 1_555 C DC 9 N3 ? ? A DA 15 C DC 9  1_555 ? ? ? ? ? ? 'DA-DC MISPAIR' ? ? ? 
hydrog32 hydrog ? ? A DC 16 N3 ? ? ? 1_555 C DG 8 N1 ? ? A DC 16 C DG 8  1_555 ? ? ? ? ? ? WATSON-CRICK    ? ? ? 
hydrog33 hydrog ? ? A DC 16 N4 ? ? ? 1_555 C DG 8 O6 ? ? A DC 16 C DG 8  1_555 ? ? ? ? ? ? WATSON-CRICK    ? ? ? 
hydrog34 hydrog ? ? A DC 16 O2 ? ? ? 1_555 C DG 8 N2 ? ? A DC 16 C DG 8  1_555 ? ? ? ? ? ? WATSON-CRICK    ? ? ? 
hydrog35 hydrog ? ? A DA 17 N1 ? ? ? 1_555 C DT 7 N3 ? ? A DA 17 C DT 7  1_555 ? ? ? ? ? ? WATSON-CRICK    ? ? ? 
hydrog36 hydrog ? ? A DA 17 N6 ? ? ? 1_555 C DT 7 O4 ? ? A DA 17 C DT 7  1_555 ? ? ? ? ? ? WATSON-CRICK    ? ? ? 
hydrog37 hydrog ? ? A DC 18 N3 ? ? ? 1_555 C DG 6 N1 ? ? A DC 18 C DG 6  1_555 ? ? ? ? ? ? WATSON-CRICK    ? ? ? 
hydrog38 hydrog ? ? A DC 18 N4 ? ? ? 1_555 C DG 6 O6 ? ? A DC 18 C DG 6  1_555 ? ? ? ? ? ? WATSON-CRICK    ? ? ? 
hydrog39 hydrog ? ? A DC 18 O2 ? ? ? 1_555 C DG 6 N2 ? ? A DC 18 C DG 6  1_555 ? ? ? ? ? ? WATSON-CRICK    ? ? ? 
hydrog40 hydrog ? ? A DT 19 N3 ? ? ? 1_555 C DA 5 N1 ? ? A DT 19 C DA 5  1_555 ? ? ? ? ? ? WATSON-CRICK    ? ? ? 
hydrog41 hydrog ? ? A DT 19 O4 ? ? ? 1_555 C DA 5 N6 ? ? A DT 19 C DA 5  1_555 ? ? ? ? ? ? WATSON-CRICK    ? ? ? 
hydrog42 hydrog ? ? A DC 20 N3 ? ? ? 1_555 C DG 4 N1 ? ? A DC 20 C DG 4  1_555 ? ? ? ? ? ? WATSON-CRICK    ? ? ? 
hydrog43 hydrog ? ? A DC 20 N4 ? ? ? 1_555 C DG 4 O6 ? ? A DC 20 C DG 4  1_555 ? ? ? ? ? ? WATSON-CRICK    ? ? ? 
hydrog44 hydrog ? ? A DC 20 O2 ? ? ? 1_555 C DG 4 N2 ? ? A DC 20 C DG 4  1_555 ? ? ? ? ? ? WATSON-CRICK    ? ? ? 
hydrog45 hydrog ? ? A DA 21 N1 ? ? ? 1_555 C DT 3 N3 ? ? A DA 21 C DT 3  1_555 ? ? ? ? ? ? WATSON-CRICK    ? ? ? 
hydrog46 hydrog ? ? A DA 21 N6 ? ? ? 1_555 C DT 3 O4 ? ? A DA 21 C DT 3  1_555 ? ? ? ? ? ? WATSON-CRICK    ? ? ? 
# 
_struct_conn_type.id          hydrog 
_struct_conn_type.criteria    ? 
_struct_conn_type.reference   ? 
# 
_atom_sites.entry_id                    6WR5 
_atom_sites.Cartn_transf_matrix[1][1]   ? 
_atom_sites.Cartn_transf_matrix[1][2]   ? 
_atom_sites.Cartn_transf_matrix[1][3]   ? 
_atom_sites.Cartn_transf_matrix[2][1]   ? 
_atom_sites.Cartn_transf_matrix[2][2]   ? 
_atom_sites.Cartn_transf_matrix[2][3]   ? 
_atom_sites.Cartn_transf_matrix[3][1]   ? 
_atom_sites.Cartn_transf_matrix[3][2]   ? 
_atom_sites.Cartn_transf_matrix[3][3]   ? 
_atom_sites.Cartn_transf_vector[1]      ? 
_atom_sites.Cartn_transf_vector[2]      ? 
_atom_sites.Cartn_transf_vector[3]      ? 
_atom_sites.fract_transf_matrix[1][1]   0.00224043 
_atom_sites.fract_transf_matrix[1][2]   0.00894788 
_atom_sites.fract_transf_matrix[1][3]   -0.01405864 
_atom_sites.fract_transf_matrix[2][1]   -0.00847697 
_atom_sites.fract_transf_matrix[2][2]   -0.00400805 
_atom_sites.fract_transf_matrix[2][3]   -0.01395661 
_atom_sites.fract_transf_matrix[3][1]   -0.01231143 
_atom_sites.fract_transf_matrix[3][2]   0.01022003 
_atom_sites.fract_transf_matrix[3][3]   0.00454274 
_atom_sites.fract_transf_vector[1]      0.284330 
_atom_sites.fract_transf_vector[2]      -0.297497 
_atom_sites.fract_transf_vector[3]      0.206400 
_atom_sites.solution_primary            ? 
_atom_sites.solution_secondary          ? 
_atom_sites.solution_hydrogens          ? 
_atom_sites.special_details             ? 
# 
loop_
_atom_type.symbol 
AS 
C  
N  
O  
P  
# 
loop_
_atom_site.group_PDB 
_atom_site.id 
_atom_site.type_symbol 
_atom_site.label_atom_id 
_atom_site.label_alt_id 
_atom_site.label_comp_id 
_atom_site.label_asym_id 
_atom_site.label_entity_id 
_atom_site.label_seq_id 
_atom_site.pdbx_PDB_ins_code 
_atom_site.Cartn_x 
_atom_site.Cartn_y 
_atom_site.Cartn_z 
_atom_site.occupancy 
_atom_site.B_iso_or_equiv 
_atom_site.pdbx_formal_charge 
_atom_site.auth_seq_id 
_atom_site.auth_comp_id 
_atom_site.auth_asym_id 
_atom_site.auth_atom_id 
_atom_site.pdbx_PDB_model_num 
ATOM   1   O  "O5'" . DG  A 1 1  ? 9.486   1.192   33.821  1.00 145.23 ? 1   DG  A "O5'" 1 
ATOM   2   C  "C5'" . DG  A 1 1  ? 10.761  1.177   34.454  1.00 145.58 ? 1   DG  A "C5'" 1 
ATOM   3   C  "C4'" . DG  A 1 1  ? 11.291  -0.241  34.563  1.00 150.69 ? 1   DG  A "C4'" 1 
ATOM   4   O  "O4'" . DG  A 1 1  ? 10.383  -1.030  35.351  1.00 161.09 ? 1   DG  A "O4'" 1 
ATOM   5   C  "C3'" . DG  A 1 1  ? 11.399  -0.990  33.249  1.00 157.22 ? 1   DG  A "C3'" 1 
ATOM   6   O  "O3'" . DG  A 1 1  ? 12.649  -0.709  32.635  1.00 153.39 ? 1   DG  A "O3'" 1 
ATOM   7   C  "C2'" . DG  A 1 1  ? 11.315  -2.455  33.687  1.00 150.38 ? 1   DG  A "C2'" 1 
ATOM   8   C  "C1'" . DG  A 1 1  ? 10.516  -2.389  34.993  1.00 140.83 ? 1   DG  A "C1'" 1 
ATOM   9   N  N9    . DG  A 1 1  ? 9.184   -2.989  34.919  1.00 133.29 ? 1   DG  A N9    1 
ATOM   10  C  C8    . DG  A 1 1  ? 7.982   -2.358  35.124  1.00 130.02 ? 1   DG  A C8    1 
ATOM   11  N  N7    . DG  A 1 1  ? 6.952   -3.150  35.011  1.00 125.63 ? 1   DG  A N7    1 
ATOM   12  C  C5    . DG  A 1 1  ? 7.506   -4.388  34.716  1.00 125.73 ? 1   DG  A C5    1 
ATOM   13  C  C6    . DG  A 1 1  ? 6.879   -5.635  34.486  1.00 123.54 ? 1   DG  A C6    1 
ATOM   14  O  O6    . DG  A 1 1  ? 5.667   -5.899  34.496  1.00 118.45 ? 1   DG  A O6    1 
ATOM   15  N  N1    . DG  A 1 1  ? 7.810   -6.637  34.222  1.00 126.82 ? 1   DG  A N1    1 
ATOM   16  C  C2    . DG  A 1 1  ? 9.173   -6.456  34.184  1.00 130.14 ? 1   DG  A C2    1 
ATOM   17  N  N2    . DG  A 1 1  ? 9.910   -7.544  33.914  1.00 128.92 ? 1   DG  A N2    1 
ATOM   18  N  N3    . DG  A 1 1  ? 9.773   -5.293  34.401  1.00 130.51 ? 1   DG  A N3    1 
ATOM   19  C  C4    . DG  A 1 1  ? 8.881   -4.307  34.659  1.00 129.59 ? 1   DG  A C4    1 
ATOM   20  P  P     . DA  A 1 2  ? 12.769  -0.642  31.035  1.00 157.18 ? 2   DA  A P     1 
ATOM   21  O  OP1   . DA  A 1 2  ? 14.027  0.069   30.715  1.00 154.73 ? 2   DA  A OP1   1 
ATOM   22  O  OP2   . DA  A 1 2  ? 11.480  -0.135  30.515  1.00 155.08 ? 2   DA  A OP2   1 
ATOM   23  O  "O5'" . DA  A 1 2  ? 12.896  -2.175  30.587  1.00 148.01 ? 2   DA  A "O5'" 1 
ATOM   24  C  "C5'" . DA  A 1 2  ? 14.035  -2.943  30.970  1.00 143.51 ? 2   DA  A "C5'" 1 
ATOM   25  C  "C4'" . DA  A 1 2  ? 13.780  -4.431  30.778  1.00 143.21 ? 2   DA  A "C4'" 1 
ATOM   26  O  "O4'" . DA  A 1 2  ? 12.506  -4.784  31.380  1.00 137.62 ? 2   DA  A "O4'" 1 
ATOM   27  C  "C3'" . DA  A 1 2  ? 13.700  -4.901  29.326  1.00 145.11 ? 2   DA  A "C3'" 1 
ATOM   28  O  "O3'" . DA  A 1 2  ? 14.228  -6.227  29.209  1.00 148.09 ? 2   DA  A "O3'" 1 
ATOM   29  C  "C2'" . DA  A 1 2  ? 12.201  -4.868  29.048  1.00 141.41 ? 2   DA  A "C2'" 1 
ATOM   30  C  "C1'" . DA  A 1 2  ? 11.631  -5.297  30.395  1.00 137.79 ? 2   DA  A "C1'" 1 
ATOM   31  N  N9    . DA  A 1 2  ? 10.293  -4.771  30.652  1.00 136.19 ? 2   DA  A N9    1 
ATOM   32  C  C8    . DA  A 1 2  ? 9.952   -3.472  30.905  1.00 137.06 ? 2   DA  A C8    1 
ATOM   33  N  N7    . DA  A 1 2  ? 8.670   -3.288  31.102  1.00 135.12 ? 2   DA  A N7    1 
ATOM   34  C  C5    . DA  A 1 2  ? 8.128   -4.554  30.964  1.00 132.54 ? 2   DA  A C5    1 
ATOM   35  C  C6    . DA  A 1 2  ? 6.809   -5.035  31.054  1.00 128.76 ? 2   DA  A C6    1 
ATOM   36  N  N6    . DA  A 1 2  ? 5.758   -4.251  31.317  1.00 124.78 ? 2   DA  A N6    1 
ATOM   37  N  N1    . DA  A 1 2  ? 6.611   -6.357  30.864  1.00 128.96 ? 2   DA  A N1    1 
ATOM   38  C  C2    . DA  A 1 2  ? 7.668   -7.137  30.604  1.00 131.07 ? 2   DA  A C2    1 
ATOM   39  N  N3    . DA  A 1 2  ? 8.952   -6.800  30.493  1.00 133.39 ? 2   DA  A N3    1 
ATOM   40  C  C4    . DA  A 1 2  ? 9.117   -5.482  30.688  1.00 134.73 ? 2   DA  A C4    1 
ATOM   41  P  P     . DG  A 1 3  ? 14.221  -6.991  27.791  1.00 153.87 ? 3   DG  A P     1 
ATOM   42  O  OP1   . DG  A 1 3  ? 15.239  -8.063  27.870  1.00 152.56 ? 3   DG  A OP1   1 
ATOM   43  O  OP2   . DG  A 1 3  ? 14.310  -5.969  26.724  1.00 151.12 ? 3   DG  A OP2   1 
ATOM   44  O  "O5'" . DG  A 1 3  ? 12.769  -7.671  27.719  1.00 138.95 ? 3   DG  A "O5'" 1 
ATOM   45  C  "C5'" . DG  A 1 3  ? 12.271  -8.183  26.479  1.00 139.22 ? 3   DG  A "C5'" 1 
ATOM   46  C  "C4'" . DG  A 1 3  ? 11.217  -9.254  26.719  1.00 139.76 ? 3   DG  A "C4'" 1 
ATOM   47  O  "O4'" . DG  A 1 3  ? 10.168  -8.727  27.575  1.00 135.52 ? 3   DG  A "O4'" 1 
ATOM   48  C  "C3'" . DG  A 1 3  ? 10.503  -9.751  25.468  1.00 142.54 ? 3   DG  A "C3'" 1 
ATOM   49  O  "O3'" . DG  A 1 3  ? 10.091  -11.103 25.658  1.00 148.23 ? 3   DG  A "O3'" 1 
ATOM   50  C  "C2'" . DG  A 1 3  ? 9.308   -8.808  25.390  1.00 142.33 ? 3   DG  A "C2'" 1 
ATOM   51  C  "C1'" . DG  A 1 3  ? 8.941   -8.685  26.863  1.00 136.48 ? 3   DG  A "C1'" 1 
ATOM   52  N  N9    . DG  A 1 3  ? 8.258   -7.440  27.207  1.00 132.48 ? 3   DG  A N9    1 
ATOM   53  C  C8    . DG  A 1 3  ? 8.845   -6.225  27.464  1.00 132.85 ? 3   DG  A C8    1 
ATOM   54  N  N7    . DG  A 1 3  ? 7.992   -5.286  27.763  1.00 131.22 ? 3   DG  A N7    1 
ATOM   55  C  C5    . DG  A 1 3  ? 6.757   -5.915  27.705  1.00 131.93 ? 3   DG  A C5    1 
ATOM   56  C  C6    . DG  A 1 3  ? 5.461   -5.396  27.938  1.00 129.70 ? 3   DG  A C6    1 
ATOM   57  O  O6    . DG  A 1 3  ? 5.140   -4.240  28.247  1.00 128.56 ? 3   DG  A O6    1 
ATOM   58  N  N1    . DG  A 1 3  ? 4.480   -6.369  27.777  1.00 128.74 ? 3   DG  A N1    1 
ATOM   59  C  C2    . DG  A 1 3  ? 4.717   -7.681  27.437  1.00 132.12 ? 3   DG  A C2    1 
ATOM   60  N  N2    . DG  A 1 3  ? 3.637   -8.472  27.327  1.00 131.60 ? 3   DG  A N2    1 
ATOM   61  N  N3    . DG  A 1 3  ? 5.931   -8.184  27.216  1.00 133.29 ? 3   DG  A N3    1 
ATOM   62  C  C4    . DG  A 1 3  ? 6.900   -7.246  27.369  1.00 132.04 ? 3   DG  A C4    1 
ATOM   63  P  P     . DC  A 1 4  ? 9.949   -12.100 24.404  1.00 158.05 ? 4   DC  A P     1 
ATOM   64  O  OP1   . DC  A 1 4  ? 10.940  -13.187 24.575  1.00 157.66 ? 4   DC  A OP1   1 
ATOM   65  O  OP2   . DC  A 1 4  ? 9.956   -11.287 23.169  1.00 151.56 ? 4   DC  A OP2   1 
ATOM   66  O  "O5'" . DC  A 1 4  ? 8.482   -12.713 24.569  1.00 155.46 ? 4   DC  A "O5'" 1 
ATOM   67  C  "C5'" . DC  A 1 4  ? 7.434   -11.902 25.085  1.00 159.55 ? 4   DC  A "C5'" 1 
ATOM   68  C  "C4'" . DC  A 1 4  ? 6.115   -12.204 24.398  1.00 156.40 ? 4   DC  A "C4'" 1 
ATOM   69  O  "O4'" . DC  A 1 4  ? 5.180   -11.129 24.679  1.00 148.99 ? 4   DC  A "O4'" 1 
ATOM   70  C  "C3'" . DC  A 1 4  ? 6.181   -12.288 22.878  1.00 152.58 ? 4   DC  A "C3'" 1 
ATOM   71  O  "O3'" . DC  A 1 4  ? 5.134   -13.129 22.391  1.00 155.96 ? 4   DC  A "O3'" 1 
ATOM   72  C  "C2'" . DC  A 1 4  ? 5.968   -10.834 22.474  1.00 148.01 ? 4   DC  A "C2'" 1 
ATOM   73  C  "C1'" . DC  A 1 4  ? 4.932   -10.383 23.500  1.00 145.47 ? 4   DC  A "C1'" 1 
ATOM   74  N  N1    . DC  A 1 4  ? 5.005   -8.922  23.828  1.00 138.99 ? 4   DC  A N1    1 
ATOM   75  C  C2    . DC  A 1 4  ? 3.831   -8.219  24.120  1.00 135.24 ? 4   DC  A C2    1 
ATOM   76  O  O2    . DC  A 1 4  ? 2.749   -8.817  24.109  1.00 135.21 ? 4   DC  A O2    1 
ATOM   77  N  N3    . DC  A 1 4  ? 3.914   -6.896  24.414  1.00 131.95 ? 4   DC  A N3    1 
ATOM   78  C  C4    . DC  A 1 4  ? 5.101   -6.284  24.418  1.00 131.28 ? 4   DC  A C4    1 
ATOM   79  N  N4    . DC  A 1 4  ? 5.133   -4.981  24.713  1.00 127.45 ? 4   DC  A N4    1 
ATOM   80  C  C5    . DC  A 1 4  ? 6.307   -6.983  24.118  1.00 134.42 ? 4   DC  A C5    1 
ATOM   81  C  C6    . DC  A 1 4  ? 6.213   -8.287  23.831  1.00 136.57 ? 4   DC  A C6    1 
ATOM   82  P  P     . DA  A 1 5  ? 5.189   -13.731 20.899  1.00 162.22 ? 5   DA  A P     1 
ATOM   83  O  OP1   . DA  A 1 5  ? 5.372   -15.196 21.015  1.00 163.19 ? 5   DA  A OP1   1 
ATOM   84  O  OP2   . DA  A 1 5  ? 6.154   -12.928 20.114  1.00 158.51 ? 5   DA  A OP2   1 
ATOM   85  O  "O5'" . DA  A 1 5  ? 3.724   -13.447 20.321  1.00 150.30 ? 5   DA  A "O5'" 1 
ATOM   86  C  "C5'" . DA  A 1 5  ? 2.576   -13.826 21.075  1.00 148.47 ? 5   DA  A "C5'" 1 
ATOM   87  C  "C4'" . DA  A 1 5  ? 1.418   -12.871 20.826  1.00 149.92 ? 5   DA  A "C4'" 1 
ATOM   88  O  "O4'" . DA  A 1 5  ? 1.756   -11.550 21.326  1.00 145.34 ? 5   DA  A "O4'" 1 
ATOM   89  C  "C3'" . DA  A 1 5  ? 1.025   -12.690 19.356  1.00 149.11 ? 5   DA  A "C3'" 1 
ATOM   90  O  "O3'" . DA  A 1 5  ? -0.391  -12.771 19.218  1.00 156.16 ? 5   DA  A "O3'" 1 
ATOM   91  C  "C2'" . DA  A 1 5  ? 1.545   -11.293 19.015  1.00 143.63 ? 5   DA  A "C2'" 1 
ATOM   92  C  "C1'" . DA  A 1 5  ? 1.434   -10.582 20.355  1.00 141.51 ? 5   DA  A "C1'" 1 
ATOM   93  N  N9    . DA  A 1 5  ? 2.365   -9.463  20.502  1.00 138.58 ? 5   DA  A N9    1 
ATOM   94  C  C8    . DA  A 1 5  ? 3.720   -9.499  20.335  1.00 137.56 ? 5   DA  A C8    1 
ATOM   95  N  N7    . DA  A 1 5  ? 4.311   -8.345  20.539  1.00 133.25 ? 5   DA  A N7    1 
ATOM   96  C  C5    . DA  A 1 5  ? 3.271   -7.491  20.862  1.00 133.14 ? 5   DA  A C5    1 
ATOM   97  C  C6    . DA  A 1 5  ? 3.236   -6.122  21.188  1.00 129.38 ? 5   DA  A C6    1 
ATOM   98  N  N6    . DA  A 1 5  ? 4.328   -5.349  21.241  1.00 126.15 ? 5   DA  A N6    1 
ATOM   99  N  N1    . DA  A 1 5  ? 2.032   -5.574  21.457  1.00 128.90 ? 5   DA  A N1    1 
ATOM   100 C  C2    . DA  A 1 5  ? 0.943   -6.352  21.405  1.00 130.45 ? 5   DA  A C2    1 
ATOM   101 N  N3    . DA  A 1 5  ? 0.851   -7.648  21.109  1.00 130.41 ? 5   DA  A N3    1 
ATOM   102 C  C4    . DA  A 1 5  ? 2.063   -8.165  20.847  1.00 134.07 ? 5   DA  A C4    1 
ATOM   103 P  P     . DG  A 1 6  ? -1.049  -13.124 17.793  1.00 158.15 ? 6   DG  A P     1 
ATOM   104 O  OP1   . DG  A 1 6  ? -2.317  -13.837 18.058  1.00 156.35 ? 6   DG  A OP1   1 
ATOM   105 O  OP2   . DG  A 1 6  ? -0.007  -13.767 16.962  1.00 149.87 ? 6   DG  A OP2   1 
ATOM   106 O  "O5'" . DG  A 1 6  ? -1.390  -11.694 17.159  1.00 150.89 ? 6   DG  A "O5'" 1 
ATOM   107 C  "C5'" . DG  A 1 6  ? -2.752  -11.306 16.969  1.00 147.80 ? 6   DG  A "C5'" 1 
ATOM   108 C  "C4'" . DG  A 1 6  ? -2.985  -9.878  17.439  1.00 146.18 ? 6   DG  A "C4'" 1 
ATOM   109 O  "O4'" . DG  A 1 6  ? -1.782  -9.362  18.024  1.00 139.13 ? 6   DG  A "O4'" 1 
ATOM   110 C  "C3'" . DG  A 1 6  ? -3.350  -8.885  16.340  1.00 149.37 ? 6   DG  A "C3'" 1 
ATOM   111 O  "O3'" . DG  A 1 6  ? -4.763  -8.725  16.285  1.00 154.72 ? 6   DG  A "O3'" 1 
ATOM   112 C  "C2'" . DG  A 1 6  ? -2.655  -7.574  16.760  1.00 140.72 ? 6   DG  A "C2'" 1 
ATOM   113 C  "C1'" . DG  A 1 6  ? -1.837  -7.959  17.994  1.00 136.53 ? 6   DG  A "C1'" 1 
ATOM   114 N  N9    . DG  A 1 6  ? -0.465  -7.456  17.988  1.00 131.65 ? 6   DG  A N9    1 
ATOM   115 C  C8    . DG  A 1 6  ? 0.672   -8.191  17.767  1.00 131.17 ? 6   DG  A C8    1 
ATOM   116 N  N7    . DG  A 1 6  ? 1.768   -7.493  17.839  1.00 128.48 ? 6   DG  A N7    1 
ATOM   117 C  C5    . DG  A 1 6  ? 1.337   -6.208  18.132  1.00 126.78 ? 6   DG  A C5    1 
ATOM   118 C  C6    . DG  A 1 6  ? 2.086   -5.024  18.328  1.00 122.89 ? 6   DG  A C6    1 
ATOM   119 O  O6    . DG  A 1 6  ? 3.317   -4.883  18.275  1.00 118.13 ? 6   DG  A O6    1 
ATOM   120 N  N1    . DG  A 1 6  ? 1.265   -3.934  18.608  1.00 124.77 ? 6   DG  A N1    1 
ATOM   121 C  C2    . DG  A 1 6  ? -0.112  -3.985  18.691  1.00 125.97 ? 6   DG  A C2    1 
ATOM   122 N  N2    . DG  A 1 6  ? -0.736  -2.831  18.968  1.00 125.22 ? 6   DG  A N2    1 
ATOM   123 N  N3    . DG  A 1 6  ? -0.828  -5.094  18.506  1.00 126.46 ? 6   DG  A N3    1 
ATOM   124 C  C4    . DG  A 1 6  ? -0.038  -6.164  18.232  1.00 129.40 ? 6   DG  A C4    1 
ATOM   125 P  P     . DA  A 1 7  ? -5.471  -8.194  14.943  1.00 165.36 ? 7   DA  A P     1 
ATOM   126 O  OP1   . DA  A 1 7  ? -6.923  -8.438  15.088  1.00 166.32 ? 7   DA  A OP1   1 
ATOM   127 O  OP2   . DA  A 1 7  ? -4.738  -8.780  13.800  1.00 171.85 ? 7   DA  A OP2   1 
ATOM   128 O  "O5'" . DA  A 1 7  ? -5.204  -6.612  14.956  1.00 151.05 ? 7   DA  A "O5'" 1 
ATOM   129 C  "C5'" . DA  A 1 7  ? -5.802  -5.796  15.962  1.00 147.91 ? 7   DA  A "C5'" 1 
ATOM   130 C  "C4'" . DA  A 1 7  ? -5.215  -4.390  15.954  1.00 143.67 ? 7   DA  A "C4'" 1 
ATOM   131 O  "O4'" . DA  A 1 7  ? -3.815  -4.441  16.304  1.00 134.99 ? 7   DA  A "O4'" 1 
ATOM   132 C  "C3'" . DA  A 1 7  ? -5.299  -3.649  14.613  1.00 141.90 ? 7   DA  A "C3'" 1 
ATOM   133 O  "O3'" . DA  A 1 7  ? -6.111  -2.486  14.752  1.00 143.05 ? 7   DA  A "O3'" 1 
ATOM   134 C  "C2'" . DA  A 1 7  ? -3.843  -3.285  14.282  1.00 135.67 ? 7   DA  A "C2'" 1 
ATOM   135 C  "C1'" . DA  A 1 7  ? -3.140  -3.412  15.627  1.00 130.71 ? 7   DA  A "C1'" 1 
ATOM   136 N  N9    . DA  A 1 7  ? -1.731  -3.791  15.517  1.00 127.49 ? 7   DA  A N9    1 
ATOM   137 C  C8    . DA  A 1 7  ? -1.244  -5.037  15.240  1.00 125.66 ? 7   DA  A C8    1 
ATOM   138 N  N7    . DA  A 1 7  ? 0.063   -5.101  15.207  1.00 120.12 ? 7   DA  A N7    1 
ATOM   139 C  C5    . DA  A 1 7  ? 0.468   -3.807  15.479  1.00 120.43 ? 7   DA  A C5    1 
ATOM   140 C  C6    . DA  A 1 7  ? 1.742   -3.222  15.584  1.00 116.29 ? 7   DA  A C6    1 
ATOM   141 N  N6    . DA  A 1 7  ? 2.875   -3.909  15.417  1.00 113.62 ? 7   DA  A N6    1 
ATOM   142 N  N1    . DA  A 1 7  ? 1.807   -1.904  15.868  1.00 114.59 ? 7   DA  A N1    1 
ATOM   143 C  C2    . DA  A 1 7  ? 0.663   -1.222  16.035  1.00 115.93 ? 7   DA  A C2    1 
ATOM   144 N  N3    . DA  A 1 7  ? -0.597  -1.666  15.959  1.00 119.51 ? 7   DA  A N3    1 
ATOM   145 C  C4    . DA  A 1 7  ? -0.624  -2.981  15.677  1.00 123.62 ? 7   DA  A C4    1 
ATOM   146 P  P     . DC  A 1 8  ? -6.480  -1.593  13.467  1.00 152.56 ? 8   DC  A P     1 
ATOM   147 O  OP1   . DC  A 1 8  ? -7.779  -0.939  13.743  1.00 153.13 ? 8   DC  A OP1   1 
ATOM   148 O  OP2   . DC  A 1 8  ? -6.322  -2.451  12.271  1.00 150.11 ? 8   DC  A OP2   1 
ATOM   149 O  "O5'" . DC  A 1 8  ? -5.343  -0.464  13.432  1.00 139.07 ? 8   DC  A "O5'" 1 
ATOM   150 C  "C5'" . DC  A 1 8  ? -5.168  0.415   14.543  1.00 131.33 ? 8   DC  A "C5'" 1 
ATOM   151 C  "C4'" . DC  A 1 8  ? -4.102  1.459   14.246  1.00 128.89 ? 8   DC  A "C4'" 1 
ATOM   152 O  "O4'" . DC  A 1 8  ? -2.782  0.870   14.399  1.00 128.10 ? 8   DC  A "O4'" 1 
ATOM   153 C  "C3'" . DC  A 1 8  ? -4.150  2.056   12.837  1.00 126.41 ? 8   DC  A "C3'" 1 
ATOM   154 O  "O3'" . DC  A 1 8  ? -3.993  3.474   12.903  1.00 129.16 ? 8   DC  A "O3'" 1 
ATOM   155 C  "C2'" . DC  A 1 8  ? -2.975  1.385   12.123  1.00 122.88 ? 8   DC  A "C2'" 1 
ATOM   156 C  "C1'" . DC  A 1 8  ? -1.996  1.154   13.263  1.00 124.58 ? 8   DC  A "C1'" 1 
ATOM   157 N  N1    . DC  A 1 8  ? -1.092  -0.005  13.022  1.00 120.54 ? 8   DC  A N1    1 
ATOM   158 C  C2    . DC  A 1 8  ? 0.296   0.172   13.047  1.00 115.71 ? 8   DC  A C2    1 
ATOM   159 O  O2    . DC  A 1 8  ? 0.756   1.297   13.276  1.00 114.75 ? 8   DC  A O2    1 
ATOM   160 N  N3    . DC  A 1 8  ? 1.097   -0.902  12.820  1.00 110.91 ? 8   DC  A N3    1 
ATOM   161 C  C4    . DC  A 1 8  ? 0.556   -2.098  12.579  1.00 112.97 ? 8   DC  A C4    1 
ATOM   162 N  N4    . DC  A 1 8  ? 1.380   -3.129  12.363  1.00 110.47 ? 8   DC  A N4    1 
ATOM   163 C  C5    . DC  A 1 8  ? -0.857  -2.292  12.546  1.00 118.90 ? 8   DC  A C5    1 
ATOM   164 C  C6    . DC  A 1 8  ? -1.632  -1.229  12.770  1.00 120.89 ? 8   DC  A C6    1 
ATOM   165 P  P     . DA  A 1 9  ? -3.766  4.341   11.567  1.00 136.97 ? 9   DA  A P     1 
ATOM   166 O  OP1   . DA  A 1 9  ? -4.363  5.673   11.803  1.00 138.26 ? 9   DA  A OP1   1 
ATOM   167 O  OP2   . DA  A 1 9  ? -4.218  3.550   10.400  1.00 127.30 ? 9   DA  A OP2   1 
ATOM   168 O  "O5'" . DA  A 1 9  ? -2.176  4.513   11.487  1.00 119.58 ? 9   DA  A "O5'" 1 
ATOM   169 C  "C5'" . DA  A 1 9  ? -1.482  5.185   12.535  1.00 120.32 ? 9   DA  A "C5'" 1 
ATOM   170 C  "C4'" . DA  A 1 9  ? -0.079  5.589   12.102  1.00 119.46 ? 9   DA  A "C4'" 1 
ATOM   171 O  "O4'" . DA  A 1 9  ? 0.774   4.417   12.011  1.00 122.26 ? 9   DA  A "O4'" 1 
ATOM   172 C  "C3'" . DA  A 1 9  ? 0.025   6.278   10.744  1.00 114.64 ? 9   DA  A "C3'" 1 
ATOM   173 O  "O3'" . DA  A 1 9  ? 1.075   7.239   10.796  1.00 114.65 ? 9   DA  A "O3'" 1 
ATOM   174 C  "C2'" . DA  A 1 9  ? 0.368   5.116   9.813   1.00 114.58 ? 9   DA  A "C2'" 1 
ATOM   175 C  "C1'" . DA  A 1 9  ? 1.303   4.311   10.701  1.00 115.24 ? 9   DA  A "C1'" 1 
ATOM   176 N  N9    . DA  A 1 9  ? 1.381   2.891   10.372  1.00 111.79 ? 9   DA  A N9    1 
ATOM   177 C  C8    . DA  A 1 9  ? 0.354   1.991   10.380  1.00 111.28 ? 9   DA  A C8    1 
ATOM   178 N  N7    . DA  A 1 9  ? 0.718   0.768   10.076  1.00 109.32 ? 9   DA  A N7    1 
ATOM   179 C  C5    . DA  A 1 9  ? 2.081   0.869   9.865   1.00 101.93 ? 9   DA  A C5    1 
ATOM   180 C  C6    . DA  A 1 9  ? 3.055   -0.084  9.509   1.00 93.30  ? 9   DA  A C6    1 
ATOM   181 N  N6    . DA  A 1 9  ? 2.776   -1.375  9.301   1.00 92.20  ? 9   DA  A N6    1 
ATOM   182 N  N1    . DA  A 1 9  ? 4.329   0.344   9.377   1.00 91.28  ? 9   DA  A N1    1 
ATOM   183 C  C2    . DA  A 1 9  ? 4.600   1.641   9.585   1.00 94.23  ? 9   DA  A C2    1 
ATOM   184 N  N3    . DA  A 1 9  ? 3.768   2.629   9.924   1.00 99.13  ? 9   DA  A N3    1 
ATOM   185 C  C4    . DA  A 1 9  ? 2.511   2.171   10.047  1.00 104.54 ? 9   DA  A C4    1 
ATOM   186 P  P     . DT  A 1 10 ? 1.446   8.132   9.511   1.00 123.31 ? 10  DT  A P     1 
ATOM   187 O  OP1   . DT  A 1 10 ? 2.300   9.243   9.984   1.00 120.68 ? 10  DT  A OP1   1 
ATOM   188 O  OP2   . DT  A 1 10 ? 0.200   8.414   8.766   1.00 129.58 ? 10  DT  A OP2   1 
ATOM   189 O  "O5'" . DT  A 1 10 ? 2.365   7.172   8.623   1.00 117.66 ? 10  DT  A "O5'" 1 
ATOM   190 C  "C5'" . DT  A 1 10 ? 3.573   6.650   9.162   1.00 112.14 ? 10  DT  A "C5'" 1 
ATOM   191 C  "C4'" . DT  A 1 10 ? 4.744   6.932   8.241   1.00 108.78 ? 10  DT  A "C4'" 1 
ATOM   192 O  "O4'" . DT  A 1 10 ? 5.331   5.681   7.814   1.00 110.36 ? 10  DT  A "O4'" 1 
ATOM   193 C  "C3'" . DT  A 1 10 ? 4.392   7.666   6.957   1.00 105.37 ? 10  DT  A "C3'" 1 
ATOM   194 O  "O3'" . DT  A 1 10 ? 5.524   8.396   6.488   1.00 104.94 ? 10  DT  A "O3'" 1 
ATOM   195 C  "C2'" . DT  A 1 10 ? 4.026   6.521   6.018   1.00 101.57 ? 10  DT  A "C2'" 1 
ATOM   196 C  "C1'" . DT  A 1 10 ? 4.976   5.408   6.471   1.00 101.38 ? 10  DT  A "C1'" 1 
ATOM   197 N  N1    . DT  A 1 10 ? 4.368   4.043   6.418   1.00 96.82  ? 10  DT  A N1    1 
ATOM   198 C  C2    . DT  A 1 10 ? 5.167   2.961   6.134   1.00 91.38  ? 10  DT  A C2    1 
ATOM   199 O  O2    . DT  A 1 10 ? 6.362   3.051   5.918   1.00 87.77  ? 10  DT  A O2    1 
ATOM   200 N  N3    . DT  A 1 10 ? 4.512   1.757   6.114   1.00 84.95  ? 10  DT  A N3    1 
ATOM   201 C  C4    . DT  A 1 10 ? 3.167   1.531   6.343   1.00 87.08  ? 10  DT  A C4    1 
ATOM   202 O  O4    . DT  A 1 10 ? 2.670   0.409   6.302   1.00 84.65  ? 10  DT  A O4    1 
ATOM   203 C  C5    . DT  A 1 10 ? 2.392   2.711   6.633   1.00 94.03  ? 10  DT  A C5    1 
ATOM   204 C  C7    . DT  A 1 10 ? 0.922   2.595   6.898   1.00 99.79  ? 10  DT  A C7    1 
ATOM   205 C  C6    . DT  A 1 10 ? 3.019   3.896   6.656   1.00 95.51  ? 10  DT  A C6    1 
ATOM   206 P  P     . DG  A 1 11 ? 5.336   9.616   5.457   1.00 120.73 ? 11  DG  A P     1 
ATOM   207 O  OP1   . DG  A 1 11 ? 5.821   10.846  6.125   1.00 114.96 ? 11  DG  A OP1   1 
ATOM   208 O  OP2   . DG  A 1 11 ? 3.951   9.560   4.939   1.00 120.64 ? 11  DG  A OP2   1 
ATOM   209 O  "O5'" . DG  A 1 11 ? 6.338   9.258   4.259   1.00 112.34 ? 11  DG  A "O5'" 1 
ATOM   210 C  "C5'" . DG  A 1 11 ? 7.743   9.171   4.504   1.00 107.22 ? 11  DG  A "C5'" 1 
ATOM   211 C  "C4'" . DG  A 1 11 ? 8.409   8.194   3.544   1.00 102.07 ? 11  DG  A "C4'" 1 
ATOM   212 O  "O4'" . DG  A 1 11 ? 7.855   6.871   3.732   1.00 99.21  ? 11  DG  A "O4'" 1 
ATOM   213 C  "C3'" . DG  A 1 11 ? 8.265   8.525   2.055   1.00 100.51 ? 11  DG  A "C3'" 1 
ATOM   214 O  "O3'" . DG  A 1 11 ? 9.550   8.527   1.443   1.00 99.00  ? 11  DG  A "O3'" 1 
ATOM   215 C  "C2'" . DG  A 1 11 ? 7.370   7.405   1.502   1.00 97.01  ? 11  DG  A "C2'" 1 
ATOM   216 C  "C1'" . DG  A 1 11 ? 7.606   6.267   2.484   1.00 94.51  ? 11  DG  A "C1'" 1 
ATOM   217 N  N9    . DG  A 1 11 ? 6.450   5.387   2.650   1.00 90.72  ? 11  DG  A N9    1 
ATOM   218 C  C8    . DG  A 1 11 ? 5.183   5.761   3.019   1.00 92.83  ? 11  DG  A C8    1 
ATOM   219 N  N7    . DG  A 1 11 ? 4.348   4.763   3.111   1.00 88.97  ? 11  DG  A N7    1 
ATOM   220 C  C5    . DG  A 1 11 ? 5.111   3.651   2.785   1.00 85.55  ? 11  DG  A C5    1 
ATOM   221 C  C6    . DG  A 1 11 ? 4.743   2.284   2.714   1.00 83.60  ? 11  DG  A C6    1 
ATOM   222 O  O6    . DG  A 1 11 ? 3.633   1.774   2.930   1.00 86.51  ? 11  DG  A O6    1 
ATOM   223 N  N1    . DG  A 1 11 ? 5.817   1.483   2.346   1.00 82.70  ? 11  DG  A N1    1 
ATOM   224 C  C2    . DG  A 1 11 ? 7.089   1.939   2.082   1.00 86.47  ? 11  DG  A C2    1 
ATOM   225 N  N2    . DG  A 1 11 ? 7.995   1.012   1.744   1.00 85.29  ? 11  DG  A N2    1 
ATOM   226 N  N3    . DG  A 1 11 ? 7.450   3.219   2.146   1.00 89.82  ? 11  DG  A N3    1 
ATOM   227 C  C4    . DG  A 1 11 ? 6.412   4.015   2.503   1.00 86.14  ? 11  DG  A C4    1 
ATOM   228 P  P     . DA  A 1 12 ? 9.714   8.848   -0.123  1.00 109.19 ? 12  DA  A P     1 
ATOM   229 O  OP1   . DA  A 1 12 ? 11.005  9.548   -0.297  1.00 109.21 ? 12  DA  A OP1   1 
ATOM   230 O  OP2   . DA  A 1 12 ? 8.467   9.480   -0.604  1.00 107.38 ? 12  DA  A OP2   1 
ATOM   231 O  "O5'" . DA  A 1 12 ? 9.821   7.402   -0.792  1.00 105.09 ? 12  DA  A "O5'" 1 
ATOM   232 C  "C5'" . DA  A 1 12 ? 10.588  6.382   -0.161  1.00 101.30 ? 12  DA  A "C5'" 1 
ATOM   233 C  "C4'" . DA  A 1 12 ? 10.384  5.051   -0.863  1.00 101.51 ? 12  DA  A "C4'" 1 
ATOM   234 O  "O4'" . DA  A 1 12 ? 9.196   4.401   -0.333  1.00 99.46  ? 12  DA  A "O4'" 1 
ATOM   235 C  "C3'" . DA  A 1 12 ? 10.176  5.154   -2.381  1.00 97.42  ? 12  DA  A "C3'" 1 
ATOM   236 O  "O3'" . DA  A 1 12 ? 11.002  4.219   -3.070  1.00 111.10 ? 12  DA  A "O3'" 1 
ATOM   237 C  "C2'" . DA  A 1 12 ? 8.700   4.823   -2.559  1.00 94.04  ? 12  DA  A "C2'" 1 
ATOM   238 C  "C1'" . DA  A 1 12 ? 8.456   3.871   -1.403  1.00 89.68  ? 12  DA  A "C1'" 1 
ATOM   239 N  N9    . DA  A 1 12 ? 7.047   3.796   -1.023  1.00 88.55  ? 12  DA  A N9    1 
ATOM   240 C  C8    . DA  A 1 12 ? 6.235   4.837   -0.676  1.00 82.45  ? 12  DA  A C8    1 
ATOM   241 N  N7    . DA  A 1 12 ? 5.003   4.481   -0.401  1.00 82.05  ? 12  DA  A N7    1 
ATOM   242 C  C5    . DA  A 1 12 ? 5.005   3.107   -0.588  1.00 79.66  ? 12  DA  A C5    1 
ATOM   243 C  C6    . DA  A 1 12 ? 3.995   2.135   -0.457  1.00 74.32  ? 12  DA  A C6    1 
ATOM   244 N  N6    . DA  A 1 12 ? 2.745   2.425   -0.088  1.00 76.56  ? 12  DA  A N6    1 
ATOM   245 N  N1    . DA  A 1 12 ? 4.326   0.849   -0.719  1.00 81.47  ? 12  DA  A N1    1 
ATOM   246 C  C2    . DA  A 1 12 ? 5.585   0.567   -1.086  1.00 80.96  ? 12  DA  A C2    1 
ATOM   247 N  N3    . DA  A 1 12 ? 6.618   1.401   -1.246  1.00 80.64  ? 12  DA  A N3    1 
ATOM   248 C  C4    . DA  A 1 12 ? 6.258   2.668   -0.975  1.00 84.85  ? 12  DA  A C4    1 
ATOM   249 P  P     . DC  A 1 13 ? 11.312  4.417   -4.638  1.00 116.64 ? 13  DC  A P     1 
ATOM   250 O  OP1   . DC  A 1 13 ? 12.145  3.278   -5.081  1.00 105.52 ? 13  DC  A OP1   1 
ATOM   251 O  OP2   . DC  A 1 13 ? 11.788  5.805   -4.821  1.00 113.80 ? 13  DC  A OP2   1 
ATOM   252 O  "O5'" . DC  A 1 13 ? 9.882   4.299   -5.344  1.00 96.28  ? 13  DC  A "O5'" 1 
ATOM   253 C  "C5'" . DC  A 1 13 ? 9.666   3.344   -6.380  1.00 98.59  ? 13  DC  A "C5'" 1 
ATOM   254 C  "C4'" . DC  A 1 13 ? 9.175   2.021   -5.813  1.00 96.51  ? 13  DC  A "C4'" 1 
ATOM   255 O  "O4'" . DC  A 1 13 ? 8.364   2.269   -4.648  1.00 89.55  ? 13  DC  A "O4'" 1 
ATOM   256 C  "C3'" . DC  A 1 13 ? 8.300   1.216   -6.758  1.00 99.42  ? 13  DC  A "C3'" 1 
ATOM   257 O  "O3'" . DC  A 1 13 ? 9.114   0.336   -7.532  1.00 104.92 ? 13  DC  A "O3'" 1 
ATOM   258 C  "C2'" . DC  A 1 13 ? 7.381   0.437   -5.816  1.00 90.90  ? 13  DC  A "C2'" 1 
ATOM   259 C  "C1'" . DC  A 1 13 ? 7.343   1.295   -4.547  1.00 87.30  ? 13  DC  A "C1'" 1 
ATOM   260 N  N1    . DC  A 1 13 ? 6.035   2.009   -4.275  1.00 77.11  ? 13  DC  A N1    1 
ATOM   261 C  C2    . DC  A 1 13 ? 4.820   1.297   -4.168  1.00 76.84  ? 13  DC  A C2    1 
ATOM   262 O  O2    . DC  A 1 13 ? 4.804   0.070   -4.331  1.00 73.73  ? 13  DC  A O2    1 
ATOM   263 N  N3    . DC  A 1 13 ? 3.682   1.990   -3.893  1.00 76.60  ? 13  DC  A N3    1 
ATOM   264 C  C4    . DC  A 1 13 ? 3.724   3.311   -3.716  1.00 79.58  ? 13  DC  A C4    1 
ATOM   265 N  N4    . DC  A 1 13 ? 2.576   3.947   -3.449  1.00 81.29  ? 13  DC  A N4    1 
ATOM   266 C  C5    . DC  A 1 13 ? 4.942   4.043   -3.808  1.00 80.44  ? 13  DC  A C5    1 
ATOM   267 C  C6    . DC  A 1 13 ? 6.057   3.360   -4.084  1.00 80.42  ? 13  DC  A C6    1 
ATOM   268 P  P     . DG  A 1 14 ? 8.621   -0.169  -8.975  1.00 112.21 ? 14  DG  A P     1 
ATOM   269 O  OP1   . DG  A 1 14 ? 9.739   -0.895  -9.618  1.00 120.89 ? 14  DG  A OP1   1 
ATOM   270 O  OP2   . DG  A 1 14 ? 7.989   0.988   -9.644  1.00 105.48 ? 14  DG  A OP2   1 
ATOM   271 O  "O5'" . DG  A 1 14 ? 7.459   -1.211  -8.646  1.00 90.51  ? 14  DG  A "O5'" 1 
ATOM   272 C  "C5'" . DG  A 1 14 ? 7.768   -2.544  -8.251  1.00 91.33  ? 14  DG  A "C5'" 1 
ATOM   273 C  "C4'" . DG  A 1 14 ? 6.492   -3.347  -8.065  1.00 96.51  ? 14  DG  A "C4'" 1 
ATOM   274 O  "O4'" . DG  A 1 14 ? 5.561   -2.562  -7.280  1.00 95.97  ? 14  DG  A "O4'" 1 
ATOM   275 C  "C3'" . DG  A 1 14 ? 5.740   -3.682  -9.354  1.00 96.13  ? 14  DG  A "C3'" 1 
ATOM   276 O  "O3'" . DG  A 1 14 ? 4.962   -4.865  -9.173  1.00 98.76  ? 14  DG  A "O3'" 1 
ATOM   277 C  "C2'" . DG  A 1 14 ? 4.844   -2.466  -9.522  1.00 96.35  ? 14  DG  A "C2'" 1 
ATOM   278 C  "C1'" . DG  A 1 14 ? 4.444   -2.220  -8.075  1.00 85.01  ? 14  DG  A "C1'" 1 
ATOM   279 N  N9    . DG  A 1 14 ? 4.056   -0.845  -7.781  1.00 77.47  ? 14  DG  A N9    1 
ATOM   280 C  C8    . DG  A 1 14 ? 4.851   0.276   -7.757  1.00 82.24  ? 14  DG  A C8    1 
ATOM   281 N  N7    . DG  A 1 14 ? 4.198   1.367   -7.443  1.00 85.30  ? 14  DG  A N7    1 
ATOM   282 C  C5    . DG  A 1 14 ? 2.893   0.929   -7.255  1.00 83.05  ? 14  DG  A C5    1 
ATOM   283 C  C6    . DG  A 1 14 ? 1.721   1.644   -6.904  1.00 75.82  ? 14  DG  A C6    1 
ATOM   284 O  O6    . DG  A 1 14 ? 1.586   2.859   -6.676  1.00 76.29  ? 14  DG  A O6    1 
ATOM   285 N  N1    . DG  A 1 14 ? 0.618   0.794   -6.825  1.00 74.53  ? 14  DG  A N1    1 
ATOM   286 C  C2    . DG  A 1 14 ? 0.654   -0.567  -7.054  1.00 82.12  ? 14  DG  A C2    1 
ATOM   287 N  N2    . DG  A 1 14 ? -0.494  -1.229  -6.937  1.00 105.80 ? 14  DG  A N2    1 
ATOM   288 N  N3    . DG  A 1 14 ? 1.737   -1.230  -7.380  1.00 84.90  ? 14  DG  A N3    1 
ATOM   289 C  C4    . DG  A 1 14 ? 2.809   -0.430  -7.462  1.00 79.65  ? 14  DG  A C4    1 
ATOM   290 P  P     . DA  A 1 15 ? 4.066   -5.438  -10.381 1.00 106.31 ? 15  DA  A P     1 
ATOM   291 O  OP1   . DA  A 1 15 ? 3.919   -6.896  -10.172 1.00 99.74  ? 15  DA  A OP1   1 
ATOM   292 O  OP2   . DA  A 1 15 ? 4.650   -4.927  -11.640 1.00 107.96 ? 15  DA  A OP2   1 
ATOM   293 O  "O5'" . DA  A 1 15 ? 2.633   -4.747  -10.184 1.00 95.11  ? 15  DA  A "O5'" 1 
ATOM   294 C  "C5'" . DA  A 1 15 ? 1.745   -5.224  -9.174  1.00 95.98  ? 15  DA  A "C5'" 1 
ATOM   295 C  "C4'" . DA  A 1 15 ? 0.290   -5.079  -9.599  1.00 96.85  ? 15  DA  A "C4'" 1 
ATOM   296 O  "O4'" . DA  A 1 15 ? -0.224  -3.785  -9.179  1.00 96.49  ? 15  DA  A "O4'" 1 
ATOM   297 C  "C3'" . DA  A 1 15 ? 0.031   -5.160  -11.105 1.00 96.75  ? 15  DA  A "C3'" 1 
ATOM   298 O  "O3'" . DA  A 1 15 ? -1.201  -5.844  -11.336 1.00 97.83  ? 15  DA  A "O3'" 1 
ATOM   299 C  "C2'" . DA  A 1 15 ? -0.074  -3.688  -11.496 1.00 94.72  ? 15  DA  A "C2'" 1 
ATOM   300 C  "C1'" . DA  A 1 15 ? -0.811  -3.139  -10.288 1.00 85.54  ? 15  DA  A "C1'" 1 
ATOM   301 N  N9    . DA  A 1 15 ? -0.676  -1.698  -10.105 1.00 78.63  ? 15  DA  A N9    1 
ATOM   302 C  C8    . DA  A 1 15 ? 0.445   -0.942  -10.295 1.00 78.87  ? 15  DA  A C8    1 
ATOM   303 N  N7    . DA  A 1 15 ? 0.275   0.335   -10.037 1.00 69.39  ? 15  DA  A N7    1 
ATOM   304 C  C5    . DA  A 1 15 ? -1.052  0.418   -9.647  1.00 77.51  ? 15  DA  A C5    1 
ATOM   305 C  C6    . DA  A 1 15 ? -1.856  1.503   -9.237  1.00 73.16  ? 15  DA  A C6    1 
ATOM   306 N  N6    . DA  A 1 15 ? -1.412  2.762   -9.156  1.00 73.07  ? 15  DA  A N6    1 
ATOM   307 N  N1    . DA  A 1 15 ? -3.142  1.239   -8.917  1.00 66.74  ? 15  DA  A N1    1 
ATOM   308 C  C2    . DA  A 1 15 ? -3.584  -0.022  -9.002  1.00 69.71  ? 15  DA  A C2    1 
ATOM   309 N  N3    . DA  A 1 15 ? -2.924  -1.119  -9.369  1.00 78.63  ? 15  DA  A N3    1 
ATOM   310 C  C4    . DA  A 1 15 ? -1.653  -0.826  -9.684  1.00 80.69  ? 15  DA  A C4    1 
ATOM   311 P  P     . DC  A 1 16 ? -1.467  -6.618  -12.720 1.00 91.37  ? 16  DC  A P     1 
ATOM   312 O  OP1   . DC  A 1 16 ? -0.644  -7.848  -12.700 1.00 107.55 ? 16  DC  A OP1   1 
ATOM   313 O  OP2   . DC  A 1 16 ? -1.333  -5.649  -13.830 1.00 84.50  ? 16  DC  A OP2   1 
ATOM   314 O  "O5'" . DC  A 1 16 ? -3.007  -7.042  -12.630 1.00 90.45  ? 16  DC  A "O5'" 1 
ATOM   315 C  "C5'" . DC  A 1 16 ? -3.834  -6.502  -11.606 1.00 91.50  ? 16  DC  A "C5'" 1 
ATOM   316 C  "C4'" . DC  A 1 16 ? -4.957  -5.662  -12.195 1.00 90.16  ? 16  DC  A "C4'" 1 
ATOM   317 O  "O4'" . DC  A 1 16 ? -4.660  -4.250  -12.034 1.00 82.60  ? 16  DC  A "O4'" 1 
ATOM   318 C  "C3'" . DC  A 1 16 ? -5.218  -5.863  -13.691 1.00 93.65  ? 16  DC  A "C3'" 1 
ATOM   319 O  "O3'" . DC  A 1 16 ? -6.619  -5.791  -13.929 1.00 96.68  ? 16  DC  A "O3'" 1 
ATOM   320 C  "C2'" . DC  A 1 16 ? -4.489  -4.671  -14.315 1.00 88.51  ? 16  DC  A "C2'" 1 
ATOM   321 C  "C1'" . DC  A 1 16 ? -4.791  -3.602  -13.282 1.00 86.94  ? 16  DC  A "C1'" 1 
ATOM   322 N  N1    . DC  A 1 16 ? -3.865  -2.433  -13.296 1.00 82.73  ? 16  DC  A N1    1 
ATOM   323 C  C2    . DC  A 1 16 ? -4.336  -1.187  -12.867 1.00 84.63  ? 16  DC  A C2    1 
ATOM   324 O  O2    . DC  A 1 16 ? -5.516  -1.086  -12.507 1.00 81.22  ? 16  DC  A O2    1 
ATOM   325 N  N3    . DC  A 1 16 ? -3.487  -0.129  -12.863 1.00 79.15  ? 16  DC  A N3    1 
ATOM   326 C  C4    . DC  A 1 16 ? -2.222  -0.287  -13.259 1.00 81.88  ? 16  DC  A C4    1 
ATOM   327 N  N4    . DC  A 1 16 ? -1.422  0.786   -13.235 1.00 80.92  ? 16  DC  A N4    1 
ATOM   328 C  C5    . DC  A 1 16 ? -1.722  -1.552  -13.697 1.00 87.53  ? 16  DC  A C5    1 
ATOM   329 C  C6    . DC  A 1 16 ? -2.570  -2.589  -13.696 1.00 86.88  ? 16  DC  A C6    1 
ATOM   330 P  P     . DA  A 1 17 ? -7.276  -6.500  -15.213 1.00 105.41 ? 17  DA  A P     1 
ATOM   331 O  OP1   . DA  A 1 17 ? -7.469  -7.931  -14.890 1.00 108.44 ? 17  DA  A OP1   1 
ATOM   332 O  OP2   . DA  A 1 17 ? -6.488  -6.107  -16.400 1.00 105.77 ? 17  DA  A OP2   1 
ATOM   333 O  "O5'" . DA  A 1 17 ? -8.711  -5.802  -15.334 1.00 103.58 ? 17  DA  A "O5'" 1 
ATOM   334 C  "C5'" . DA  A 1 17 ? -9.489  -5.561  -14.162 1.00 97.90  ? 17  DA  A "C5'" 1 
ATOM   335 C  "C4'" . DA  A 1 17 ? -10.112 -4.169  -14.184 1.00 96.48  ? 17  DA  A "C4'" 1 
ATOM   336 O  "O4'" . DA  A 1 17 ? -9.072  -3.159  -14.145 1.00 96.63  ? 17  DA  A "O4'" 1 
ATOM   337 C  "C3'" . DA  A 1 17 ? -10.966 -3.846  -15.406 1.00 103.54 ? 17  DA  A "C3'" 1 
ATOM   338 O  "O3'" . DA  A 1 17 ? -12.073 -3.033  -15.021 1.00 105.24 ? 17  DA  A "O3'" 1 
ATOM   339 C  "C2'" . DA  A 1 17 ? -9.998  -3.087  -16.313 1.00 100.27 ? 17  DA  A "C2'" 1 
ATOM   340 C  "C1'" . DA  A 1 17 ? -9.128  -2.346  -15.304 1.00 95.47  ? 17  DA  A "C1'" 1 
ATOM   341 N  N9    . DA  A 1 17 ? -7.756  -2.138  -15.755 1.00 90.29  ? 17  DA  A N9    1 
ATOM   342 C  C8    . DA  A 1 17 ? -6.936  -3.065  -16.335 1.00 93.63  ? 17  DA  A C8    1 
ATOM   343 N  N7    . DA  A 1 17 ? -5.740  -2.610  -16.621 1.00 93.39  ? 17  DA  A N7    1 
ATOM   344 C  C5    . DA  A 1 17 ? -5.773  -1.295  -16.188 1.00 89.55  ? 17  DA  A C5    1 
ATOM   345 C  C6    . DA  A 1 17 ? -4.811  -0.271  -16.208 1.00 87.49  ? 17  DA  A C6    1 
ATOM   346 N  N6    . DA  A 1 17 ? -3.580  -0.431  -16.702 1.00 85.33  ? 17  DA  A N6    1 
ATOM   347 N  N1    . DA  A 1 17 ? -5.165  0.930   -15.697 1.00 81.14  ? 17  DA  A N1    1 
ATOM   348 C  C2    . DA  A 1 17 ? -6.401  1.084   -15.202 1.00 84.01  ? 17  DA  A C2    1 
ATOM   349 N  N3    . DA  A 1 17 ? -7.391  0.192   -15.132 1.00 87.51  ? 17  DA  A N3    1 
ATOM   350 C  C4    . DA  A 1 17 ? -7.008  -0.988  -15.645 1.00 87.68  ? 17  DA  A C4    1 
ATOM   351 P  P     . DC  A 1 18 ? -13.295 -2.788  -16.036 1.00 114.00 ? 18  DC  A P     1 
ATOM   352 O  OP1   . DC  A 1 18 ? -14.379 -2.139  -15.267 1.00 108.13 ? 18  DC  A OP1   1 
ATOM   353 O  OP2   . DC  A 1 18 ? -13.550 -4.057  -16.757 1.00 108.89 ? 18  DC  A OP2   1 
ATOM   354 O  "O5'" . DC  A 1 18 ? -12.717 -1.731  -17.089 1.00 105.16 ? 18  DC  A "O5'" 1 
ATOM   355 C  "C5'" . DC  A 1 18 ? -13.365 -0.478  -17.271 1.00 105.20 ? 18  DC  A "C5'" 1 
ATOM   356 C  "C4'" . DC  A 1 18 ? -12.406 0.670   -17.009 1.00 102.87 ? 18  DC  A "C4'" 1 
ATOM   357 O  "O4'" . DC  A 1 18 ? -11.050 0.209   -17.118 1.00 100.81 ? 18  DC  A "O4'" 1 
ATOM   358 C  "C3'" . DC  A 1 18 ? -12.507 1.830   -17.994 1.00 103.72 ? 18  DC  A "C3'" 1 
ATOM   359 O  "O3'" . DC  A 1 18 ? -13.337 2.861   -17.453 1.00 110.74 ? 18  DC  A "O3'" 1 
ATOM   360 C  "C2'" . DC  A 1 18 ? -11.050 2.309   -18.171 1.00 99.54  ? 18  DC  A "C2'" 1 
ATOM   361 C  "C1'" . DC  A 1 18 ? -10.230 1.327   -17.334 1.00 98.03  ? 18  DC  A "C1'" 1 
ATOM   362 N  N1    . DC  A 1 18 ? -8.956  0.872   -17.981 1.00 89.18  ? 18  DC  A N1    1 
ATOM   363 C  C2    . DC  A 1 18 ? -7.876  1.762   -18.115 1.00 87.99  ? 18  DC  A C2    1 
ATOM   364 O  O2    . DC  A 1 18 ? -7.997  2.927   -17.713 1.00 90.00  ? 18  DC  A O2    1 
ATOM   365 N  N3    . DC  A 1 18 ? -6.728  1.318   -18.686 1.00 87.40  ? 18  DC  A N3    1 
ATOM   366 C  C4    . DC  A 1 18 ? -6.634  0.054   -19.106 1.00 91.02  ? 18  DC  A C4    1 
ATOM   367 N  N4    . DC  A 1 18 ? -5.482  -0.337  -19.664 1.00 87.68  ? 18  DC  A N4    1 
ATOM   368 C  C5    . DC  A 1 18 ? -7.717  -0.866  -18.972 1.00 91.57  ? 18  DC  A C5    1 
ATOM   369 C  C6    . DC  A 1 18 ? -8.845  -0.420  -18.407 1.00 90.75  ? 18  DC  A C6    1 
ATOM   370 P  P     . DT  A 1 19 ? -14.442 3.586   -18.370 1.00 126.37 ? 19  DT  A P     1 
ATOM   371 O  OP1   . DT  A 1 19 ? -15.642 3.811   -17.535 1.00 135.38 ? 19  DT  A OP1   1 
ATOM   372 O  OP2   . DT  A 1 19 ? -14.545 2.817   -19.631 1.00 114.74 ? 19  DT  A OP2   1 
ATOM   373 O  "O5'" . DT  A 1 19 ? -13.799 5.014   -18.706 1.00 111.37 ? 19  DT  A "O5'" 1 
ATOM   374 C  "C5'" . DT  A 1 19 ? -12.610 5.095   -19.471 1.00 102.86 ? 19  DT  A "C5'" 1 
ATOM   375 C  "C4'" . DT  A 1 19 ? -11.836 6.358   -19.150 1.00 107.96 ? 19  DT  A "C4'" 1 
ATOM   376 O  "O4'" . DT  A 1 19 ? -10.425 6.046   -19.055 1.00 102.72 ? 19  DT  A "O4'" 1 
ATOM   377 C  "C3'" . DT  A 1 19 ? -11.917 7.430   -20.212 1.00 111.35 ? 19  DT  A "C3'" 1 
ATOM   378 O  "O3'" . DT  A 1 19 ? -11.618 8.697   -19.642 1.00 117.64 ? 19  DT  A "O3'" 1 
ATOM   379 C  "C2'" . DT  A 1 19 ? -10.837 6.978   -21.194 1.00 107.53 ? 19  DT  A "C2'" 1 
ATOM   380 C  "C1'" . DT  A 1 19 ? -9.773  6.386   -20.271 1.00 100.36 ? 19  DT  A "C1'" 1 
ATOM   381 N  N1    . DT  A 1 19 ? -9.090  5.138   -20.801 1.00 97.23  ? 19  DT  A N1    1 
ATOM   382 C  C2    . DT  A 1 19 ? -7.746  5.175   -21.112 1.00 94.78  ? 19  DT  A C2    1 
ATOM   383 O  O2    . DT  A 1 19 ? -7.063  6.179   -21.012 1.00 93.64  ? 19  DT  A O2    1 
ATOM   384 N  N3    . DT  A 1 19 ? -7.227  3.979   -21.555 1.00 92.55  ? 19  DT  A N3    1 
ATOM   385 C  C4    . DT  A 1 19 ? -7.900  2.779   -21.707 1.00 94.79  ? 19  DT  A C4    1 
ATOM   386 O  O4    . DT  A 1 19 ? -7.351  1.757   -22.112 1.00 91.93  ? 19  DT  A O4    1 
ATOM   387 C  C5    . DT  A 1 19 ? -9.296  2.812   -21.358 1.00 93.97  ? 19  DT  A C5    1 
ATOM   388 C  C7    . DT  A 1 19 ? -10.127 1.573   -21.485 1.00 93.10  ? 19  DT  A C7    1 
ATOM   389 C  C6    . DT  A 1 19 ? -9.816  3.971   -20.927 1.00 93.46  ? 19  DT  A C6    1 
ATOM   390 P  P     . DC  A 1 20 ? -12.315 10.025  -20.217 1.00 128.19 ? 20  DC  A P     1 
ATOM   391 O  OP1   . DC  A 1 20 ? -12.234 11.070  -19.171 1.00 120.45 ? 20  DC  A OP1   1 
ATOM   392 O  OP2   . DC  A 1 20 ? -13.636 9.641   -20.764 1.00 120.22 ? 20  DC  A OP2   1 
ATOM   393 O  "O5'" . DC  A 1 20 ? -11.375 10.444  -21.438 1.00 120.61 ? 20  DC  A "O5'" 1 
ATOM   394 C  "C5'" . DC  A 1 20 ? -9.962  10.425  -21.283 1.00 118.78 ? 20  DC  A "C5'" 1 
ATOM   395 C  "C4'" . DC  A 1 20 ? -9.277  10.381  -22.636 1.00 117.58 ? 20  DC  A "C4'" 1 
ATOM   396 O  "O4'" . DC  A 1 20 ? -8.865  9.019   -22.945 1.00 110.87 ? 20  DC  A "O4'" 1 
ATOM   397 C  "C3'" . DC  A 1 20 ? -10.146 10.838  -23.815 1.00 122.42 ? 20  DC  A "C3'" 1 
ATOM   398 O  "O3'" . DC  A 1 20 ? -9.390  11.695  -24.661 1.00 125.90 ? 20  DC  A "O3'" 1 
ATOM   399 C  "C2'" . DC  A 1 20 ? -10.484 9.523   -24.518 1.00 117.41 ? 20  DC  A "C2'" 1 
ATOM   400 C  "C1'" . DC  A 1 20 ? -9.199  8.750   -24.284 1.00 111.94 ? 20  DC  A "C1'" 1 
ATOM   401 N  N1    . DC  A 1 20 ? -9.314  7.267   -24.483 1.00 107.93 ? 20  DC  A N1    1 
ATOM   402 C  C2    . DC  A 1 20 ? -8.171  6.527   -24.810 1.00 107.21 ? 20  DC  A C2    1 
ATOM   403 O  O2    . DC  A 1 20 ? -7.087  7.116   -24.924 1.00 106.85 ? 20  DC  A O2    1 
ATOM   404 N  N3    . DC  A 1 20 ? -8.286  5.186   -24.992 1.00 105.19 ? 20  DC  A N3    1 
ATOM   405 C  C4    . DC  A 1 20 ? -9.476  4.594   -24.860 1.00 103.64 ? 20  DC  A C4    1 
ATOM   406 N  N4    . DC  A 1 20 ? -9.543  3.271   -25.048 1.00 100.21 ? 20  DC  A N4    1 
ATOM   407 C  C5    . DC  A 1 20 ? -10.652 5.333   -24.532 1.00 103.48 ? 20  DC  A C5    1 
ATOM   408 C  C6    . DC  A 1 20 ? -10.528 6.654   -24.368 1.00 105.60 ? 20  DC  A C6    1 
ATOM   409 P  P     . DA  A 1 21 ? -9.440  13.290  -24.466 1.00 134.58 ? 21  DA  A P     1 
ATOM   410 O  OP1   . DA  A 1 21 ? -9.560  13.578  -23.020 1.00 127.18 ? 21  DA  A OP1   1 
ATOM   411 O  OP2   . DA  A 1 21 ? -10.440 13.831  -25.414 1.00 133.37 ? 21  DA  A OP2   1 
ATOM   412 O  "O5'" . DA  A 1 21 ? -7.999  13.775  -24.966 1.00 130.84 ? 21  DA  A "O5'" 1 
ATOM   413 C  "C5'" . DA  A 1 21 ? -7.619  13.596  -26.330 1.00 130.56 ? 21  DA  A "C5'" 1 
ATOM   414 C  "C4'" . DA  A 1 21 ? -6.270  12.905  -26.434 1.00 128.24 ? 21  DA  A "C4'" 1 
ATOM   415 O  "O4'" . DA  A 1 21 ? -6.434  11.483  -26.197 1.00 124.78 ? 21  DA  A "O4'" 1 
ATOM   416 C  "C3'" . DA  A 1 21 ? -5.608  12.996  -27.798 1.00 133.10 ? 21  DA  A "C3'" 1 
ATOM   417 O  "O3'" . DA  A 1 21 ? -4.200  12.851  -27.659 1.00 132.84 ? 21  DA  A "O3'" 1 
ATOM   418 C  "C2'" . DA  A 1 21 ? -6.221  11.805  -28.521 1.00 131.17 ? 21  DA  A "C2'" 1 
ATOM   419 C  "C1'" . DA  A 1 21 ? -6.238  10.766  -27.407 1.00 123.82 ? 21  DA  A "C1'" 1 
ATOM   420 N  N9    . DA  A 1 21 ? -7.310  9.783   -27.527 1.00 121.08 ? 21  DA  A N9    1 
ATOM   421 C  C8    . DA  A 1 21 ? -8.647  10.006  -27.365 1.00 117.74 ? 21  DA  A C8    1 
ATOM   422 N  N7    . DA  A 1 21 ? -9.386  8.931   -27.515 1.00 116.43 ? 21  DA  A N7    1 
ATOM   423 C  C5    . DA  A 1 21 ? -8.466  7.932   -27.786 1.00 116.97 ? 21  DA  A C5    1 
ATOM   424 C  C6    . DA  A 1 21 ? -8.610  6.553   -28.045 1.00 115.72 ? 21  DA  A C6    1 
ATOM   425 N  N6    . DA  A 1 21 ? -9.793  5.927   -28.066 1.00 110.44 ? 21  DA  A N6    1 
ATOM   426 N  N1    . DA  A 1 21 ? -7.487  5.841   -28.279 1.00 119.23 ? 21  DA  A N1    1 
ATOM   427 C  C2    . DA  A 1 21 ? -6.305  6.472   -28.254 1.00 119.99 ? 21  DA  A C2    1 
ATOM   428 N  N3    . DA  A 1 21 ? -6.046  7.758   -28.025 1.00 119.13 ? 21  DA  A N3    1 
ATOM   429 C  C4    . DA  A 1 21 ? -7.180  8.440   -27.795 1.00 118.77 ? 21  DA  A C4    1 
ATOM   430 P  P     . DA  B 2 1  ? -7.615  3.027   0.028   1.00 98.95  ? 1   DA  B P     1 
ATOM   431 O  OP1   . DA  B 2 1  ? -6.703  4.195   0.106   1.00 89.98  ? 1   DA  B OP1   1 
ATOM   432 O  OP2   . DA  B 2 1  ? -8.970  3.087   0.626   1.00 98.43  ? 1   DA  B OP2   1 
ATOM   433 O  "O5'" . DA  B 2 1  ? -7.788  2.573   -1.497  1.00 78.75  ? 1   DA  B "O5'" 1 
ATOM   434 C  "C5'" . DA  B 2 1  ? -8.892  1.758   -1.877  1.00 83.18  ? 1   DA  B "C5'" 1 
ATOM   435 C  "C4'" . DA  B 2 1  ? -8.492  0.819   -2.993  1.00 86.46  ? 1   DA  B "C4'" 1 
ATOM   436 O  "O4'" . DA  B 2 1  ? -7.944  1.584   -4.087  1.00 72.61  ? 1   DA  B "O4'" 1 
ATOM   437 C  "C3'" . DA  B 2 1  ? -7.399  -0.160  -2.624  1.00 81.38  ? 1   DA  B "C3'" 1 
ATOM   438 O  "O3'" . DA  B 2 1  ? -7.971  -1.303  -2.024  1.00 73.57  ? 1   DA  B "O3'" 1 
ATOM   439 C  "C2'" . DA  B 2 1  ? -6.789  -0.488  -3.981  1.00 73.68  ? 1   DA  B "C2'" 1 
ATOM   440 C  "C1'" . DA  B 2 1  ? -6.943  0.832   -4.746  1.00 72.74  ? 1   DA  B "C1'" 1 
ATOM   441 N  N9    . DA  B 2 1  ? -5.723  1.636   -4.794  1.00 70.69  ? 1   DA  B N9    1 
ATOM   442 C  C8    . DA  B 2 1  ? -5.601  2.970   -4.515  1.00 74.81  ? 1   DA  B C8    1 
ATOM   443 N  N7    . DA  B 2 1  ? -4.377  3.431   -4.638  1.00 69.49  ? 1   DA  B N7    1 
ATOM   444 C  C5    . DA  B 2 1  ? -3.643  2.320   -5.021  1.00 72.14  ? 1   DA  B C5    1 
ATOM   445 C  C6    . DA  B 2 1  ? -2.275  2.134   -5.313  1.00 66.61  ? 1   DA  B C6    1 
ATOM   446 N  N6    . DA  B 2 1  ? -1.357  3.112   -5.263  1.00 68.55  ? 1   DA  B N6    1 
ATOM   447 N  N1    . DA  B 2 1  ? -1.884  0.894   -5.664  1.00 71.13  ? 1   DA  B N1    1 
ATOM   448 C  C2    . DA  B 2 1  ? -2.799  -0.083  -5.715  1.00 76.12  ? 1   DA  B C2    1 
ATOM   449 N  N3    . DA  B 2 1  ? -4.096  -0.031  -5.469  1.00 69.63  ? 1   DA  B N3    1 
ATOM   450 C  C4    . DA  B 2 1  ? -4.463  1.207   -5.122  1.00 70.54  ? 1   DA  B C4    1 
ATOM   451 P  P     . DG  B 2 2  ? -7.375  -1.867  -0.646  1.00 91.48  ? 2   DG  B P     1 
ATOM   452 O  OP1   . DG  B 2 2  ? -8.305  -2.902  -0.148  1.00 90.69  ? 2   DG  B OP1   1 
ATOM   453 O  OP2   . DG  B 2 2  ? -7.039  -0.696  0.193   1.00 95.91  ? 2   DG  B OP2   1 
ATOM   454 O  "O5'" . DG  B 2 2  ? -6.004  -2.572  -1.076  1.00 84.70  ? 2   DG  B "O5'" 1 
ATOM   455 C  "C5'" . DG  B 2 2  ? -6.010  -3.597  -2.063  1.00 83.17  ? 2   DG  B "C5'" 1 
ATOM   456 C  "C4'" . DG  B 2 2  ? -4.602  -3.888  -2.546  1.00 79.15  ? 2   DG  B "C4'" 1 
ATOM   457 O  "O4'" . DG  B 2 2  ? -4.072  -2.727  -3.210  1.00 78.29  ? 2   DG  B "O4'" 1 
ATOM   458 C  "C3'" . DG  B 2 2  ? -3.594  -4.196  -1.455  1.00 87.93  ? 2   DG  B "C3'" 1 
ATOM   459 O  "O3'" . DG  B 2 2  ? -3.627  -5.589  -1.162  1.00 95.41  ? 2   DG  B "O3'" 1 
ATOM   460 C  "C2'" . DG  B 2 2  ? -2.262  -3.789  -2.092  1.00 83.69  ? 2   DG  B "C2'" 1 
ATOM   461 C  "C1'" . DG  B 2 2  ? -2.662  -2.759  -3.151  1.00 74.25  ? 2   DG  B "C1'" 1 
ATOM   462 N  N9    . DG  B 2 2  ? -2.181  -1.410  -2.877  1.00 74.02  ? 2   DG  B N9    1 
ATOM   463 C  C8    . DG  B 2 2  ? -2.916  -0.364  -2.379  1.00 77.81  ? 2   DG  B C8    1 
ATOM   464 N  N7    . DG  B 2 2  ? -2.230  0.736   -2.246  1.00 73.43  ? 2   DG  B N7    1 
ATOM   465 C  C5    . DG  B 2 2  ? -0.958  0.400   -2.688  1.00 74.77  ? 2   DG  B C5    1 
ATOM   466 C  C6    . DG  B 2 2  ? 0.209   1.191   -2.776  1.00 80.60  ? 2   DG  B C6    1 
ATOM   467 O  O6    . DG  B 2 2  ? 0.356   2.381   -2.470  1.00 81.02  ? 2   DG  B O6    1 
ATOM   468 N  N1    . DG  B 2 2  ? 1.286   0.466   -3.278  1.00 74.64  ? 2   DG  B N1    1 
ATOM   469 C  C2    . DG  B 2 2  ? 1.244   -0.856  -3.652  1.00 74.68  ? 2   DG  B C2    1 
ATOM   470 N  N2    . DG  B 2 2  ? 2.389   -1.382  -4.116  1.00 79.09  ? 2   DG  B N2    1 
ATOM   471 N  N3    . DG  B 2 2  ? 0.150   -1.613  -3.574  1.00 71.75  ? 2   DG  B N3    1 
ATOM   472 C  C4    . DG  B 2 2  ? -0.910  -0.920  -3.084  1.00 74.67  ? 2   DG  B C4    1 
ATOM   473 P  P     . DT  B 2 3  ? -2.442  -6.279  -0.321  1.00 103.78 ? 3   DT  B P     1 
ATOM   474 O  OP1   . DT  B 2 3  ? -2.959  -7.577  0.163   1.00 111.34 ? 3   DT  B OP1   1 
ATOM   475 O  OP2   . DT  B 2 3  ? -1.917  -5.280  0.639   1.00 77.67  ? 3   DT  B OP2   1 
ATOM   476 O  "O5'" . DT  B 2 3  ? -1.308  -6.581  -1.411  1.00 90.06  ? 3   DT  B "O5'" 1 
ATOM   477 C  "C5'" . DT  B 2 3  ? -0.279  -7.514  -1.114  1.00 90.02  ? 3   DT  B "C5'" 1 
ATOM   478 C  "C4'" . DT  B 2 3  ? 1.074   -7.000  -1.570  1.00 85.06  ? 3   DT  B "C4'" 1 
ATOM   479 O  "O4'" . DT  B 2 3  ? 1.029   -5.557  -1.734  1.00 78.83  ? 3   DT  B "O4'" 1 
ATOM   480 C  "C3'" . DT  B 2 3  ? 2.226   -7.286  -0.602  1.00 81.60  ? 3   DT  B "C3'" 1 
ATOM   481 O  "O3'" . DT  B 2 3  ? 3.348   -7.795  -1.322  1.00 85.09  ? 3   DT  B "O3'" 1 
ATOM   482 C  "C2'" . DT  B 2 3  ? 2.515   -5.914  0.017   1.00 80.24  ? 3   DT  B "C2'" 1 
ATOM   483 C  "C1'" . DT  B 2 3  ? 2.174   -4.992  -1.141  1.00 75.21  ? 3   DT  B "C1'" 1 
ATOM   484 N  N1    . DT  B 2 3  ? 1.859   -3.580  -0.746  1.00 72.16  ? 3   DT  B N1    1 
ATOM   485 C  C2    . DT  B 2 3  ? 2.814   -2.600  -0.914  1.00 75.70  ? 3   DT  B C2    1 
ATOM   486 O  O2    . DT  B 2 3  ? 3.927   -2.822  -1.353  1.00 75.85  ? 3   DT  B O2    1 
ATOM   487 N  N3    . DT  B 2 3  ? 2.414   -1.339  -0.536  1.00 77.97  ? 3   DT  B N3    1 
ATOM   488 C  C4    . DT  B 2 3  ? 1.181   -0.972  -0.027  1.00 76.25  ? 3   DT  B C4    1 
ATOM   489 O  O4    . DT  B 2 3  ? 0.911   0.183   0.285   1.00 78.83  ? 3   DT  B O4    1 
ATOM   490 C  C5    . DT  B 2 3  ? 0.232   -2.048  0.113   1.00 77.89  ? 3   DT  B C5    1 
ATOM   491 C  C7    . DT  B 2 3  ? -1.136  -1.770  0.656   1.00 78.33  ? 3   DT  B C7    1 
ATOM   492 C  C6    . DT  B 2 3  ? 0.609   -3.283  -0.250  1.00 79.49  ? 3   DT  B C6    1 
ATOM   493 P  P     . DC  B 2 4  ? 4.415   -8.758  -0.600  1.00 90.90  ? 4   DC  B P     1 
ATOM   494 O  OP1   . DC  B 2 4  ? 4.885   -9.751  -1.591  1.00 86.25  ? 4   DC  B OP1   1 
ATOM   495 O  OP2   . DC  B 2 4  ? 3.829   -9.217  0.679   1.00 92.75  ? 4   DC  B OP2   1 
ATOM   496 O  "O5'" . DC  B 2 4  ? 5.629   -7.779  -0.257  1.00 85.66  ? 4   DC  B "O5'" 1 
ATOM   497 C  "C5'" . DC  B 2 4  ? 5.819   -6.594  -1.019  1.00 77.80  ? 4   DC  B "C5'" 1 
ATOM   498 C  "C4'" . DC  B 2 4  ? 7.180   -5.988  -0.746  1.00 84.25  ? 4   DC  B "C4'" 1 
ATOM   499 O  "O4'" . DC  B 2 4  ? 7.033   -4.576  -0.463  1.00 81.00  ? 4   DC  B "O4'" 1 
ATOM   500 C  "C3'" . DC  B 2 4  ? 7.911   -6.554  0.459   1.00 80.67  ? 4   DC  B "C3'" 1 
ATOM   501 O  "O3'" . DC  B 2 4  ? 9.306   -6.360  0.285   1.00 80.34  ? 4   DC  B "O3'" 1 
ATOM   502 C  "C2'" . DC  B 2 4  ? 7.360   -5.696  1.595   1.00 79.50  ? 4   DC  B "C2'" 1 
ATOM   503 C  "C1'" . DC  B 2 4  ? 7.248   -4.331  0.919   1.00 82.22  ? 4   DC  B "C1'" 1 
ATOM   504 N  N1    . DC  B 2 4  ? 6.113   -3.488  1.411   1.00 81.44  ? 4   DC  B N1    1 
ATOM   505 C  C2    . DC  B 2 4  ? 6.287   -2.103  1.521   1.00 82.14  ? 4   DC  B C2    1 
ATOM   506 O  O2    . DC  B 2 4  ? 7.382   -1.612  1.226   1.00 91.93  ? 4   DC  B O2    1 
ATOM   507 N  N3    . DC  B 2 4  ? 5.248   -1.341  1.946   1.00 74.26  ? 4   DC  B N3    1 
ATOM   508 C  C4    . DC  B 2 4  ? 4.082   -1.914  2.249   1.00 81.52  ? 4   DC  B C4    1 
ATOM   509 N  N4    . DC  B 2 4  ? 3.086   -1.122  2.665   1.00 84.46  ? 4   DC  B N4    1 
ATOM   510 C  C5    . DC  B 2 4  ? 3.883   -3.326  2.140   1.00 76.00  ? 4   DC  B C5    1 
ATOM   511 C  C6    . DC  B 2 4  ? 4.916   -4.066  1.718   1.00 72.17  ? 4   DC  B C6    1 
ATOM   512 P  P     . DA  B 2 5  ? 10.362  -7.303  1.040   1.00 83.58  ? 5   DA  B P     1 
ATOM   513 O  OP1   . DA  B 2 5  ? 11.357  -7.750  0.041   1.00 86.43  ? 5   DA  B OP1   1 
ATOM   514 O  OP2   . DA  B 2 5  ? 9.593   -8.300  1.820   1.00 81.28  ? 5   DA  B OP2   1 
ATOM   515 O  "O5'" . DA  B 2 5  ? 11.085  -6.303  2.053   1.00 74.09  ? 5   DA  B "O5'" 1 
ATOM   516 C  "C5'" . DA  B 2 5  ? 11.432  -4.987  1.623   1.00 79.77  ? 5   DA  B "C5'" 1 
ATOM   517 C  "C4'" . DA  B 2 5  ? 11.552  -4.044  2.809   1.00 85.14  ? 5   DA  B "C4'" 1 
ATOM   518 O  "O4'" . DA  B 2 5  ? 10.261  -3.433  3.092   1.00 88.78  ? 5   DA  B "O4'" 1 
ATOM   519 C  "C3'" . DA  B 2 5  ? 11.994  -4.699  4.126   1.00 81.38  ? 5   DA  B "C3'" 1 
ATOM   520 O  "O3'" . DA  B 2 5  ? 12.884  -3.837  4.812   1.00 78.19  ? 5   DA  B "O3'" 1 
ATOM   521 C  "C2'" . DA  B 2 5  ? 10.680  -4.823  4.887   1.00 81.10  ? 5   DA  B "C2'" 1 
ATOM   522 C  "C1'" . DA  B 2 5  ? 10.036  -3.517  4.478   1.00 77.61  ? 5   DA  B "C1'" 1 
ATOM   523 N  N9    . DA  B 2 5  ? 8.608   -3.444  4.745   1.00 72.99  ? 5   DA  B N9    1 
ATOM   524 C  C8    . DA  B 2 5  ? 7.724   -4.483  4.840   1.00 76.89  ? 5   DA  B C8    1 
ATOM   525 N  N7    . DA  B 2 5  ? 6.493   -4.105  5.102   1.00 79.88  ? 5   DA  B N7    1 
ATOM   526 C  C5    . DA  B 2 5  ? 6.583   -2.724  5.189   1.00 80.94  ? 5   DA  B C5    1 
ATOM   527 C  C6    . DA  B 2 5  ? 5.626   -1.724  5.444   1.00 73.12  ? 5   DA  B C6    1 
ATOM   528 N  N6    . DA  B 2 5  ? 4.334   -1.983  5.669   1.00 74.64  ? 5   DA  B N6    1 
ATOM   529 N  N1    . DA  B 2 5  ? 6.054   -0.442  5.461   1.00 75.91  ? 5   DA  B N1    1 
ATOM   530 C  C2    . DA  B 2 5  ? 7.349   -0.188  5.236   1.00 78.45  ? 5   DA  B C2    1 
ATOM   531 N  N3    . DA  B 2 5  ? 8.336   -1.043  4.986   1.00 79.53  ? 5   DA  B N3    1 
ATOM   532 C  C4    . DA  B 2 5  ? 7.882   -2.306  4.976   1.00 80.96  ? 5   DA  B C4    1 
ATOM   533 O  "O5'" . DT  C 3 1  ? -16.761 0.636   -35.306 1.00 138.82 ? 1   DT  C "O5'" 1 
ATOM   534 C  "C5'" . DT  C 3 1  ? -16.335 -0.624  -35.806 1.00 138.02 ? 1   DT  C "C5'" 1 
ATOM   535 C  "C4'" . DT  C 3 1  ? -14.844 -0.810  -35.592 1.00 138.11 ? 1   DT  C "C4'" 1 
ATOM   536 O  "O4'" . DT  C 3 1  ? -14.168 0.435   -35.863 1.00 135.69 ? 1   DT  C "O4'" 1 
ATOM   537 C  "C3'" . DT  C 3 1  ? -14.444 -1.196  -34.163 1.00 137.15 ? 1   DT  C "C3'" 1 
ATOM   538 O  "O3'" . DT  C 3 1  ? -14.034 -2.599  -34.090 1.00 142.60 ? 1   DT  C "O3'" 1 
ATOM   539 C  "C2'" . DT  C 3 1  ? -13.329 -0.207  -33.780 1.00 135.58 ? 1   DT  C "C2'" 1 
ATOM   540 C  "C1'" . DT  C 3 1  ? -12.990 0.464   -35.106 1.00 134.33 ? 1   DT  C "C1'" 1 
ATOM   541 N  N1    . DT  C 3 1  ? -12.533 1.877   -34.970 1.00 131.36 ? 1   DT  C N1    1 
ATOM   542 C  C2    . DT  C 3 1  ? -11.214 2.175   -35.207 1.00 130.06 ? 1   DT  C C2    1 
ATOM   543 O  O2    . DT  C 3 1  ? -10.390 1.337   -35.525 1.00 127.01 ? 1   DT  C O2    1 
ATOM   544 N  N3    . DT  C 3 1  ? -10.888 3.497   -35.056 1.00 128.34 ? 1   DT  C N3    1 
ATOM   545 C  C4    . DT  C 3 1  ? -11.733 4.530   -34.701 1.00 127.28 ? 1   DT  C C4    1 
ATOM   546 O  O4    . DT  C 3 1  ? -11.346 5.690   -34.591 1.00 125.84 ? 1   DT  C O4    1 
ATOM   547 C  C5    . DT  C 3 1  ? -13.106 4.148   -34.466 1.00 127.56 ? 1   DT  C C5    1 
ATOM   548 C  C7    . DT  C 3 1  ? -14.117 5.180   -34.073 1.00 128.60 ? 1   DT  C C7    1 
ATOM   549 C  C6    . DT  C 3 1  ? -13.436 2.855   -34.610 1.00 128.53 ? 1   DT  C C6    1 
ATOM   550 P  P     . DC  C 3 2  ? -12.519 -3.089  -34.359 1.00 149.29 ? 2   DC  C P     1 
ATOM   551 O  OP1   . DC  C 3 2  ? -11.990 -2.439  -35.575 1.00 143.10 ? 2   DC  C OP1   1 
ATOM   552 O  OP2   . DC  C 3 2  ? -12.553 -4.566  -34.322 1.00 148.39 ? 2   DC  C OP2   1 
ATOM   553 O  "O5'" . DC  C 3 2  ? -11.700 -2.622  -33.061 1.00 144.22 ? 2   DC  C "O5'" 1 
ATOM   554 C  "C5'" . DC  C 3 2  ? -10.564 -3.370  -32.611 1.00 143.76 ? 2   DC  C "C5'" 1 
ATOM   555 C  "C4'" . DC  C 3 2  ? -9.304  -2.969  -33.361 1.00 142.90 ? 2   DC  C "C4'" 1 
ATOM   556 O  "O4'" . DC  C 3 2  ? -9.397  -1.576  -33.759 1.00 136.27 ? 2   DC  C "O4'" 1 
ATOM   557 C  "C3'" . DC  C 3 2  ? -8.016  -3.069  -32.548 1.00 142.30 ? 2   DC  C "C3'" 1 
ATOM   558 O  "O3'" . DC  C 3 2  ? -6.908  -3.318  -33.414 1.00 149.15 ? 2   DC  C "O3'" 1 
ATOM   559 C  "C2'" . DC  C 3 2  ? -7.934  -1.682  -31.926 1.00 137.66 ? 2   DC  C "C2'" 1 
ATOM   560 C  "C1'" . DC  C 3 2  ? -8.407  -0.818  -33.087 1.00 133.93 ? 2   DC  C "C1'" 1 
ATOM   561 N  N1    . DC  C 3 2  ? -9.013  0.480   -32.677 1.00 131.46 ? 2   DC  C N1    1 
ATOM   562 C  C2    . DC  C 3 2  ? -8.250  1.653   -32.730 1.00 130.38 ? 2   DC  C C2    1 
ATOM   563 O  O2    . DC  C 3 2  ? -7.073  1.592   -33.105 1.00 130.01 ? 2   DC  C O2    1 
ATOM   564 N  N3    . DC  C 3 2  ? -8.825  2.826   -32.364 1.00 127.73 ? 2   DC  C N3    1 
ATOM   565 C  C4    . DC  C 3 2  ? -10.100 2.850   -31.964 1.00 126.02 ? 2   DC  C C4    1 
ATOM   566 N  N4    . DC  C 3 2  ? -10.624 4.029   -31.613 1.00 121.18 ? 2   DC  C N4    1 
ATOM   567 C  C5    . DC  C 3 2  ? -10.892 1.667   -31.908 1.00 127.23 ? 2   DC  C C5    1 
ATOM   568 C  C6    . DC  C 3 2  ? -10.315 0.518   -32.273 1.00 130.15 ? 2   DC  C C6    1 
ATOM   569 P  P     . DT  C 3 3  ? -5.553  -3.979  -32.847 1.00 163.36 ? 3   DT  C P     1 
ATOM   570 O  OP1   . DT  C 3 3  ? -4.700  -4.303  -34.010 1.00 174.62 ? 3   DT  C OP1   1 
ATOM   571 O  OP2   . DT  C 3 3  ? -5.916  -5.054  -31.897 1.00 172.33 ? 3   DT  C OP2   1 
ATOM   572 O  "O5'" . DT  C 3 3  ? -4.859  -2.800  -32.016 1.00 153.02 ? 3   DT  C "O5'" 1 
ATOM   573 C  "C5'" . DT  C 3 3  ? -4.492  -1.582  -32.664 1.00 148.51 ? 3   DT  C "C5'" 1 
ATOM   574 C  "C4'" . DT  C 3 3  ? -3.897  -0.599  -31.669 1.00 146.25 ? 3   DT  C "C4'" 1 
ATOM   575 O  "O4'" . DT  C 3 3  ? -4.856  0.459   -31.373 1.00 141.55 ? 3   DT  C "O4'" 1 
ATOM   576 C  "C3'" . DT  C 3 3  ? -3.509  -1.200  -30.310 1.00 144.81 ? 3   DT  C "C3'" 1 
ATOM   577 O  "O3'" . DT  C 3 3  ? -2.284  -0.630  -29.866 1.00 146.04 ? 3   DT  C "O3'" 1 
ATOM   578 C  "C2'" . DT  C 3 3  ? -4.664  -0.754  -29.419 1.00 140.32 ? 3   DT  C "C2'" 1 
ATOM   579 C  "C1'" . DT  C 3 3  ? -4.891  0.635   -29.977 1.00 135.36 ? 3   DT  C "C1'" 1 
ATOM   580 N  N1    . DT  C 3 3  ? -6.187  1.267   -29.572 1.00 129.20 ? 3   DT  C N1    1 
ATOM   581 C  C2    . DT  C 3 3  ? -6.231  2.627   -29.376 1.00 126.87 ? 3   DT  C C2    1 
ATOM   582 O  O2    . DT  C 3 3  ? -5.266  3.353   -29.534 1.00 126.66 ? 3   DT  C O2    1 
ATOM   583 N  N3    . DT  C 3 3  ? -7.451  3.116   -28.994 1.00 121.28 ? 3   DT  C N3    1 
ATOM   584 C  C4    . DT  C 3 3  ? -8.611  2.393   -28.784 1.00 120.81 ? 3   DT  C C4    1 
ATOM   585 O  O4    . DT  C 3 3  ? -9.664  2.925   -28.440 1.00 118.86 ? 3   DT  C O4    1 
ATOM   586 C  C5    . DT  C 3 3  ? -8.495  0.968   -28.997 1.00 123.59 ? 3   DT  C C5    1 
ATOM   587 C  C7    . DT  C 3 3  ? -9.683  0.079   -28.799 1.00 122.37 ? 3   DT  C C7    1 
ATOM   588 C  C6    . DT  C 3 3  ? -7.301  0.479   -29.370 1.00 127.46 ? 3   DT  C C6    1 
ATOM   589 P  P     . DG  C 3 4  ? -0.898  -1.422  -30.045 1.00 154.68 ? 4   DG  C P     1 
ATOM   590 O  OP1   . DG  C 3 4  ? -0.735  -1.723  -31.485 1.00 156.64 ? 4   DG  C OP1   1 
ATOM   591 O  OP2   . DG  C 3 4  ? -0.870  -2.522  -29.055 1.00 151.44 ? 4   DG  C OP2   1 
ATOM   592 O  "O5'" . DG  C 3 4  ? 0.205   -0.351  -29.598 1.00 146.65 ? 4   DG  C "O5'" 1 
ATOM   593 C  "C5'" . DG  C 3 4  ? 0.068   1.017   -29.978 1.00 142.11 ? 4   DG  C "C5'" 1 
ATOM   594 C  "C4'" . DG  C 3 4  ? 0.174   1.932   -28.769 1.00 140.58 ? 4   DG  C "C4'" 1 
ATOM   595 O  "O4'" . DG  C 3 4  ? -1.156  2.291   -28.304 1.00 135.76 ? 4   DG  C "O4'" 1 
ATOM   596 C  "C3'" . DG  C 3 4  ? 0.898   1.335   -27.558 1.00 137.44 ? 4   DG  C "C3'" 1 
ATOM   597 O  "O3'" . DG  C 3 4  ? 1.724   2.323   -26.953 1.00 135.05 ? 4   DG  C "O3'" 1 
ATOM   598 C  "C2'" . DG  C 3 4  ? -0.252  0.936   -26.637 1.00 133.60 ? 4   DG  C "C2'" 1 
ATOM   599 C  "C1'" . DG  C 3 4  ? -1.248  2.049   -26.918 1.00 128.76 ? 4   DG  C "C1'" 1 
ATOM   600 N  N9    . DG  C 3 4  ? -2.628  1.694   -26.598 1.00 122.69 ? 4   DG  C N9    1 
ATOM   601 C  C8    . DG  C 3 4  ? -3.189  0.442   -26.637 1.00 125.25 ? 4   DG  C C8    1 
ATOM   602 N  N7    . DG  C 3 4  ? -4.449  0.424   -26.303 1.00 119.31 ? 4   DG  C N7    1 
ATOM   603 C  C5    . DG  C 3 4  ? -4.745  1.751   -26.022 1.00 116.11 ? 4   DG  C C5    1 
ATOM   604 C  C6    . DG  C 3 4  ? -5.961  2.344   -25.605 1.00 110.90 ? 4   DG  C C6    1 
ATOM   605 O  O6    . DG  C 3 4  ? -7.051  1.793   -25.396 1.00 105.78 ? 4   DG  C O6    1 
ATOM   606 N  N1    . DG  C 3 4  ? -5.829  3.719   -25.432 1.00 107.07 ? 4   DG  C N1    1 
ATOM   607 C  C2    . DG  C 3 4  ? -4.671  4.432   -25.636 1.00 108.72 ? 4   DG  C C2    1 
ATOM   608 N  N2    . DG  C 3 4  ? -4.736  5.753   -25.416 1.00 107.82 ? 4   DG  C N2    1 
ATOM   609 N  N3    . DG  C 3 4  ? -3.523  3.887   -26.026 1.00 112.23 ? 4   DG  C N3    1 
ATOM   610 C  C4    . DG  C 3 4  ? -3.634  2.548   -26.199 1.00 116.50 ? 4   DG  C C4    1 
ATOM   611 P  P     . DA  C 3 5  ? 2.995   1.891   -26.068 1.00 142.12 ? 5   DA  C P     1 
ATOM   612 O  OP1   . DA  C 3 5  ? 4.181   1.943   -26.953 1.00 151.77 ? 5   DA  C OP1   1 
ATOM   613 O  OP2   . DA  C 3 5  ? 2.656   0.634   -25.365 1.00 136.44 ? 5   DA  C OP2   1 
ATOM   614 O  "O5'" . DA  C 3 5  ? 3.106   3.050   -24.968 1.00 136.03 ? 5   DA  C "O5'" 1 
ATOM   615 C  "C5'" . DA  C 3 5  ? 3.351   4.393   -25.370 1.00 130.50 ? 5   DA  C "C5'" 1 
ATOM   616 C  "C4'" . DA  C 3 5  ? 2.416   5.365   -24.659 1.00 124.87 ? 5   DA  C "C4'" 1 
ATOM   617 O  "O4'" . DA  C 3 5  ? 1.051   4.874   -24.722 1.00 122.13 ? 5   DA  C "O4'" 1 
ATOM   618 C  "C3'" . DA  C 3 5  ? 2.710   5.607   -23.173 1.00 121.07 ? 5   DA  C "C3'" 1 
ATOM   619 O  "O3'" . DA  C 3 5  ? 2.579   6.995   -22.881 1.00 123.70 ? 5   DA  C "O3'" 1 
ATOM   620 C  "C2'" . DA  C 3 5  ? 1.627   4.789   -22.470 1.00 113.17 ? 5   DA  C "C2'" 1 
ATOM   621 C  "C1'" . DA  C 3 5  ? 0.472   4.955   -23.440 1.00 115.53 ? 5   DA  C "C1'" 1 
ATOM   622 N  N9    . DA  C 3 5  ? -0.555  3.922   -23.335 1.00 113.58 ? 5   DA  C N9    1 
ATOM   623 C  C8    . DA  C 3 5  ? -0.416  2.591   -23.612 1.00 112.40 ? 5   DA  C C8    1 
ATOM   624 N  N7    . DA  C 3 5  ? -1.518  1.898   -23.446 1.00 107.57 ? 5   DA  C N7    1 
ATOM   625 C  C5    . DA  C 3 5  ? -2.445  2.842   -23.037 1.00 108.62 ? 5   DA  C C5    1 
ATOM   626 C  C6    . DA  C 3 5  ? -3.810  2.746   -22.697 1.00 102.15 ? 5   DA  C C6    1 
ATOM   627 N  N6    . DA  C 3 5  ? -4.490  1.596   -22.720 1.00 98.61  ? 5   DA  C N6    1 
ATOM   628 N  N1    . DA  C 3 5  ? -4.446  3.881   -22.331 1.00 95.99  ? 5   DA  C N1    1 
ATOM   629 C  C2    . DA  C 3 5  ? -3.756  5.030   -22.310 1.00 95.47  ? 5   DA  C C2    1 
ATOM   630 N  N3    . DA  C 3 5  ? -2.473  5.242   -22.610 1.00 96.71  ? 5   DA  C N3    1 
ATOM   631 C  C4    . DA  C 3 5  ? -1.870  4.096   -22.968 1.00 107.36 ? 5   DA  C C4    1 
ATOM   632 P  P     . DG  C 3 6  ? 3.225   7.617   -21.547 1.00 129.17 ? 6   DG  C P     1 
ATOM   633 O  OP1   . DG  C 3 6  ? 3.836   8.908   -21.931 1.00 126.34 ? 6   DG  C OP1   1 
ATOM   634 O  OP2   . DG  C 3 6  ? 4.059   6.575   -20.908 1.00 126.56 ? 6   DG  C OP2   1 
ATOM   635 O  "O5'" . DG  C 3 6  ? 1.967   7.898   -20.595 1.00 120.55 ? 6   DG  C "O5'" 1 
ATOM   636 C  "C5'" . DG  C 3 6  ? 0.967   8.834   -20.992 1.00 113.69 ? 6   DG  C "C5'" 1 
ATOM   637 C  "C4'" . DG  C 3 6  ? -0.153  8.917   -19.965 1.00 112.35 ? 6   DG  C "C4'" 1 
ATOM   638 O  "O4'" . DG  C 3 6  ? -1.063  7.802   -20.134 1.00 108.90 ? 6   DG  C "O4'" 1 
ATOM   639 C  "C3'" . DG  C 3 6  ? 0.292   8.896   -18.500 1.00 107.31 ? 6   DG  C "C3'" 1 
ATOM   640 O  "O3'" . DG  C 3 6  ? -0.402  9.905   -17.779 1.00 103.13 ? 6   DG  C "O3'" 1 
ATOM   641 C  "C2'" . DG  C 3 6  ? -0.090  7.491   -18.025 1.00 100.52 ? 6   DG  C "C2'" 1 
ATOM   642 C  "C1'" . DG  C 3 6  ? -1.301  7.176   -18.891 1.00 100.63 ? 6   DG  C "C1'" 1 
ATOM   643 N  N9    . DG  C 3 6  ? -1.488  5.749   -19.149 1.00 95.99  ? 6   DG  C N9    1 
ATOM   644 C  C8    . DG  C 3 6  ? -0.536  4.863   -19.591 1.00 95.37  ? 6   DG  C C8    1 
ATOM   645 N  N7    . DG  C 3 6  ? -0.987  3.652   -19.755 1.00 92.42  ? 6   DG  C N7    1 
ATOM   646 C  C5    . DG  C 3 6  ? -2.330  3.737   -19.411 1.00 89.49  ? 6   DG  C C5    1 
ATOM   647 C  C6    . DG  C 3 6  ? -3.331  2.736   -19.397 1.00 85.43  ? 6   DG  C C6    1 
ATOM   648 O  O6    . DG  C 3 6  ? -3.223  1.537   -19.695 1.00 82.54  ? 6   DG  C O6    1 
ATOM   649 N  N1    . DG  C 3 6  ? -4.559  3.242   -18.984 1.00 84.73  ? 6   DG  C N1    1 
ATOM   650 C  C2    . DG  C 3 6  ? -4.794  4.551   -18.628 1.00 87.44  ? 6   DG  C C2    1 
ATOM   651 N  N2    . DG  C 3 6  ? -6.049  4.850   -18.258 1.00 83.58  ? 6   DG  C N2    1 
ATOM   652 N  N3    . DG  C 3 6  ? -3.863  5.502   -18.638 1.00 88.40  ? 6   DG  C N3    1 
ATOM   653 C  C4    . DG  C 3 6  ? -2.657  5.025   -19.038 1.00 91.96  ? 6   DG  C C4    1 
ATOM   654 P  P     . DT  C 3 7  ? -0.049  10.196  -16.240 1.00 108.87 ? 7   DT  C P     1 
ATOM   655 O  OP1   . DT  C 3 7  ? -0.171  11.655  -16.027 1.00 96.72  ? 7   DT  C OP1   1 
ATOM   656 O  OP2   . DT  C 3 7  ? 1.230   9.516   -15.929 1.00 112.97 ? 7   DT  C OP2   1 
ATOM   657 O  "O5'" . DT  C 3 7  ? -1.230  9.470   -15.443 1.00 104.27 ? 7   DT  C "O5'" 1 
ATOM   658 C  "C5'" . DT  C 3 7  ? -2.568  9.535   -15.936 1.00 94.81  ? 7   DT  C "C5'" 1 
ATOM   659 C  "C4'" . DT  C 3 7  ? -3.538  8.865   -14.976 1.00 93.92  ? 7   DT  C "C4'" 1 
ATOM   660 O  "O4'" . DT  C 3 7  ? -3.789  7.498   -15.402 1.00 88.67  ? 7   DT  C "O4'" 1 
ATOM   661 C  "C3'" . DT  C 3 7  ? -3.058  8.764   -13.524 1.00 90.07  ? 7   DT  C "C3'" 1 
ATOM   662 O  "O3'" . DT  C 3 7  ? -4.173  8.834   -12.627 1.00 94.21  ? 7   DT  C "O3'" 1 
ATOM   663 C  "C2'" . DT  C 3 7  ? -2.453  7.365   -13.503 1.00 88.17  ? 7   DT  C "C2'" 1 
ATOM   664 C  "C1'" . DT  C 3 7  ? -3.487  6.626   -14.336 1.00 87.25  ? 7   DT  C "C1'" 1 
ATOM   665 N  N1    . DT  C 3 7  ? -3.021  5.322   -14.894 1.00 88.93  ? 7   DT  C N1    1 
ATOM   666 C  C2    . DT  C 3 7  ? -3.932  4.308   -15.069 1.00 84.68  ? 7   DT  C C2    1 
ATOM   667 O  O2    . DT  C 3 7  ? -5.114  4.421   -14.796 1.00 84.48  ? 7   DT  C O2    1 
ATOM   668 N  N3    . DT  C 3 7  ? -3.412  3.151   -15.585 1.00 80.29  ? 7   DT  C N3    1 
ATOM   669 C  C4    . DT  C 3 7  ? -2.094  2.912   -15.931 1.00 82.99  ? 7   DT  C C4    1 
ATOM   670 O  O4    . DT  C 3 7  ? -1.718  1.836   -16.389 1.00 82.72  ? 7   DT  C O4    1 
ATOM   671 C  C5    . DT  C 3 7  ? -1.191  4.016   -15.717 1.00 84.00  ? 7   DT  C C5    1 
ATOM   672 C  C7    . DT  C 3 7  ? 0.261   3.875   -16.055 1.00 94.13  ? 7   DT  C C7    1 
ATOM   673 C  C6    . DT  C 3 7  ? -1.690  5.155   -15.213 1.00 85.86  ? 7   DT  C C6    1 
ATOM   674 P  P     . DG  C 3 8  ? -4.908  10.223  -12.276 1.00 97.68  ? 8   DG  C P     1 
ATOM   675 O  OP1   . DG  C 3 8  ? -4.839  11.136  -13.441 1.00 93.29  ? 8   DG  C OP1   1 
ATOM   676 O  OP2   . DG  C 3 8  ? -4.417  10.664  -10.949 1.00 102.24 ? 8   DG  C OP2   1 
ATOM   677 O  "O5'" . DG  C 3 8  ? -6.430  9.771   -12.082 1.00 93.19  ? 8   DG  C "O5'" 1 
ATOM   678 C  "C5'" . DG  C 3 8  ? -6.900  8.605   -12.758 1.00 89.17  ? 8   DG  C "C5'" 1 
ATOM   679 C  "C4'" . DG  C 3 8  ? -8.102  7.982   -12.060 1.00 93.65  ? 8   DG  C "C4'" 1 
ATOM   680 O  "O4'" . DG  C 3 8  ? -7.862  6.573   -11.866 1.00 90.47  ? 8   DG  C "O4'" 1 
ATOM   681 C  "C3'" . DG  C 3 8  ? -8.395  8.476   -10.660 1.00 87.91  ? 8   DG  C "C3'" 1 
ATOM   682 O  "O3'" . DG  C 3 8  ? -9.717  8.066   -10.307 1.00 89.60  ? 8   DG  C "O3'" 1 
ATOM   683 C  "C2'" . DG  C 3 8  ? -7.341  7.719   -9.852  1.00 78.68  ? 8   DG  C "C2'" 1 
ATOM   684 C  "C1'" . DG  C 3 8  ? -7.289  6.370   -10.581 1.00 83.02  ? 8   DG  C "C1'" 1 
ATOM   685 N  N9    . DG  C 3 8  ? -5.940  5.850   -10.789 1.00 83.11  ? 8   DG  C N9    1 
ATOM   686 C  C8    . DG  C 3 8  ? -4.758  6.553   -10.766 1.00 84.04  ? 8   DG  C C8    1 
ATOM   687 N  N7    . DG  C 3 8  ? -3.710  5.814   -11.016 1.00 85.38  ? 8   DG  C N7    1 
ATOM   688 C  C5    . DG  C 3 8  ? -4.233  4.546   -11.232 1.00 80.99  ? 8   DG  C C5    1 
ATOM   689 C  C6    . DG  C 3 8  ? -3.582  3.327   -11.546 1.00 80.52  ? 8   DG  C C6    1 
ATOM   690 O  O6    . DG  C 3 8  ? -2.371  3.115   -11.708 1.00 81.13  ? 8   DG  C O6    1 
ATOM   691 N  N1    . DG  C 3 8  ? -4.490  2.281   -11.677 1.00 74.50  ? 8   DG  C N1    1 
ATOM   692 C  C2    . DG  C 3 8  ? -5.851  2.396   -11.525 1.00 77.39  ? 8   DG  C C2    1 
ATOM   693 N  N2    . DG  C 3 8  ? -6.567  1.277   -11.688 1.00 81.54  ? 8   DG  C N2    1 
ATOM   694 N  N3    . DG  C 3 8  ? -6.471  3.529   -11.231 1.00 72.81  ? 8   DG  C N3    1 
ATOM   695 C  C4    . DG  C 3 8  ? -5.604  4.557   -11.099 1.00 77.25  ? 8   DG  C C4    1 
ATOM   696 P  P     . DC  C 3 9  ? -10.324 8.374   -8.852  1.00 88.67  ? 9   DC  C P     1 
ATOM   697 O  OP1   . DC  C 3 9  ? -11.781 8.120   -8.933  1.00 82.19  ? 9   DC  C OP1   1 
ATOM   698 O  OP2   . DC  C 3 9  ? -9.800  9.686   -8.411  1.00 87.76  ? 9   DC  C OP2   1 
ATOM   699 O  "O5'" . DC  C 3 9  ? -9.677  7.247   -7.920  1.00 82.56  ? 9   DC  C "O5'" 1 
ATOM   700 C  "C5'" . DC  C 3 9  ? -10.513 6.381   -7.164  1.00 81.74  ? 9   DC  C "C5'" 1 
ATOM   701 C  "C4'" . DC  C 3 9  ? -10.143 4.924   -7.394  1.00 77.80  ? 9   DC  C "C4'" 1 
ATOM   702 O  "O4'" . DC  C 3 9  ? -8.821  4.836   -7.996  1.00 76.95  ? 9   DC  C "O4'" 1 
ATOM   703 C  "C3'" . DC  C 3 9  ? -10.077 4.071   -6.125  1.00 73.43  ? 9   DC  C "C3'" 1 
ATOM   704 O  "O3'" . DC  C 3 9  ? -10.574 2.767   -6.397  1.00 61.59  ? 9   DC  C "O3'" 1 
ATOM   705 C  "C2'" . DC  C 3 9  ? -8.583  4.042   -5.831  1.00 69.36  ? 9   DC  C "C2'" 1 
ATOM   706 C  "C1'" . DC  C 3 9  ? -8.045  3.932   -7.243  1.00 71.67  ? 9   DC  C "C1'" 1 
ATOM   707 N  N1    . DC  C 3 9  ? -6.609  4.287   -7.381  1.00 73.78  ? 9   DC  C N1    1 
ATOM   708 C  C2    . DC  C 3 9  ? -5.691  3.292   -7.739  1.00 72.50  ? 9   DC  C C2    1 
ATOM   709 O  O2    . DC  C 3 9  ? -6.095  2.137   -7.926  1.00 65.78  ? 9   DC  C O2    1 
ATOM   710 N  N3    . DC  C 3 9  ? -4.384  3.624   -7.867  1.00 75.02  ? 9   DC  C N3    1 
ATOM   711 C  C4    . DC  C 3 9  ? -3.987  4.879   -7.657  1.00 74.10  ? 9   DC  C C4    1 
ATOM   712 N  N4    . DC  C 3 9  ? -2.686  5.158   -7.797  1.00 82.99  ? 9   DC  C N4    1 
ATOM   713 C  C5    . DC  C 3 9  ? -4.909  5.908   -7.292  1.00 76.36  ? 9   DC  C C5    1 
ATOM   714 C  C6    . DC  C 3 9  ? -6.198  5.569   -7.167  1.00 75.62  ? 9   DC  C C6    1 
ATOM   715 P  P     . DT  D 4 1  ? 12.426  -5.239  10.040  1.00 102.65 ? 10  DT  D P     1 
ATOM   716 O  OP1   . DT  D 4 1  ? 13.875  -5.519  10.184  1.00 88.10  ? 10  DT  D OP1   1 
ATOM   717 O  OP2   . DT  D 4 1  ? 11.432  -6.321  10.228  1.00 92.53  ? 10  DT  D OP2   1 
ATOM   718 O  "O5'" . DT  D 4 1  ? 12.155  -4.562  8.614   1.00 79.22  ? 10  DT  D "O5'" 1 
ATOM   719 C  "C5'" . DT  D 4 1  ? 12.991  -3.500  8.158   1.00 84.65  ? 10  DT  D "C5'" 1 
ATOM   720 C  "C4'" . DT  D 4 1  ? 12.310  -2.157  8.347   1.00 88.06  ? 10  DT  D "C4'" 1 
ATOM   721 O  "O4'" . DT  D 4 1  ? 11.006  -2.196  7.743   1.00 80.47  ? 10  DT  D "O4'" 1 
ATOM   722 C  "C3'" . DT  D 4 1  ? 12.042  -1.767  9.790   1.00 89.42  ? 10  DT  D "C3'" 1 
ATOM   723 O  "O3'" . DT  D 4 1  ? 13.177  -1.094  10.335  1.00 96.26  ? 10  DT  D "O3'" 1 
ATOM   724 C  "C2'" . DT  D 4 1  ? 10.832  -0.829  9.678   1.00 87.40  ? 10  DT  D "C2'" 1 
ATOM   725 C  "C1'" . DT  D 4 1  ? 10.201  -1.197  8.327   1.00 74.35  ? 10  DT  D "C1'" 1 
ATOM   726 N  N1    . DT  D 4 1  ? 8.799   -1.712  8.435   1.00 75.86  ? 10  DT  D N1    1 
ATOM   727 C  C2    . DT  D 4 1  ? 7.762   -0.825  8.610   1.00 84.48  ? 10  DT  D C2    1 
ATOM   728 O  O2    . DT  D 4 1  ? 7.922   0.380   8.689   1.00 85.52  ? 10  DT  D O2    1 
ATOM   729 N  N3    . DT  D 4 1  ? 6.519   -1.402  8.694   1.00 81.61  ? 10  DT  D N3    1 
ATOM   730 C  C4    . DT  D 4 1  ? 6.220   -2.753  8.617   1.00 79.73  ? 10  DT  D C4    1 
ATOM   731 O  O4    . DT  D 4 1  ? 5.071   -3.181  8.703   1.00 79.28  ? 10  DT  D O4    1 
ATOM   732 C  C5    . DT  D 4 1  ? 7.356   -3.622  8.430   1.00 76.61  ? 10  DT  D C5    1 
ATOM   733 C  C7    . DT  D 4 1  ? 7.160   -5.104  8.334   1.00 75.03  ? 10  DT  D C7    1 
ATOM   734 C  C6    . DT  D 4 1  ? 8.573   -3.068  8.348   1.00 75.25  ? 10  DT  D C6    1 
ATOM   735 P  P     . DG  D 4 2  ? 13.432  -1.094  11.922  1.00 107.30 ? 11  DG  D P     1 
ATOM   736 O  OP1   . DG  D 4 2  ? 14.743  -0.447  12.164  1.00 105.76 ? 11  DG  D OP1   1 
ATOM   737 O  OP2   . DG  D 4 2  ? 13.177  -2.467  12.414  1.00 101.28 ? 11  DG  D OP2   1 
ATOM   738 O  "O5'" . DG  D 4 2  ? 12.270  -0.156  12.501  1.00 102.47 ? 11  DG  D "O5'" 1 
ATOM   739 C  "C5'" . DG  D 4 2  ? 12.289  1.250   12.254  1.00 102.87 ? 11  DG  D "C5'" 1 
ATOM   740 C  "C4'" . DG  D 4 2  ? 10.949  1.884   12.598  1.00 98.70  ? 11  DG  D "C4'" 1 
ATOM   741 O  "O4'" . DG  D 4 2  ? 9.897   1.171   11.929  1.00 85.17  ? 11  DG  D "O4'" 1 
ATOM   742 C  "C3'" . DG  D 4 2  ? 10.561  1.835   14.069  1.00 106.92 ? 11  DG  D "C3'" 1 
ATOM   743 O  "O3'" . DG  D 4 2  ? 11.030  3.000   14.737  1.00 112.48 ? 11  DG  D "O3'" 1 
ATOM   744 C  "C2'" . DG  D 4 2  ? 9.027   1.801   14.041  1.00 106.92 ? 11  DG  D "C2'" 1 
ATOM   745 C  "C1'" . DG  D 4 2  ? 8.684   1.424   12.598  1.00 95.46  ? 11  DG  D "C1'" 1 
ATOM   746 N  N9    . DG  D 4 2  ? 7.834   0.244   12.491  1.00 88.98  ? 11  DG  D N9    1 
ATOM   747 C  C8    . DG  D 4 2  ? 8.239   -1.050  12.283  1.00 88.81  ? 11  DG  D C8    1 
ATOM   748 N  N7    . DG  D 4 2  ? 7.253   -1.901  12.226  1.00 85.47  ? 11  DG  D N7    1 
ATOM   749 C  C5    . DG  D 4 2  ? 6.121   -1.121  12.406  1.00 89.52  ? 11  DG  D C5    1 
ATOM   750 C  C6    . DG  D 4 2  ? 4.755   -1.493  12.439  1.00 97.91  ? 11  DG  D C6    1 
ATOM   751 O  O6    . DG  D 4 2  ? 4.263   -2.623  12.312  1.00 96.61  ? 11  DG  D O6    1 
ATOM   752 N  N1    . DG  D 4 2  ? 3.929   -0.390  12.646  1.00 100.51 ? 11  DG  D N1    1 
ATOM   753 C  C2    . DG  D 4 2  ? 4.364   0.905   12.802  1.00 100.89 ? 11  DG  D C2    1 
ATOM   754 N  N2    . DG  D 4 2  ? 3.421   1.837   12.991  1.00 102.24 ? 11  DG  D N2    1 
ATOM   755 N  N3    . DG  D 4 2  ? 5.644   1.265   12.771  1.00 99.12  ? 11  DG  D N3    1 
ATOM   756 C  C4    . DG  D 4 2  ? 6.461   0.204   12.571  1.00 93.17  ? 11  DG  D C4    1 
ATOM   757 P  P     . DT  D 4 3  ? 10.988  3.085   16.342  1.00 129.87 ? 12  DT  D P     1 
ATOM   758 O  OP1   . DT  D 4 3  ? 11.833  4.229   16.749  1.00 125.15 ? 12  DT  D OP1   1 
ATOM   759 O  OP2   . DT  D 4 3  ? 11.295  1.731   16.850  1.00 117.14 ? 12  DT  D OP2   1 
ATOM   760 O  "O5'" . DT  D 4 3  ? 9.452   3.406   16.689  1.00 113.95 ? 12  DT  D "O5'" 1 
ATOM   761 C  "C5'" . DT  D 4 3  ? 8.835   4.594   16.190  1.00 110.87 ? 12  DT  D "C5'" 1 
ATOM   762 C  "C4'" . DT  D 4 3  ? 7.326   4.571   16.413  1.00 116.84 ? 12  DT  D "C4'" 1 
ATOM   763 O  "O4'" . DT  D 4 3  ? 6.756   3.371   15.835  1.00 108.50 ? 12  DT  D "O4'" 1 
ATOM   764 C  "C3'" . DT  D 4 3  ? 6.866   4.606   17.877  1.00 121.28 ? 12  DT  D "C3'" 1 
ATOM   765 O  "O3'" . DT  D 4 3  ? 5.929   5.667   18.061  1.00 123.68 ? 12  DT  D "O3'" 1 
ATOM   766 C  "C2'" . DT  D 4 3  ? 6.216   3.231   18.097  1.00 117.38 ? 12  DT  D "C2'" 1 
ATOM   767 C  "C1'" . DT  D 4 3  ? 5.758   2.870   16.692  1.00 112.44 ? 12  DT  D "C1'" 1 
ATOM   768 N  N1    . DT  D 4 3  ? 5.631   1.396   16.444  1.00 108.06 ? 12  DT  D N1    1 
ATOM   769 C  C2    . DT  D 4 3  ? 4.381   0.832   16.294  1.00 111.72 ? 12  DT  D C2    1 
ATOM   770 O  O2    . DT  D 4 3  ? 3.348   1.471   16.368  1.00 117.12 ? 12  DT  D O2    1 
ATOM   771 N  N3    . DT  D 4 3  ? 4.389   -0.522  16.056  1.00 106.52 ? 12  DT  D N3    1 
ATOM   772 C  C4    . DT  D 4 3  ? 5.501   -1.344  15.952  1.00 106.88 ? 12  DT  D C4    1 
ATOM   773 O  O4    . DT  D 4 3  ? 5.414   -2.548  15.738  1.00 106.14 ? 12  DT  D O4    1 
ATOM   774 C  C5    . DT  D 4 3  ? 6.771   -0.681  16.115  1.00 102.53 ? 12  DT  D C5    1 
ATOM   775 C  C7    . DT  D 4 3  ? 8.045   -1.467  16.024  1.00 98.11  ? 12  DT  D C7    1 
ATOM   776 C  C6    . DT  D 4 3  ? 6.775   0.636   16.347  1.00 103.13 ? 12  DT  D C6    1 
ATOM   777 P  P     . DC  D 4 4  ? 5.472   6.110   19.537  1.00 137.60 ? 13  DC  D P     1 
ATOM   778 O  OP1   . DC  D 4 4  ? 5.041   7.524   19.467  1.00 134.02 ? 13  DC  D OP1   1 
ATOM   779 O  OP2   . DC  D 4 4  ? 6.545   5.723   20.479  1.00 136.08 ? 13  DC  D OP2   1 
ATOM   780 O  "O5'" . DC  D 4 4  ? 4.189   5.201   19.834  1.00 125.81 ? 13  DC  D "O5'" 1 
ATOM   781 C  "C5'" . DC  D 4 4  ? 3.088   5.212   18.929  1.00 126.16 ? 13  DC  D "C5'" 1 
ATOM   782 C  "C4'" . DC  D 4 4  ? 1.934   4.370   19.454  1.00 134.30 ? 13  DC  D "C4'" 1 
ATOM   783 O  "O4'" . DC  D 4 4  ? 2.078   2.996   19.002  1.00 130.90 ? 13  DC  D "O4'" 1 
ATOM   784 C  "C3'" . DC  D 4 4  ? 1.807   4.307   20.979  1.00 143.89 ? 13  DC  D "C3'" 1 
ATOM   785 O  "O3'" . DC  D 4 4  ? 0.435   4.453   21.360  1.00 148.87 ? 13  DC  D "O3'" 1 
ATOM   786 C  "C2'" . DC  D 4 4  ? 2.334   2.909   21.313  1.00 139.92 ? 13  DC  D "C2'" 1 
ATOM   787 C  "C1'" . DC  D 4 4  ? 1.882   2.125   20.091  1.00 132.73 ? 13  DC  D "C1'" 1 
ATOM   788 N  N1    . DC  D 4 4  ? 2.665   0.876   19.840  1.00 125.37 ? 13  DC  D N1    1 
ATOM   789 C  C2    . DC  D 4 4  ? 1.996   -0.321  19.524  1.00 125.56 ? 13  DC  D C2    1 
ATOM   790 O  O2    . DC  D 4 4  ? 0.760   -0.325  19.466  1.00 130.03 ? 13  DC  D O2    1 
ATOM   791 N  N3    . DC  D 4 4  ? 2.729   -1.441  19.290  1.00 123.00 ? 13  DC  D N3    1 
ATOM   792 C  C4    . DC  D 4 4  ? 4.062   -1.390  19.361  1.00 121.61 ? 13  DC  D C4    1 
ATOM   793 N  N4    . DC  D 4 4  ? 4.748   -2.513  19.127  1.00 117.88 ? 13  DC  D N4    1 
ATOM   794 C  C5    . DC  D 4 4  ? 4.756   -0.183  19.679  1.00 120.68 ? 13  DC  D C5    1 
ATOM   795 C  C6    . DC  D 4 4  ? 4.027   0.913   19.904  1.00 121.45 ? 13  DC  D C6    1 
ATOM   796 P  P     . DT  D 4 5  ? -0.089  5.819   22.033  1.00 157.37 ? 14  DT  D P     1 
ATOM   797 O  OP1   . DT  D 4 5  ? -1.333  6.210   21.331  1.00 160.10 ? 14  DT  D OP1   1 
ATOM   798 O  OP2   . DT  D 4 5  ? 1.050   6.761   22.092  1.00 150.06 ? 14  DT  D OP2   1 
ATOM   799 O  "O5'" . DT  D 4 5  ? -0.467  5.404   23.535  1.00 154.34 ? 14  DT  D "O5'" 1 
ATOM   800 C  "C5'" . DT  D 4 5  ? -0.203  4.083   24.014  1.00 151.54 ? 14  DT  D "C5'" 1 
ATOM   801 C  "C4'" . DT  D 4 5  ? -1.352  3.147   23.674  1.00 154.83 ? 14  DT  D "C4'" 1 
ATOM   802 O  "O4'" . DT  D 4 5  ? -0.859  2.052   22.854  1.00 150.20 ? 14  DT  D "O4'" 1 
ATOM   803 C  "C3'" . DT  D 4 5  ? -2.035  2.488   24.872  1.00 160.07 ? 14  DT  D "C3'" 1 
ATOM   804 O  "O3'" . DT  D 4 5  ? -3.426  2.292   24.583  1.00 166.99 ? 14  DT  D "O3'" 1 
ATOM   805 C  "C2'" . DT  D 4 5  ? -1.289  1.164   24.970  1.00 155.64 ? 14  DT  D "C2'" 1 
ATOM   806 C  "C1'" . DT  D 4 5  ? -1.124  0.823   23.501  1.00 149.97 ? 14  DT  D "C1'" 1 
ATOM   807 N  N1    . DT  D 4 5  ? -0.005  -0.127  23.208  1.00 143.35 ? 14  DT  D N1    1 
ATOM   808 C  C2    . DT  D 4 5  ? -0.304  -1.403  22.798  1.00 142.85 ? 14  DT  D C2    1 
ATOM   809 O  O2    . DT  D 4 5  ? -1.444  -1.811  22.669  1.00 144.80 ? 14  DT  D O2    1 
ATOM   810 N  N3    . DT  D 4 5  ? 0.785   -2.195  22.542  1.00 138.41 ? 14  DT  D N3    1 
ATOM   811 C  C4    . DT  D 4 5  ? 2.118   -1.842  22.651  1.00 134.92 ? 14  DT  D C4    1 
ATOM   812 O  O4    . DT  D 4 5  ? 3.028   -2.626  22.398  1.00 132.55 ? 14  DT  D O4    1 
ATOM   813 C  C5    . DT  D 4 5  ? 2.362   -0.486  23.086  1.00 134.17 ? 14  DT  D C5    1 
ATOM   814 C  C7    . DT  D 4 5  ? 3.767   0.011   23.244  1.00 128.22 ? 14  DT  D C7    1 
ATOM   815 C  C6    . DT  D 4 5  ? 1.301   0.296   23.339  1.00 138.03 ? 14  DT  D C6    1 
ATOM   816 P  P     . DG  D 4 6  ? -4.433  1.691   25.687  1.00 175.82 ? 15  DG  D P     1 
ATOM   817 O  OP1   . DG  D 4 6  ? -5.580  2.621   25.780  1.00 193.00 ? 15  DG  D OP1   1 
ATOM   818 O  OP2   . DG  D 4 6  ? -3.680  1.349   26.913  1.00 170.86 ? 15  DG  D OP2   1 
ATOM   819 O  "O5'" . DG  D 4 6  ? -4.943  0.322   25.031  1.00 171.01 ? 15  DG  D "O5'" 1 
ATOM   820 C  "C5'" . DG  D 4 6  ? -5.931  -0.465  25.691  1.00 169.86 ? 15  DG  D "C5'" 1 
ATOM   821 C  "C4'" . DG  D 4 6  ? -5.359  -1.804  26.125  1.00 167.91 ? 15  DG  D "C4'" 1 
ATOM   822 O  "O4'" . DG  D 4 6  ? -3.974  -1.888  25.723  1.00 165.79 ? 15  DG  D "O4'" 1 
ATOM   823 C  "C3'" . DG  D 4 6  ? -5.361  -2.047  27.641  1.00 166.07 ? 15  DG  D "C3'" 1 
ATOM   824 O  "O3'" . DG  D 4 6  ? -6.378  -3.022  28.017  1.00 168.83 ? 15  DG  D "O3'" 1 
ATOM   825 C  "C2'" . DG  D 4 6  ? -3.931  -2.507  27.966  1.00 162.79 ? 15  DG  D "C2'" 1 
ATOM   826 C  "C1'" . DG  D 4 6  ? -3.332  -2.777  26.592  1.00 157.35 ? 15  DG  D "C1'" 1 
ATOM   827 N  N9    . DG  D 4 6  ? -1.893  -2.550  26.548  1.00 150.76 ? 15  DG  D N9    1 
ATOM   828 C  C8    . DG  D 4 6  ? -1.220  -1.424  26.951  1.00 147.76 ? 15  DG  D C8    1 
ATOM   829 N  N7    . DG  D 4 6  ? 0.073   -1.513  26.811  1.00 143.92 ? 15  DG  D N7    1 
ATOM   830 C  C5    . DG  D 4 6  ? 0.271   -2.787  26.296  1.00 144.94 ? 15  DG  D C5    1 
ATOM   831 C  C6    . DG  D 4 6  ? 1.469   -3.451  25.942  1.00 138.35 ? 15  DG  D C6    1 
ATOM   832 O  O6    . DG  D 4 6  ? 2.633   -3.029  26.017  1.00 134.74 ? 15  DG  D O6    1 
ATOM   833 N  N1    . DG  D 4 6  ? 1.222   -4.734  25.459  1.00 136.52 ? 15  DG  D N1    1 
ATOM   834 C  C2    . DG  D 4 6  ? -0.025  -5.302  25.335  1.00 139.71 ? 15  DG  D C2    1 
ATOM   835 N  N2    . DG  D 4 6  ? -0.064  -6.552  24.849  1.00 133.77 ? 15  DG  D N2    1 
ATOM   836 N  N3    . DG  D 4 6  ? -1.155  -4.690  25.663  1.00 144.40 ? 15  DG  D N3    1 
ATOM   837 C  C4    . DG  D 4 6  ? -0.931  -3.440  26.134  1.00 147.05 ? 15  DG  D C4    1 
ATOM   838 P  P     . DC  D 4 7  ? -6.111  -4.616  28.006  1.00 171.43 ? 16  DC  D P     1 
ATOM   839 O  OP1   . DC  D 4 7  ? -5.526  -5.000  26.703  1.00 167.16 ? 16  DC  D OP1   1 
ATOM   840 O  OP2   . DC  D 4 7  ? -7.378  -5.248  28.426  1.00 180.20 ? 16  DC  D OP2   1 
ATOM   841 O  "O5'" . DC  D 4 7  ? -5.073  -4.874  29.203  1.00 159.91 ? 16  DC  D "O5'" 1 
ATOM   842 C  "C5'" . DC  D 4 7  ? -4.790  -6.205  29.650  1.00 153.86 ? 16  DC  D "C5'" 1 
ATOM   843 C  "C4'" . DC  D 4 7  ? -3.980  -6.979  28.618  1.00 147.58 ? 16  DC  D "C4'" 1 
ATOM   844 O  "O4'" . DC  D 4 7  ? -2.836  -6.189  28.194  1.00 145.23 ? 16  DC  D "O4'" 1 
ATOM   845 C  "C3'" . DC  D 4 7  ? -3.417  -8.316  29.107  1.00 144.45 ? 16  DC  D "C3'" 1 
ATOM   846 O  "O3'" . DC  D 4 7  ? -3.569  -9.305  28.097  1.00 145.13 ? 16  DC  D "O3'" 1 
ATOM   847 C  "C2'" . DC  D 4 7  ? -1.943  -8.002  29.366  1.00 139.90 ? 16  DC  D "C2'" 1 
ATOM   848 C  "C1'" . DC  D 4 7  ? -1.662  -6.966  28.292  1.00 141.74 ? 16  DC  D "C1'" 1 
ATOM   849 N  N1    . DC  D 4 7  ? -0.524  -6.057  28.620  1.00 140.04 ? 16  DC  D N1    1 
ATOM   850 C  C2    . DC  D 4 7  ? 0.797   -6.471  28.386  1.00 135.98 ? 16  DC  D C2    1 
ATOM   851 O  O2    . DC  D 4 7  ? 1.007   -7.596  27.912  1.00 132.37 ? 16  DC  D O2    1 
ATOM   852 N  N3    . DC  D 4 7  ? 1.812   -5.622  28.693  1.00 135.89 ? 16  DC  D N3    1 
ATOM   853 C  C4    . DC  D 4 7  ? 1.544   -4.417  29.204  1.00 136.45 ? 16  DC  D C4    1 
ATOM   854 N  N4    . DC  D 4 7  ? 2.576   -3.617  29.489  1.00 134.60 ? 16  DC  D N4    1 
ATOM   855 C  C5    . DC  D 4 7  ? 0.208   -3.981  29.446  1.00 138.84 ? 16  DC  D C5    1 
ATOM   856 C  C6    . DC  D 4 7  ? -0.784  -4.823  29.142  1.00 139.97 ? 16  DC  D C6    1 
HETATM 857 AS AS    . CAC E 5 .  ? -2.753  4.948   -0.615  1.00 143.58 ? 101 CAC B AS    1 
HETATM 858 AS AS    . CAC F 5 .  ? 0.789   5.580   -10.797 1.00 154.19 ? 101 CAC C AS    1 
# 
loop_
_pdbx_poly_seq_scheme.asym_id 
_pdbx_poly_seq_scheme.entity_id 
_pdbx_poly_seq_scheme.seq_id 
_pdbx_poly_seq_scheme.mon_id 
_pdbx_poly_seq_scheme.ndb_seq_num 
_pdbx_poly_seq_scheme.pdb_seq_num 
_pdbx_poly_seq_scheme.auth_seq_num 
_pdbx_poly_seq_scheme.pdb_mon_id 
_pdbx_poly_seq_scheme.auth_mon_id 
_pdbx_poly_seq_scheme.pdb_strand_id 
_pdbx_poly_seq_scheme.pdb_ins_code 
_pdbx_poly_seq_scheme.hetero 
A 1 1  DG 1  1  1  DG DG A . n 
A 1 2  DA 2  2  2  DA DA A . n 
A 1 3  DG 3  3  3  DG DG A . n 
A 1 4  DC 4  4  4  DC DC A . n 
A 1 5  DA 5  5  5  DA DA A . n 
A 1 6  DG 6  6  6  DG DG A . n 
A 1 7  DA 7  7  7  DA DA A . n 
A 1 8  DC 8  8  8  DC DC A . n 
A 1 9  DA 9  9  9  DA DA A . n 
A 1 10 DT 10 10 10 DT DT A . n 
A 1 11 DG 11 11 11 DG DG A . n 
A 1 12 DA 12 12 12 DA DA A . n 
A 1 13 DC 13 13 13 DC DC A . n 
A 1 14 DG 14 14 14 DG DG A . n 
A 1 15 DA 15 15 15 DA DA A . n 
A 1 16 DC 16 16 16 DC DC A . n 
A 1 17 DA 17 17 17 DA DA A . n 
A 1 18 DC 18 18 18 DC DC A . n 
A 1 19 DT 19 19 19 DT DT A . n 
A 1 20 DC 20 20 20 DC DC A . n 
A 1 21 DA 21 21 21 DA DA A . n 
B 2 1  DA 1  1  1  DA DA B . n 
B 2 2  DG 2  2  2  DG DG B . n 
B 2 3  DT 3  3  3  DT DT B . n 
B 2 4  DC 4  4  4  DC DC B . n 
B 2 5  DA 5  5  5  DA DA B . n 
C 3 1  DT 1  1  1  DT DT C . n 
C 3 2  DC 2  2  2  DC DC C . n 
C 3 3  DT 3  3  3  DT DT C . n 
C 3 4  DG 4  4  4  DG DG C . n 
C 3 5  DA 5  5  5  DA DA C . n 
C 3 6  DG 6  6  6  DG DG C . n 
C 3 7  DT 7  7  7  DT DT C . n 
C 3 8  DG 8  8  8  DG DG C . n 
C 3 9  DC 9  9  9  DC DC C . n 
D 4 1  DT 1  10 10 DT DT D . n 
D 4 2  DG 2  11 11 DG DG D . n 
D 4 3  DT 3  12 12 DT DT D . n 
D 4 4  DC 4  13 13 DC DC D . n 
D 4 5  DT 5  14 14 DT DT D . n 
D 4 6  DG 6  15 15 DG DG D . n 
D 4 7  DC 7  16 16 DC DC D . n 
# 
loop_
_pdbx_nonpoly_scheme.asym_id 
_pdbx_nonpoly_scheme.entity_id 
_pdbx_nonpoly_scheme.mon_id 
_pdbx_nonpoly_scheme.ndb_seq_num 
_pdbx_nonpoly_scheme.pdb_seq_num 
_pdbx_nonpoly_scheme.auth_seq_num 
_pdbx_nonpoly_scheme.pdb_mon_id 
_pdbx_nonpoly_scheme.auth_mon_id 
_pdbx_nonpoly_scheme.pdb_strand_id 
_pdbx_nonpoly_scheme.pdb_ins_code 
E 5 CAC 1 101 1 CAC AS B . 
F 5 CAC 1 101 2 CAC AS C . 
# 
_pdbx_struct_assembly.id                   1 
_pdbx_struct_assembly.details              author_defined_assembly 
_pdbx_struct_assembly.method_details       ? 
_pdbx_struct_assembly.oligomeric_details   tetrameric 
_pdbx_struct_assembly.oligomeric_count     4 
# 
_pdbx_struct_assembly_gen.assembly_id       1 
_pdbx_struct_assembly_gen.oper_expression   1 
_pdbx_struct_assembly_gen.asym_id_list      A,B,C,D,E,F 
# 
_pdbx_struct_oper_list.id                   1 
_pdbx_struct_oper_list.type                 'identity operation' 
_pdbx_struct_oper_list.name                 1_555 
_pdbx_struct_oper_list.symmetry_operation   x,y,z 
_pdbx_struct_oper_list.matrix[1][1]         1.0000000000 
_pdbx_struct_oper_list.matrix[1][2]         0.0000000000 
_pdbx_struct_oper_list.matrix[1][3]         0.0000000000 
_pdbx_struct_oper_list.vector[1]            0.0000000000 
_pdbx_struct_oper_list.matrix[2][1]         0.0000000000 
_pdbx_struct_oper_list.matrix[2][2]         1.0000000000 
_pdbx_struct_oper_list.matrix[2][3]         0.0000000000 
_pdbx_struct_oper_list.vector[2]            0.0000000000 
_pdbx_struct_oper_list.matrix[3][1]         0.0000000000 
_pdbx_struct_oper_list.matrix[3][2]         0.0000000000 
_pdbx_struct_oper_list.matrix[3][3]         1.0000000000 
_pdbx_struct_oper_list.vector[3]            0.0000000000 
# 
loop_
_pdbx_audit_revision_history.ordinal 
_pdbx_audit_revision_history.data_content_type 
_pdbx_audit_revision_history.major_revision 
_pdbx_audit_revision_history.minor_revision 
_pdbx_audit_revision_history.revision_date 
1 'Structure model' 1 0 2021-07-14 
2 'Structure model' 1 1 2022-07-06 
3 'Structure model' 1 2 2023-10-18 
# 
_pdbx_audit_revision_details.ordinal             1 
_pdbx_audit_revision_details.revision_ordinal    1 
_pdbx_audit_revision_details.data_content_type   'Structure model' 
_pdbx_audit_revision_details.provider            repository 
_pdbx_audit_revision_details.type                'Initial release' 
_pdbx_audit_revision_details.description         ? 
_pdbx_audit_revision_details.details             ? 
# 
loop_
_pdbx_audit_revision_group.ordinal 
_pdbx_audit_revision_group.revision_ordinal 
_pdbx_audit_revision_group.data_content_type 
_pdbx_audit_revision_group.group 
1 2 'Structure model' 'Database references'    
2 3 'Structure model' 'Data collection'        
3 3 'Structure model' 'Refinement description' 
# 
loop_
_pdbx_audit_revision_category.ordinal 
_pdbx_audit_revision_category.revision_ordinal 
_pdbx_audit_revision_category.data_content_type 
_pdbx_audit_revision_category.category 
1 2 'Structure model' citation                      
2 2 'Structure model' citation_author               
3 2 'Structure model' database_2                    
4 3 'Structure model' chem_comp_atom                
5 3 'Structure model' chem_comp_bond                
6 3 'Structure model' pdbx_initial_refinement_model 
# 
loop_
_pdbx_audit_revision_item.ordinal 
_pdbx_audit_revision_item.revision_ordinal 
_pdbx_audit_revision_item.data_content_type 
_pdbx_audit_revision_item.item 
1  2 'Structure model' '_citation.country'                   
2  2 'Structure model' '_citation.journal_abbrev'            
3  2 'Structure model' '_citation.journal_id_CSD'            
4  2 'Structure model' '_citation.journal_id_ISSN'           
5  2 'Structure model' '_citation.journal_volume'            
6  2 'Structure model' '_citation.page_first'                
7  2 'Structure model' '_citation.page_last'                 
8  2 'Structure model' '_citation.pdbx_database_id_DOI'      
9  2 'Structure model' '_citation.pdbx_database_id_PubMed'   
10 2 'Structure model' '_citation.title'                     
11 2 'Structure model' '_citation.year'                      
12 2 'Structure model' '_database_2.pdbx_DOI'                
13 2 'Structure model' '_database_2.pdbx_database_accession' 
# 
loop_
_software.citation_id 
_software.classification 
_software.compiler_name 
_software.compiler_version 
_software.contact_author 
_software.contact_author_email 
_software.date 
_software.description 
_software.dependencies 
_software.hardware 
_software.language 
_software.location 
_software.mods 
_software.name 
_software.os 
_software.os_version 
_software.type 
_software.version 
_software.pdbx_ordinal 
? 'data reduction'  ? ? ? ? ? ? ? ? ? ? ? HKL-2000    ? ? ? .           1 
? 'data scaling'    ? ? ? ? ? ? ? ? ? ? ? HKL-2000    ? ? ? .           2 
? refinement        ? ? ? ? ? ? ? ? ? ? ? PHENIX      ? ? ? 1.11.1_2575 3 
? 'data extraction' ? ? ? ? ? ? ? ? ? ? ? PDB_EXTRACT ? ? ? 3.25        4 
? phasing           ? ? ? ? ? ? ? ? ? ? ? PHASER      ? ? ? .           5 
# 
_pdbx_entry_details.entry_id                 6WR5 
_pdbx_entry_details.has_ligand_of_interest   N 
_pdbx_entry_details.compound_details         ? 
_pdbx_entry_details.source_details           ? 
_pdbx_entry_details.nonpolymer_details       ? 
_pdbx_entry_details.sequence_details         ? 
# 
loop_
_pdbx_unobs_or_zero_occ_atoms.id 
_pdbx_unobs_or_zero_occ_atoms.PDB_model_num 
_pdbx_unobs_or_zero_occ_atoms.polymer_flag 
_pdbx_unobs_or_zero_occ_atoms.occupancy_flag 
_pdbx_unobs_or_zero_occ_atoms.auth_asym_id 
_pdbx_unobs_or_zero_occ_atoms.auth_comp_id 
_pdbx_unobs_or_zero_occ_atoms.auth_seq_id 
_pdbx_unobs_or_zero_occ_atoms.PDB_ins_code 
_pdbx_unobs_or_zero_occ_atoms.auth_atom_id 
_pdbx_unobs_or_zero_occ_atoms.label_alt_id 
_pdbx_unobs_or_zero_occ_atoms.label_asym_id 
_pdbx_unobs_or_zero_occ_atoms.label_comp_id 
_pdbx_unobs_or_zero_occ_atoms.label_seq_id 
_pdbx_unobs_or_zero_occ_atoms.label_atom_id 
1 1 N 1 B CAC 101 ? O1 ? E CAC 1 O1 
2 1 N 1 B CAC 101 ? O2 ? E CAC 1 O2 
3 1 N 1 B CAC 101 ? C1 ? E CAC 1 C1 
4 1 N 1 B CAC 101 ? C2 ? E CAC 1 C2 
5 1 N 1 C CAC 101 ? O1 ? F CAC 1 O1 
6 1 N 1 C CAC 101 ? O2 ? F CAC 1 O2 
7 1 N 1 C CAC 101 ? C1 ? F CAC 1 C1 
8 1 N 1 C CAC 101 ? C2 ? F CAC 1 C2 
# 
loop_
_chem_comp_atom.comp_id 
_chem_comp_atom.atom_id 
_chem_comp_atom.type_symbol 
_chem_comp_atom.pdbx_aromatic_flag 
_chem_comp_atom.pdbx_stereo_config 
_chem_comp_atom.pdbx_ordinal 
CAC AS     AS N N 1   
CAC O1     O  N N 2   
CAC O2     O  N N 3   
CAC C1     C  N N 4   
CAC C2     C  N N 5   
CAC H11    H  N N 6   
CAC H12    H  N N 7   
CAC H13    H  N N 8   
CAC H21    H  N N 9   
CAC H22    H  N N 10  
CAC H23    H  N N 11  
DA  OP3    O  N N 12  
DA  P      P  N N 13  
DA  OP1    O  N N 14  
DA  OP2    O  N N 15  
DA  "O5'"  O  N N 16  
DA  "C5'"  C  N N 17  
DA  "C4'"  C  N R 18  
DA  "O4'"  O  N N 19  
DA  "C3'"  C  N S 20  
DA  "O3'"  O  N N 21  
DA  "C2'"  C  N N 22  
DA  "C1'"  C  N R 23  
DA  N9     N  Y N 24  
DA  C8     C  Y N 25  
DA  N7     N  Y N 26  
DA  C5     C  Y N 27  
DA  C6     C  Y N 28  
DA  N6     N  N N 29  
DA  N1     N  Y N 30  
DA  C2     C  Y N 31  
DA  N3     N  Y N 32  
DA  C4     C  Y N 33  
DA  HOP3   H  N N 34  
DA  HOP2   H  N N 35  
DA  "H5'"  H  N N 36  
DA  "H5''" H  N N 37  
DA  "H4'"  H  N N 38  
DA  "H3'"  H  N N 39  
DA  "HO3'" H  N N 40  
DA  "H2'"  H  N N 41  
DA  "H2''" H  N N 42  
DA  "H1'"  H  N N 43  
DA  H8     H  N N 44  
DA  H61    H  N N 45  
DA  H62    H  N N 46  
DA  H2     H  N N 47  
DC  OP3    O  N N 48  
DC  P      P  N N 49  
DC  OP1    O  N N 50  
DC  OP2    O  N N 51  
DC  "O5'"  O  N N 52  
DC  "C5'"  C  N N 53  
DC  "C4'"  C  N R 54  
DC  "O4'"  O  N N 55  
DC  "C3'"  C  N S 56  
DC  "O3'"  O  N N 57  
DC  "C2'"  C  N N 58  
DC  "C1'"  C  N R 59  
DC  N1     N  N N 60  
DC  C2     C  N N 61  
DC  O2     O  N N 62  
DC  N3     N  N N 63  
DC  C4     C  N N 64  
DC  N4     N  N N 65  
DC  C5     C  N N 66  
DC  C6     C  N N 67  
DC  HOP3   H  N N 68  
DC  HOP2   H  N N 69  
DC  "H5'"  H  N N 70  
DC  "H5''" H  N N 71  
DC  "H4'"  H  N N 72  
DC  "H3'"  H  N N 73  
DC  "HO3'" H  N N 74  
DC  "H2'"  H  N N 75  
DC  "H2''" H  N N 76  
DC  "H1'"  H  N N 77  
DC  H41    H  N N 78  
DC  H42    H  N N 79  
DC  H5     H  N N 80  
DC  H6     H  N N 81  
DG  OP3    O  N N 82  
DG  P      P  N N 83  
DG  OP1    O  N N 84  
DG  OP2    O  N N 85  
DG  "O5'"  O  N N 86  
DG  "C5'"  C  N N 87  
DG  "C4'"  C  N R 88  
DG  "O4'"  O  N N 89  
DG  "C3'"  C  N S 90  
DG  "O3'"  O  N N 91  
DG  "C2'"  C  N N 92  
DG  "C1'"  C  N R 93  
DG  N9     N  Y N 94  
DG  C8     C  Y N 95  
DG  N7     N  Y N 96  
DG  C5     C  Y N 97  
DG  C6     C  N N 98  
DG  O6     O  N N 99  
DG  N1     N  N N 100 
DG  C2     C  N N 101 
DG  N2     N  N N 102 
DG  N3     N  N N 103 
DG  C4     C  Y N 104 
DG  HOP3   H  N N 105 
DG  HOP2   H  N N 106 
DG  "H5'"  H  N N 107 
DG  "H5''" H  N N 108 
DG  "H4'"  H  N N 109 
DG  "H3'"  H  N N 110 
DG  "HO3'" H  N N 111 
DG  "H2'"  H  N N 112 
DG  "H2''" H  N N 113 
DG  "H1'"  H  N N 114 
DG  H8     H  N N 115 
DG  H1     H  N N 116 
DG  H21    H  N N 117 
DG  H22    H  N N 118 
DT  OP3    O  N N 119 
DT  P      P  N N 120 
DT  OP1    O  N N 121 
DT  OP2    O  N N 122 
DT  "O5'"  O  N N 123 
DT  "C5'"  C  N N 124 
DT  "C4'"  C  N R 125 
DT  "O4'"  O  N N 126 
DT  "C3'"  C  N S 127 
DT  "O3'"  O  N N 128 
DT  "C2'"  C  N N 129 
DT  "C1'"  C  N R 130 
DT  N1     N  N N 131 
DT  C2     C  N N 132 
DT  O2     O  N N 133 
DT  N3     N  N N 134 
DT  C4     C  N N 135 
DT  O4     O  N N 136 
DT  C5     C  N N 137 
DT  C7     C  N N 138 
DT  C6     C  N N 139 
DT  HOP3   H  N N 140 
DT  HOP2   H  N N 141 
DT  "H5'"  H  N N 142 
DT  "H5''" H  N N 143 
DT  "H4'"  H  N N 144 
DT  "H3'"  H  N N 145 
DT  "HO3'" H  N N 146 
DT  "H2'"  H  N N 147 
DT  "H2''" H  N N 148 
DT  "H1'"  H  N N 149 
DT  H3     H  N N 150 
DT  H71    H  N N 151 
DT  H72    H  N N 152 
DT  H73    H  N N 153 
DT  H6     H  N N 154 
# 
loop_
_chem_comp_bond.comp_id 
_chem_comp_bond.atom_id_1 
_chem_comp_bond.atom_id_2 
_chem_comp_bond.value_order 
_chem_comp_bond.pdbx_aromatic_flag 
_chem_comp_bond.pdbx_stereo_config 
_chem_comp_bond.pdbx_ordinal 
CAC AS    O1     doub N N 1   
CAC AS    O2     sing N N 2   
CAC AS    C1     sing N N 3   
CAC AS    C2     sing N N 4   
CAC C1    H11    sing N N 5   
CAC C1    H12    sing N N 6   
CAC C1    H13    sing N N 7   
CAC C2    H21    sing N N 8   
CAC C2    H22    sing N N 9   
CAC C2    H23    sing N N 10  
DA  OP3   P      sing N N 11  
DA  OP3   HOP3   sing N N 12  
DA  P     OP1    doub N N 13  
DA  P     OP2    sing N N 14  
DA  P     "O5'"  sing N N 15  
DA  OP2   HOP2   sing N N 16  
DA  "O5'" "C5'"  sing N N 17  
DA  "C5'" "C4'"  sing N N 18  
DA  "C5'" "H5'"  sing N N 19  
DA  "C5'" "H5''" sing N N 20  
DA  "C4'" "O4'"  sing N N 21  
DA  "C4'" "C3'"  sing N N 22  
DA  "C4'" "H4'"  sing N N 23  
DA  "O4'" "C1'"  sing N N 24  
DA  "C3'" "O3'"  sing N N 25  
DA  "C3'" "C2'"  sing N N 26  
DA  "C3'" "H3'"  sing N N 27  
DA  "O3'" "HO3'" sing N N 28  
DA  "C2'" "C1'"  sing N N 29  
DA  "C2'" "H2'"  sing N N 30  
DA  "C2'" "H2''" sing N N 31  
DA  "C1'" N9     sing N N 32  
DA  "C1'" "H1'"  sing N N 33  
DA  N9    C8     sing Y N 34  
DA  N9    C4     sing Y N 35  
DA  C8    N7     doub Y N 36  
DA  C8    H8     sing N N 37  
DA  N7    C5     sing Y N 38  
DA  C5    C6     sing Y N 39  
DA  C5    C4     doub Y N 40  
DA  C6    N6     sing N N 41  
DA  C6    N1     doub Y N 42  
DA  N6    H61    sing N N 43  
DA  N6    H62    sing N N 44  
DA  N1    C2     sing Y N 45  
DA  C2    N3     doub Y N 46  
DA  C2    H2     sing N N 47  
DA  N3    C4     sing Y N 48  
DC  OP3   P      sing N N 49  
DC  OP3   HOP3   sing N N 50  
DC  P     OP1    doub N N 51  
DC  P     OP2    sing N N 52  
DC  P     "O5'"  sing N N 53  
DC  OP2   HOP2   sing N N 54  
DC  "O5'" "C5'"  sing N N 55  
DC  "C5'" "C4'"  sing N N 56  
DC  "C5'" "H5'"  sing N N 57  
DC  "C5'" "H5''" sing N N 58  
DC  "C4'" "O4'"  sing N N 59  
DC  "C4'" "C3'"  sing N N 60  
DC  "C4'" "H4'"  sing N N 61  
DC  "O4'" "C1'"  sing N N 62  
DC  "C3'" "O3'"  sing N N 63  
DC  "C3'" "C2'"  sing N N 64  
DC  "C3'" "H3'"  sing N N 65  
DC  "O3'" "HO3'" sing N N 66  
DC  "C2'" "C1'"  sing N N 67  
DC  "C2'" "H2'"  sing N N 68  
DC  "C2'" "H2''" sing N N 69  
DC  "C1'" N1     sing N N 70  
DC  "C1'" "H1'"  sing N N 71  
DC  N1    C2     sing N N 72  
DC  N1    C6     sing N N 73  
DC  C2    O2     doub N N 74  
DC  C2    N3     sing N N 75  
DC  N3    C4     doub N N 76  
DC  C4    N4     sing N N 77  
DC  C4    C5     sing N N 78  
DC  N4    H41    sing N N 79  
DC  N4    H42    sing N N 80  
DC  C5    C6     doub N N 81  
DC  C5    H5     sing N N 82  
DC  C6    H6     sing N N 83  
DG  OP3   P      sing N N 84  
DG  OP3   HOP3   sing N N 85  
DG  P     OP1    doub N N 86  
DG  P     OP2    sing N N 87  
DG  P     "O5'"  sing N N 88  
DG  OP2   HOP2   sing N N 89  
DG  "O5'" "C5'"  sing N N 90  
DG  "C5'" "C4'"  sing N N 91  
DG  "C5'" "H5'"  sing N N 92  
DG  "C5'" "H5''" sing N N 93  
DG  "C4'" "O4'"  sing N N 94  
DG  "C4'" "C3'"  sing N N 95  
DG  "C4'" "H4'"  sing N N 96  
DG  "O4'" "C1'"  sing N N 97  
DG  "C3'" "O3'"  sing N N 98  
DG  "C3'" "C2'"  sing N N 99  
DG  "C3'" "H3'"  sing N N 100 
DG  "O3'" "HO3'" sing N N 101 
DG  "C2'" "C1'"  sing N N 102 
DG  "C2'" "H2'"  sing N N 103 
DG  "C2'" "H2''" sing N N 104 
DG  "C1'" N9     sing N N 105 
DG  "C1'" "H1'"  sing N N 106 
DG  N9    C8     sing Y N 107 
DG  N9    C4     sing Y N 108 
DG  C8    N7     doub Y N 109 
DG  C8    H8     sing N N 110 
DG  N7    C5     sing Y N 111 
DG  C5    C6     sing N N 112 
DG  C5    C4     doub Y N 113 
DG  C6    O6     doub N N 114 
DG  C6    N1     sing N N 115 
DG  N1    C2     sing N N 116 
DG  N1    H1     sing N N 117 
DG  C2    N2     sing N N 118 
DG  C2    N3     doub N N 119 
DG  N2    H21    sing N N 120 
DG  N2    H22    sing N N 121 
DG  N3    C4     sing N N 122 
DT  OP3   P      sing N N 123 
DT  OP3   HOP3   sing N N 124 
DT  P     OP1    doub N N 125 
DT  P     OP2    sing N N 126 
DT  P     "O5'"  sing N N 127 
DT  OP2   HOP2   sing N N 128 
DT  "O5'" "C5'"  sing N N 129 
DT  "C5'" "C4'"  sing N N 130 
DT  "C5'" "H5'"  sing N N 131 
DT  "C5'" "H5''" sing N N 132 
DT  "C4'" "O4'"  sing N N 133 
DT  "C4'" "C3'"  sing N N 134 
DT  "C4'" "H4'"  sing N N 135 
DT  "O4'" "C1'"  sing N N 136 
DT  "C3'" "O3'"  sing N N 137 
DT  "C3'" "C2'"  sing N N 138 
DT  "C3'" "H3'"  sing N N 139 
DT  "O3'" "HO3'" sing N N 140 
DT  "C2'" "C1'"  sing N N 141 
DT  "C2'" "H2'"  sing N N 142 
DT  "C2'" "H2''" sing N N 143 
DT  "C1'" N1     sing N N 144 
DT  "C1'" "H1'"  sing N N 145 
DT  N1    C2     sing N N 146 
DT  N1    C6     sing N N 147 
DT  C2    O2     doub N N 148 
DT  C2    N3     sing N N 149 
DT  N3    C4     sing N N 150 
DT  N3    H3     sing N N 151 
DT  C4    O4     doub N N 152 
DT  C4    C5     sing N N 153 
DT  C5    C7     sing N N 154 
DT  C5    C6     doub N N 155 
DT  C7    H71    sing N N 156 
DT  C7    H72    sing N N 157 
DT  C7    H73    sing N N 158 
DT  C6    H6     sing N N 159 
# 
loop_
_ndb_struct_conf_na.entry_id 
_ndb_struct_conf_na.feature 
6WR5 'double helix'        
6WR5 'a-form double helix' 
6WR5 'b-form double helix' 
# 
loop_
_ndb_struct_na_base_pair.model_number 
_ndb_struct_na_base_pair.i_label_asym_id 
_ndb_struct_na_base_pair.i_label_comp_id 
_ndb_struct_na_base_pair.i_label_seq_id 
_ndb_struct_na_base_pair.i_symmetry 
_ndb_struct_na_base_pair.j_label_asym_id 
_ndb_struct_na_base_pair.j_label_comp_id 
_ndb_struct_na_base_pair.j_label_seq_id 
_ndb_struct_na_base_pair.j_symmetry 
_ndb_struct_na_base_pair.shear 
_ndb_struct_na_base_pair.stretch 
_ndb_struct_na_base_pair.stagger 
_ndb_struct_na_base_pair.buckle 
_ndb_struct_na_base_pair.propeller 
_ndb_struct_na_base_pair.opening 
_ndb_struct_na_base_pair.pair_number 
_ndb_struct_na_base_pair.pair_name 
_ndb_struct_na_base_pair.i_auth_asym_id 
_ndb_struct_na_base_pair.i_auth_seq_id 
_ndb_struct_na_base_pair.i_PDB_ins_code 
_ndb_struct_na_base_pair.j_auth_asym_id 
_ndb_struct_na_base_pair.j_auth_seq_id 
_ndb_struct_na_base_pair.j_PDB_ins_code 
_ndb_struct_na_base_pair.hbond_type_28 
_ndb_struct_na_base_pair.hbond_type_12 
1 A DG 3  1_555 D DC 7 1_555 -0.162 -0.168 0.561  0.479  -8.906  -2.460  1  A_DG3:DC16_D A 3  ? D 16 ? 19 1 
1 A DC 4  1_555 D DG 6 1_555 -0.245 0.573  0.240  -4.182 -7.781  -5.344  2  A_DC4:DG15_D A 4  ? D 15 ? 19 1 
1 A DA 5  1_555 D DT 5 1_555 1.655  0.573  0.029  -4.062 -6.702  -18.653 3  A_DA5:DT14_D A 5  ? D 14 ? 20 1 
1 A DG 6  1_555 D DC 4 1_555 -0.202 -0.086 0.133  -3.520 -5.265  -3.158  4  A_DG6:DC13_D A 6  ? D 13 ? 19 1 
1 A DA 7  1_555 D DT 3 1_555 0.108  -0.059 -0.104 -1.222 -3.476  -4.894  5  A_DA7:DT12_D A 7  ? D 12 ? 20 1 
1 A DC 8  1_555 D DG 2 1_555 0.195  -0.137 -0.174 3.167  -3.684  0.850   6  A_DC8:DG11_D A 8  ? D 11 ? 19 1 
1 A DA 9  1_555 D DT 1 1_555 0.076  -0.078 -0.223 -6.575 -3.421  -1.121  7  A_DA9:DT10_D A 9  ? D 10 ? 20 1 
1 A DT 10 1_555 B DA 5 1_555 -0.091 -0.174 -0.093 -2.164 -1.258  2.244   8  A_DT10:DA5_B A 10 ? B 5  ? 20 1 
1 A DG 11 1_555 B DC 4 1_555 -0.236 -0.115 -0.177 0.127  -3.549  1.292   9  A_DG11:DC4_B A 11 ? B 4  ? 19 1 
1 A DA 12 1_555 B DT 3 1_555 0.163  -0.065 -0.030 -0.997 -5.407  -3.741  10 A_DA12:DT3_B A 12 ? B 3  ? 20 1 
1 A DC 13 1_555 B DG 2 1_555 0.103  -0.170 0.522  -2.581 -9.406  -2.953  11 A_DC13:DG2_B A 13 ? B 2  ? 19 1 
1 A DG 14 1_555 B DA 1 1_555 0.648  1.390  0.678  -0.150 -3.451  -3.474  12 A_DG14:DA1_B A 14 ? B 1  ? 8  1 
1 A DA 15 1_555 C DC 9 1_555 -0.782 -0.185 0.429  3.544  -6.703  1.567   13 A_DA15:DC9_C A 15 ? C 9  ? ?  1 
1 A DC 16 1_555 C DG 8 1_555 0.196  -0.191 0.483  3.559  -9.571  0.200   14 A_DC16:DG8_C A 16 ? C 8  ? 19 1 
1 A DA 17 1_555 C DT 7 1_555 0.066  -0.128 -0.193 -6.139 -5.822  -0.584  15 A_DA17:DT7_C A 17 ? C 7  ? 20 1 
1 A DC 18 1_555 C DG 6 1_555 0.182  -0.106 -0.005 -4.093 -6.467  0.177   16 A_DC18:DG6_C A 18 ? C 6  ? 19 1 
1 A DT 19 1_555 C DA 5 1_555 -0.177 -0.081 -0.024 0.387  -4.729  -2.779  17 A_DT19:DA5_C A 19 ? C 5  ? 20 1 
1 A DC 20 1_555 C DG 4 1_555 0.196  -0.148 0.296  3.494  -3.065  -0.080  18 A_DC20:DG4_C A 20 ? C 4  ? 19 1 
1 A DA 21 1_555 C DT 3 1_555 0.032  -0.128 -0.205 -2.256 -10.293 2.267   19 A_DA21:DT3_C A 21 ? C 3  ? 20 1 
# 
loop_
_ndb_struct_na_base_pair_step.model_number 
_ndb_struct_na_base_pair_step.i_label_asym_id_1 
_ndb_struct_na_base_pair_step.i_label_comp_id_1 
_ndb_struct_na_base_pair_step.i_label_seq_id_1 
_ndb_struct_na_base_pair_step.i_symmetry_1 
_ndb_struct_na_base_pair_step.j_label_asym_id_1 
_ndb_struct_na_base_pair_step.j_label_comp_id_1 
_ndb_struct_na_base_pair_step.j_label_seq_id_1 
_ndb_struct_na_base_pair_step.j_symmetry_1 
_ndb_struct_na_base_pair_step.i_label_asym_id_2 
_ndb_struct_na_base_pair_step.i_label_comp_id_2 
_ndb_struct_na_base_pair_step.i_label_seq_id_2 
_ndb_struct_na_base_pair_step.i_symmetry_2 
_ndb_struct_na_base_pair_step.j_label_asym_id_2 
_ndb_struct_na_base_pair_step.j_label_comp_id_2 
_ndb_struct_na_base_pair_step.j_label_seq_id_2 
_ndb_struct_na_base_pair_step.j_symmetry_2 
_ndb_struct_na_base_pair_step.shift 
_ndb_struct_na_base_pair_step.slide 
_ndb_struct_na_base_pair_step.rise 
_ndb_struct_na_base_pair_step.tilt 
_ndb_struct_na_base_pair_step.roll 
_ndb_struct_na_base_pair_step.twist 
_ndb_struct_na_base_pair_step.x_displacement 
_ndb_struct_na_base_pair_step.y_displacement 
_ndb_struct_na_base_pair_step.helical_rise 
_ndb_struct_na_base_pair_step.inclination 
_ndb_struct_na_base_pair_step.tip 
_ndb_struct_na_base_pair_step.helical_twist 
_ndb_struct_na_base_pair_step.step_number 
_ndb_struct_na_base_pair_step.step_name 
_ndb_struct_na_base_pair_step.i_auth_asym_id_1 
_ndb_struct_na_base_pair_step.i_auth_seq_id_1 
_ndb_struct_na_base_pair_step.i_PDB_ins_code_1 
_ndb_struct_na_base_pair_step.j_auth_asym_id_1 
_ndb_struct_na_base_pair_step.j_auth_seq_id_1 
_ndb_struct_na_base_pair_step.j_PDB_ins_code_1 
_ndb_struct_na_base_pair_step.i_auth_asym_id_2 
_ndb_struct_na_base_pair_step.i_auth_seq_id_2 
_ndb_struct_na_base_pair_step.i_PDB_ins_code_2 
_ndb_struct_na_base_pair_step.j_auth_asym_id_2 
_ndb_struct_na_base_pair_step.j_auth_seq_id_2 
_ndb_struct_na_base_pair_step.j_PDB_ins_code_2 
1 A DG 3  1_555 D DC 7 1_555 A DC 4  1_555 D DG 6 1_555 -0.927 -1.261 3.289 1.164  -1.724 33.378 -1.905 1.805  3.315 -2.998 -2.024 
33.441 1  AA_DG3DC4:DG15DC16_DD A 3  ? D 16 ? A 4  ? D 15 ? 
1 A DC 4  1_555 D DG 6 1_555 A DA 5  1_555 D DT 5 1_555 -0.612 0.564  3.471 -2.259 1.054  42.499 0.663  0.599  3.510 1.453  3.113  
42.568 2  AA_DC4DA5:DT14DG15_DD A 4  ? D 15 ? A 5  ? D 14 ? 
1 A DA 5  1_555 D DT 5 1_555 A DG 6  1_555 D DC 4 1_555 0.550  -0.404 3.148 -2.619 3.086  23.127 -1.978 -2.189 2.989 7.622  6.468  
23.473 3  AA_DA5DG6:DC13DT14_DD A 5  ? D 14 ? A 6  ? D 13 ? 
1 A DG 6  1_555 D DC 4 1_555 A DA 7  1_555 D DT 3 1_555 -0.247 -0.964 3.175 -0.409 1.812  36.213 -1.793 0.342  3.128 2.912  0.658  
36.259 4  AA_DG6DA7:DT12DC13_DD A 6  ? D 13 ? A 7  ? D 12 ? 
1 A DA 7  1_555 D DT 3 1_555 A DC 8  1_555 D DG 2 1_555 -0.026 -0.873 3.207 -2.812 0.480  35.223 -1.507 -0.363 3.188 0.792  4.638  
35.334 5  AA_DA7DC8:DG11DT12_DD A 7  ? D 12 ? A 8  ? D 11 ? 
1 A DC 8  1_555 D DG 2 1_555 A DA 9  1_555 D DT 1 1_555 -0.599 -1.201 3.533 -4.904 3.587  33.059 -2.708 0.175  3.438 6.238  8.528  
33.598 6  AA_DC8DA9:DT10DG11_DD A 8  ? D 11 ? A 9  ? D 10 ? 
1 A DA 9  1_555 D DT 1 1_555 A DT 10 1_555 B DA 5 1_555 -0.790 -1.289 3.234 -0.508 3.674  26.935 -3.632 1.558  3.049 7.840  1.085  
27.184 7  AA_DA9DT10:DA5DT10_BD A 9  ? D 10 ? A 10 ? B 5  ? 
1 A DT 10 1_555 B DA 5 1_555 A DG 11 1_555 B DC 4 1_555 -0.702 0.790  3.359 -2.503 4.605  30.172 0.538  0.808  3.484 8.764  4.764  
30.614 8  AA_DT10DG11:DC4DA5_BB A 10 ? B 5  ? A 11 ? B 4  ? 
1 A DG 11 1_555 B DC 4 1_555 A DA 12 1_555 B DT 3 1_555 0.333  -0.697 3.187 -1.626 1.764  36.820 -1.332 -0.739 3.135 2.789  2.570  
36.895 9  AA_DG11DA12:DT3DC4_BB A 11 ? B 4  ? A 12 ? B 3  ? 
1 A DA 12 1_555 B DT 3 1_555 A DC 13 1_555 B DG 2 1_555 0.814  -0.967 3.297 -5.745 -0.629 32.490 -1.597 -2.400 3.128 -1.114 10.168 
32.986 10 AA_DA12DC13:DG2DT3_BB A 12 ? B 3  ? A 13 ? B 2  ? 
1 A DC 13 1_555 B DG 2 1_555 A DG 14 1_555 B DA 1 1_555 -0.468 -1.415 3.086 -1.271 -0.956 39.444 -1.988 0.551  3.132 -1.416 1.882  
39.475 11 AA_DC13DG14:DA1DG2_BB A 13 ? B 2  ? A 14 ? B 1  ? 
1 A DG 14 1_555 B DA 1 1_555 A DA 15 1_555 C DC 9 1_555 -0.601 -1.651 2.959 1.161  -0.882 20.944 -4.192 2.097  2.988 -2.424 -3.189 
20.994 12 AA_DG14DA15:DC9DA1_CB A 14 ? B 1  ? A 15 ? C 9  ? 
1 A DA 15 1_555 C DC 9 1_555 A DC 16 1_555 C DG 8 1_555 -0.703 0.716  3.447 0.487  2.269  35.840 0.818  1.214  3.475 3.683  -0.791 
35.913 13 AA_DA15DC16:DG8DC9_CC A 15 ? C 9  ? A 16 ? C 8  ? 
1 A DC 16 1_555 C DG 8 1_555 A DA 17 1_555 C DT 7 1_555 0.356  1.926  3.646 5.126  -5.374 46.065 2.923  0.018  3.432 -6.815 -6.500 
46.628 14 AA_DC16DA17:DT7DG8_CC A 16 ? C 8  ? A 17 ? C 7  ? 
1 A DA 17 1_555 C DT 7 1_555 A DC 18 1_555 C DG 6 1_555 0.255  -0.674 3.313 -3.887 1.488  28.262 -1.706 -1.403 3.211 3.026  7.907  
28.561 15 AA_DA17DC18:DG6DT7_CC A 17 ? C 7  ? A 18 ? C 6  ? 
1 A DC 18 1_555 C DG 6 1_555 A DT 19 1_555 C DA 5 1_555 -0.250 -0.589 3.222 2.392  2.796  38.768 -1.214 0.658  3.153 4.201  -3.594 
38.936 16 AA_DC18DT19:DA5DG6_CC A 18 ? C 6  ? A 19 ? C 5  ? 
1 A DT 19 1_555 C DA 5 1_555 A DC 20 1_555 C DG 4 1_555 0.855  0.715  3.401 2.746  2.750  32.752 0.765  -1.012 3.506 4.855  -4.848 
32.976 17 AA_DT19DC20:DG4DA5_CC A 19 ? C 5  ? A 20 ? C 4  ? 
1 A DC 20 1_555 C DG 4 1_555 A DA 21 1_555 C DT 3 1_555 -0.044 1.483  3.506 0.771  -2.816 40.324 2.480  0.156  3.398 -4.079 -1.117 
40.425 18 AA_DC20DA21:DT3DG4_CC A 20 ? C 4  ? A 21 ? C 3  ? 
# 
loop_
_pdbx_audit_support.funding_organization 
_pdbx_audit_support.country 
_pdbx_audit_support.grant_number 
_pdbx_audit_support.ordinal 
'National Science Foundation (NSF, United States)'                                         'United States' 1360635     1 
'National Institutes of Health/National Institute of General Medical Sciences (NIH/NIGMS)' 'United States' R01GM104960 2 
# 
_pdbx_entity_nonpoly.entity_id   5 
_pdbx_entity_nonpoly.name        'CACODYLATE ION' 
_pdbx_entity_nonpoly.comp_id     CAC 
# 
_pdbx_initial_refinement_model.id               1 
_pdbx_initial_refinement_model.entity_id_list   ? 
_pdbx_initial_refinement_model.type             'experimental model' 
_pdbx_initial_refinement_model.source_name      PDB 
_pdbx_initial_refinement_model.accession_code   5KEK 
_pdbx_initial_refinement_model.details          ? 
# 
_pdbx_struct_assembly_auth_evidence.id                     1 
_pdbx_struct_assembly_auth_evidence.assembly_id            1 
_pdbx_struct_assembly_auth_evidence.experimental_support   none 
_pdbx_struct_assembly_auth_evidence.details                ? 
# 
